data_4C18
# 
_entry.id   4C18 
# 
_audit_conform.dict_name       mmcif_pdbx.dic 
_audit_conform.dict_version    5.397 
_audit_conform.dict_location   http://mmcif.pdb.org/dictionaries/ascii/mmcif_pdbx.dic 
# 
loop_
_database_2.database_id 
_database_2.database_code 
_database_2.pdbx_database_accession 
_database_2.pdbx_DOI 
PDB   4C18         pdb_00004c18 10.2210/pdb4c18/pdb 
PDBE  EBI-57971    ?            ?                   
WWPDB D_1290057971 ?            ?                   
# 
loop_
_pdbx_audit_revision_history.ordinal 
_pdbx_audit_revision_history.data_content_type 
_pdbx_audit_revision_history.major_revision 
_pdbx_audit_revision_history.minor_revision 
_pdbx_audit_revision_history.revision_date 
1 'Structure model' 1 0 2014-08-27 
2 'Structure model' 1 1 2023-12-20 
3 'Structure model' 1 2 2024-10-23 
# 
_pdbx_audit_revision_details.ordinal             1 
_pdbx_audit_revision_details.revision_ordinal    1 
_pdbx_audit_revision_details.data_content_type   'Structure model' 
_pdbx_audit_revision_details.provider            repository 
_pdbx_audit_revision_details.type                'Initial release' 
_pdbx_audit_revision_details.description         ? 
_pdbx_audit_revision_details.details             ? 
# 
loop_
_pdbx_audit_revision_group.ordinal 
_pdbx_audit_revision_group.revision_ordinal 
_pdbx_audit_revision_group.data_content_type 
_pdbx_audit_revision_group.group 
1 2 'Structure model' 'Data collection'        
2 2 'Structure model' 'Database references'    
3 2 'Structure model' Other                    
4 2 'Structure model' 'Refinement description' 
5 3 'Structure model' 'Structure summary'      
# 
loop_
_pdbx_audit_revision_category.ordinal 
_pdbx_audit_revision_category.revision_ordinal 
_pdbx_audit_revision_category.data_content_type 
_pdbx_audit_revision_category.category 
1 2 'Structure model' chem_comp_atom                
2 2 'Structure model' chem_comp_bond                
3 2 'Structure model' database_2                    
4 2 'Structure model' pdbx_database_status          
5 2 'Structure model' pdbx_initial_refinement_model 
6 3 'Structure model' pdbx_entry_details            
7 3 'Structure model' pdbx_modification_feature     
# 
loop_
_pdbx_audit_revision_item.ordinal 
_pdbx_audit_revision_item.revision_ordinal 
_pdbx_audit_revision_item.data_content_type 
_pdbx_audit_revision_item.item 
1 2 'Structure model' '_database_2.pdbx_DOI'                 
2 2 'Structure model' '_database_2.pdbx_database_accession'  
3 2 'Structure model' '_pdbx_database_status.status_code_sf' 
# 
_pdbx_database_status.status_code                     REL 
_pdbx_database_status.entry_id                        4C18 
_pdbx_database_status.deposit_site                    PDBE 
_pdbx_database_status.process_site                    PDBE 
_pdbx_database_status.SG_entry                        . 
_pdbx_database_status.recvd_initial_deposition_date   2013-08-10 
_pdbx_database_status.pdb_format_compatible           Y 
_pdbx_database_status.status_code_sf                  REL 
_pdbx_database_status.status_code_mr                  ? 
_pdbx_database_status.status_code_cs                  ? 
_pdbx_database_status.methods_development_category    ? 
_pdbx_database_status.status_code_nmr_data            ? 
# 
_pdbx_database_related.db_name        PDB 
_pdbx_database_related.db_id          4C15 
_pdbx_database_related.content_type   unspecified 
_pdbx_database_related.details        'THE COMPLEX OF TSE2 AND TSI2 FROM PSEUDOMONAS AERUGINOSA' 
# 
loop_
_audit_author.name 
_audit_author.pdbx_ordinal 
'Robb, C.S.'     1 
'Nano, F.E.'     2 
'Boraston, A.B.' 3 
# 
_citation.id                        primary 
_citation.title                     'The Structure of Tse2 in Complex with Tsi2' 
_citation.journal_abbrev            'To be Published' 
_citation.journal_volume            ? 
_citation.page_first                ? 
_citation.page_last                 ? 
_citation.year                      ? 
_citation.journal_id_ASTM           ? 
_citation.country                   ? 
_citation.journal_id_ISSN           ? 
_citation.journal_id_CSD            0353 
_citation.book_publisher            ? 
_citation.pdbx_database_id_PubMed   ? 
_citation.pdbx_database_id_DOI      ? 
# 
loop_
_citation_author.citation_id 
_citation_author.name 
_citation_author.ordinal 
_citation_author.identifier_ORCID 
primary 'Robb, C.S.'     1 ? 
primary 'Cid, M.'        2 ? 
primary 'Nano, F.E.'     3 ? 
primary 'Boraston, A.B.' 4 ? 
# 
loop_
_entity.id 
_entity.type 
_entity.src_method 
_entity.pdbx_description 
_entity.formula_weight 
_entity.pdbx_number_of_molecules 
_entity.pdbx_ec 
_entity.pdbx_mutation 
_entity.pdbx_fragment 
_entity.details 
1 polymer man TSI2  10827.030 2  ? ? ? ? 
2 water   nat water 18.015    88 ? ? ? ? 
# 
_entity_poly.entity_id                      1 
_entity_poly.type                           'polypeptide(L)' 
_entity_poly.nstd_linkage                   no 
_entity_poly.nstd_monomer                   no 
_entity_poly.pdbx_seq_one_letter_code       
;MGSSHHHHHHSSGLVPRGSHMMNLKPQTLMVAIQCVAARTRELDAQLQNDDPQNAAELEQLLVGYDLAADDLKNAYEQAL
GQYSGLPPYDRLIEEPAS
;
_entity_poly.pdbx_seq_one_letter_code_can   
;MGSSHHHHHHSSGLVPRGSHMMNLKPQTLMVAIQCVAARTRELDAQLQNDDPQNAAELEQLLVGYDLAADDLKNAYEQAL
GQYSGLPPYDRLIEEPAS
;
_entity_poly.pdbx_strand_id                 A,B 
_entity_poly.pdbx_target_identifier         ? 
# 
_pdbx_entity_nonpoly.entity_id   2 
_pdbx_entity_nonpoly.name        water 
_pdbx_entity_nonpoly.comp_id     HOH 
# 
loop_
_entity_poly_seq.entity_id 
_entity_poly_seq.num 
_entity_poly_seq.mon_id 
_entity_poly_seq.hetero 
1 1  MET n 
1 2  GLY n 
1 3  SER n 
1 4  SER n 
1 5  HIS n 
1 6  HIS n 
1 7  HIS n 
1 8  HIS n 
1 9  HIS n 
1 10 HIS n 
1 11 SER n 
1 12 SER n 
1 13 GLY n 
1 14 LEU n 
1 15 VAL n 
1 16 PRO n 
1 17 ARG n 
1 18 GLY n 
1 19 SER n 
1 20 HIS n 
1 21 MET n 
1 22 MET n 
1 23 ASN n 
1 24 LEU n 
1 25 LYS n 
1 26 PRO n 
1 27 GLN n 
1 28 THR n 
1 29 LEU n 
1 30 MET n 
1 31 VAL n 
1 32 ALA n 
1 33 ILE n 
1 34 GLN n 
1 35 CYS n 
1 36 VAL n 
1 37 ALA n 
1 38 ALA n 
1 39 ARG n 
1 40 THR n 
1 41 ARG n 
1 42 GLU n 
1 43 LEU n 
1 44 ASP n 
1 45 ALA n 
1 46 GLN n 
1 47 LEU n 
1 48 GLN n 
1 49 ASN n 
1 50 ASP n 
1 51 ASP n 
1 52 PRO n 
1 53 GLN n 
1 54 ASN n 
1 55 ALA n 
1 56 ALA n 
1 57 GLU n 
1 58 LEU n 
1 59 GLU n 
1 60 GLN n 
1 61 LEU n 
1 62 LEU n 
1 63 VAL n 
1 64 GLY n 
1 65 TYR n 
1 66 ASP n 
1 67 LEU n 
1 68 ALA n 
1 69 ALA n 
1 70 ASP n 
1 71 ASP n 
1 72 LEU n 
1 73 LYS n 
1 74 ASN n 
1 75 ALA n 
1 76 TYR n 
1 77 GLU n 
1 78 GLN n 
1 79 ALA n 
1 80 LEU n 
1 81 GLY n 
1 82 GLN n 
1 83 TYR n 
1 84 SER n 
1 85 GLY n 
1 86 LEU n 
1 87 PRO n 
1 88 PRO n 
1 89 TYR n 
1 90 ASP n 
1 91 ARG n 
1 92 LEU n 
1 93 ILE n 
1 94 GLU n 
1 95 GLU n 
1 96 PRO n 
1 97 ALA n 
1 98 SER n 
# 
_entity_src_gen.entity_id                          1 
_entity_src_gen.pdbx_src_id                        1 
_entity_src_gen.pdbx_alt_source_flag               sample 
_entity_src_gen.pdbx_seq_type                      ? 
_entity_src_gen.pdbx_beg_seq_num                   ? 
_entity_src_gen.pdbx_end_seq_num                   ? 
_entity_src_gen.gene_src_common_name               ? 
_entity_src_gen.gene_src_genus                     ? 
_entity_src_gen.pdbx_gene_src_gene                 ? 
_entity_src_gen.gene_src_species                   ? 
_entity_src_gen.gene_src_strain                    ? 
_entity_src_gen.gene_src_tissue                    ? 
_entity_src_gen.gene_src_tissue_fraction           ? 
_entity_src_gen.gene_src_details                   ? 
_entity_src_gen.pdbx_gene_src_fragment             ? 
_entity_src_gen.pdbx_gene_src_scientific_name      'PSEUDOMONAS AERUGINOSA' 
_entity_src_gen.pdbx_gene_src_ncbi_taxonomy_id     287 
_entity_src_gen.pdbx_gene_src_variant              ? 
_entity_src_gen.pdbx_gene_src_cell_line            ? 
_entity_src_gen.pdbx_gene_src_atcc                 ? 
_entity_src_gen.pdbx_gene_src_organ                ? 
_entity_src_gen.pdbx_gene_src_organelle            ? 
_entity_src_gen.pdbx_gene_src_cell                 ? 
_entity_src_gen.pdbx_gene_src_cellular_location    ? 
_entity_src_gen.host_org_common_name               ? 
_entity_src_gen.pdbx_host_org_scientific_name      'ESCHERICHIA COLI' 
_entity_src_gen.pdbx_host_org_ncbi_taxonomy_id     469008 
_entity_src_gen.host_org_genus                     ? 
_entity_src_gen.pdbx_host_org_gene                 ? 
_entity_src_gen.pdbx_host_org_organ                ? 
_entity_src_gen.host_org_species                   ? 
_entity_src_gen.pdbx_host_org_tissue               ? 
_entity_src_gen.pdbx_host_org_tissue_fraction      ? 
_entity_src_gen.pdbx_host_org_strain               'BL21(DE3)' 
_entity_src_gen.pdbx_host_org_variant              ? 
_entity_src_gen.pdbx_host_org_cell_line            ? 
_entity_src_gen.pdbx_host_org_atcc                 ? 
_entity_src_gen.pdbx_host_org_culture_collection   ? 
_entity_src_gen.pdbx_host_org_cell                 ? 
_entity_src_gen.pdbx_host_org_organelle            ? 
_entity_src_gen.pdbx_host_org_cellular_location    ? 
_entity_src_gen.pdbx_host_org_vector_type          PLASMID 
_entity_src_gen.pdbx_host_org_vector               PET28A 
_entity_src_gen.host_org_details                   ? 
_entity_src_gen.expression_system_id               ? 
_entity_src_gen.plasmid_name                       ? 
_entity_src_gen.plasmid_details                    ? 
_entity_src_gen.pdbx_description                   ? 
# 
loop_
_chem_comp.id 
_chem_comp.type 
_chem_comp.mon_nstd_flag 
_chem_comp.name 
_chem_comp.pdbx_synonyms 
_chem_comp.formula 
_chem_comp.formula_weight 
ALA 'L-peptide linking' y ALANINE         ? 'C3 H7 N O2'     89.093  
ARG 'L-peptide linking' y ARGININE        ? 'C6 H15 N4 O2 1' 175.209 
ASN 'L-peptide linking' y ASPARAGINE      ? 'C4 H8 N2 O3'    132.118 
ASP 'L-peptide linking' y 'ASPARTIC ACID' ? 'C4 H7 N O4'     133.103 
CYS 'L-peptide linking' y CYSTEINE        ? 'C3 H7 N O2 S'   121.158 
GLN 'L-peptide linking' y GLUTAMINE       ? 'C5 H10 N2 O3'   146.144 
GLU 'L-peptide linking' y 'GLUTAMIC ACID' ? 'C5 H9 N O4'     147.129 
GLY 'peptide linking'   y GLYCINE         ? 'C2 H5 N O2'     75.067  
HIS 'L-peptide linking' y HISTIDINE       ? 'C6 H10 N3 O2 1' 156.162 
HOH non-polymer         . WATER           ? 'H2 O'           18.015  
ILE 'L-peptide linking' y ISOLEUCINE      ? 'C6 H13 N O2'    131.173 
LEU 'L-peptide linking' y LEUCINE         ? 'C6 H13 N O2'    131.173 
LYS 'L-peptide linking' y LYSINE          ? 'C6 H15 N2 O2 1' 147.195 
MET 'L-peptide linking' y METHIONINE      ? 'C5 H11 N O2 S'  149.211 
PRO 'L-peptide linking' y PROLINE         ? 'C5 H9 N O2'     115.130 
SER 'L-peptide linking' y SERINE          ? 'C3 H7 N O3'     105.093 
THR 'L-peptide linking' y THREONINE       ? 'C4 H9 N O3'     119.119 
TYR 'L-peptide linking' y TYROSINE        ? 'C9 H11 N O3'    181.189 
VAL 'L-peptide linking' y VALINE          ? 'C5 H11 N O2'    117.146 
# 
loop_
_pdbx_poly_seq_scheme.asym_id 
_pdbx_poly_seq_scheme.entity_id 
_pdbx_poly_seq_scheme.seq_id 
_pdbx_poly_seq_scheme.mon_id 
_pdbx_poly_seq_scheme.ndb_seq_num 
_pdbx_poly_seq_scheme.pdb_seq_num 
_pdbx_poly_seq_scheme.auth_seq_num 
_pdbx_poly_seq_scheme.pdb_mon_id 
_pdbx_poly_seq_scheme.auth_mon_id 
_pdbx_poly_seq_scheme.pdb_strand_id 
_pdbx_poly_seq_scheme.pdb_ins_code 
_pdbx_poly_seq_scheme.hetero 
A 1 1  MET 1  -20 ?  ?   ?   A . n 
A 1 2  GLY 2  -19 ?  ?   ?   A . n 
A 1 3  SER 3  -18 ?  ?   ?   A . n 
A 1 4  SER 4  -17 ?  ?   ?   A . n 
A 1 5  HIS 5  -16 ?  ?   ?   A . n 
A 1 6  HIS 6  -15 ?  ?   ?   A . n 
A 1 7  HIS 7  -14 ?  ?   ?   A . n 
A 1 8  HIS 8  -13 ?  ?   ?   A . n 
A 1 9  HIS 9  -12 ?  ?   ?   A . n 
A 1 10 HIS 10 -11 ?  ?   ?   A . n 
A 1 11 SER 11 -10 ?  ?   ?   A . n 
A 1 12 SER 12 -9  ?  ?   ?   A . n 
A 1 13 GLY 13 -8  ?  ?   ?   A . n 
A 1 14 LEU 14 -7  ?  ?   ?   A . n 
A 1 15 VAL 15 -6  ?  ?   ?   A . n 
A 1 16 PRO 16 -5  ?  ?   ?   A . n 
A 1 17 ARG 17 -4  ?  ?   ?   A . n 
A 1 18 GLY 18 -3  ?  ?   ?   A . n 
A 1 19 SER 19 -2  ?  ?   ?   A . n 
A 1 20 HIS 20 -1  ?  ?   ?   A . n 
A 1 21 MET 21 0   0  MET MET A . n 
A 1 22 MET 22 1   1  MET MET A . n 
A 1 23 ASN 23 2   2  ASN ASN A . n 
A 1 24 LEU 24 3   3  LEU LEU A . n 
A 1 25 LYS 25 4   4  LYS LYS A . n 
A 1 26 PRO 26 5   5  PRO PRO A . n 
A 1 27 GLN 27 6   6  GLN GLN A . n 
A 1 28 THR 28 7   7  THR THR A . n 
A 1 29 LEU 29 8   8  LEU LEU A . n 
A 1 30 MET 30 9   9  MET MET A . n 
A 1 31 VAL 31 10  10 VAL VAL A . n 
A 1 32 ALA 32 11  11 ALA ALA A . n 
A 1 33 ILE 33 12  12 ILE ILE A . n 
A 1 34 GLN 34 13  13 GLN GLN A . n 
A 1 35 CYS 35 14  14 CYS CYS A . n 
A 1 36 VAL 36 15  15 VAL VAL A . n 
A 1 37 ALA 37 16  16 ALA ALA A . n 
A 1 38 ALA 38 17  17 ALA ALA A . n 
A 1 39 ARG 39 18  18 ARG ARG A . n 
A 1 40 THR 40 19  19 THR THR A . n 
A 1 41 ARG 41 20  20 ARG ARG A . n 
A 1 42 GLU 42 21  21 GLU GLU A . n 
A 1 43 LEU 43 22  22 LEU LEU A . n 
A 1 44 ASP 44 23  23 ASP ASP A . n 
A 1 45 ALA 45 24  24 ALA ALA A . n 
A 1 46 GLN 46 25  25 GLN GLN A . n 
A 1 47 LEU 47 26  26 LEU LEU A . n 
A 1 48 GLN 48 27  27 GLN GLN A . n 
A 1 49 ASN 49 28  28 ASN ASN A . n 
A 1 50 ASP 50 29  29 ASP ASP A . n 
A 1 51 ASP 51 30  30 ASP ASP A . n 
A 1 52 PRO 52 31  31 PRO PRO A . n 
A 1 53 GLN 53 32  32 GLN GLN A . n 
A 1 54 ASN 54 33  33 ASN ASN A . n 
A 1 55 ALA 55 34  34 ALA ALA A . n 
A 1 56 ALA 56 35  35 ALA ALA A . n 
A 1 57 GLU 57 36  36 GLU GLU A . n 
A 1 58 LEU 58 37  37 LEU LEU A . n 
A 1 59 GLU 59 38  38 GLU GLU A . n 
A 1 60 GLN 60 39  39 GLN GLN A . n 
A 1 61 LEU 61 40  40 LEU LEU A . n 
A 1 62 LEU 62 41  41 LEU LEU A . n 
A 1 63 VAL 63 42  42 VAL VAL A . n 
A 1 64 GLY 64 43  43 GLY GLY A . n 
A 1 65 TYR 65 44  44 TYR TYR A . n 
A 1 66 ASP 66 45  45 ASP ASP A . n 
A 1 67 LEU 67 46  46 LEU LEU A . n 
A 1 68 ALA 68 47  47 ALA ALA A . n 
A 1 69 ALA 69 48  48 ALA ALA A . n 
A 1 70 ASP 70 49  49 ASP ASP A . n 
A 1 71 ASP 71 50  50 ASP ASP A . n 
A 1 72 LEU 72 51  51 LEU LEU A . n 
A 1 73 LYS 73 52  52 LYS LYS A . n 
A 1 74 ASN 74 53  53 ASN ASN A . n 
A 1 75 ALA 75 54  54 ALA ALA A . n 
A 1 76 TYR 76 55  55 TYR TYR A . n 
A 1 77 GLU 77 56  56 GLU GLU A . n 
A 1 78 GLN 78 57  57 GLN GLN A . n 
A 1 79 ALA 79 58  58 ALA ALA A . n 
A 1 80 LEU 80 59  59 LEU LEU A . n 
A 1 81 GLY 81 60  60 GLY GLY A . n 
A 1 82 GLN 82 61  61 GLN GLN A . n 
A 1 83 TYR 83 62  62 TYR TYR A . n 
A 1 84 SER 84 63  63 SER SER A . n 
A 1 85 GLY 85 64  64 GLY GLY A . n 
A 1 86 LEU 86 65  65 LEU LEU A . n 
A 1 87 PRO 87 66  66 PRO PRO A . n 
A 1 88 PRO 88 67  67 PRO PRO A . n 
A 1 89 TYR 89 68  68 TYR TYR A . n 
A 1 90 ASP 90 69  69 ASP ASP A . n 
A 1 91 ARG 91 70  70 ARG ARG A . n 
A 1 92 LEU 92 71  71 LEU LEU A . n 
A 1 93 ILE 93 72  72 ILE ILE A . n 
A 1 94 GLU 94 73  73 GLU GLU A . n 
A 1 95 GLU 95 74  74 GLU GLU A . n 
A 1 96 PRO 96 75  75 PRO PRO A . n 
A 1 97 ALA 97 76  ?  ?   ?   A . n 
A 1 98 SER 98 77  ?  ?   ?   A . n 
B 1 1  MET 1  -20 ?  ?   ?   B . n 
B 1 2  GLY 2  -19 ?  ?   ?   B . n 
B 1 3  SER 3  -18 ?  ?   ?   B . n 
B 1 4  SER 4  -17 ?  ?   ?   B . n 
B 1 5  HIS 5  -16 ?  ?   ?   B . n 
B 1 6  HIS 6  -15 ?  ?   ?   B . n 
B 1 7  HIS 7  -14 ?  ?   ?   B . n 
B 1 8  HIS 8  -13 ?  ?   ?   B . n 
B 1 9  HIS 9  -12 ?  ?   ?   B . n 
B 1 10 HIS 10 -11 ?  ?   ?   B . n 
B 1 11 SER 11 -10 ?  ?   ?   B . n 
B 1 12 SER 12 -9  ?  ?   ?   B . n 
B 1 13 GLY 13 -8  ?  ?   ?   B . n 
B 1 14 LEU 14 -7  ?  ?   ?   B . n 
B 1 15 VAL 15 -6  ?  ?   ?   B . n 
B 1 16 PRO 16 -5  ?  ?   ?   B . n 
B 1 17 ARG 17 -4  ?  ?   ?   B . n 
B 1 18 GLY 18 -3  ?  ?   ?   B . n 
B 1 19 SER 19 -2  ?  ?   ?   B . n 
B 1 20 HIS 20 -1  -1 HIS HIS B . n 
B 1 21 MET 21 0   0  MET MET B . n 
B 1 22 MET 22 1   1  MET MET B . n 
B 1 23 ASN 23 2   2  ASN ASN B . n 
B 1 24 LEU 24 3   3  LEU LEU B . n 
B 1 25 LYS 25 4   4  LYS LYS B . n 
B 1 26 PRO 26 5   5  PRO PRO B . n 
B 1 27 GLN 27 6   6  GLN GLN B . n 
B 1 28 THR 28 7   7  THR THR B . n 
B 1 29 LEU 29 8   8  LEU LEU B . n 
B 1 30 MET 30 9   9  MET MET B . n 
B 1 31 VAL 31 10  10 VAL VAL B . n 
B 1 32 ALA 32 11  11 ALA ALA B . n 
B 1 33 ILE 33 12  12 ILE ILE B . n 
B 1 34 GLN 34 13  13 GLN GLN B . n 
B 1 35 CYS 35 14  14 CYS CYS B . n 
B 1 36 VAL 36 15  15 VAL VAL B . n 
B 1 37 ALA 37 16  16 ALA ALA B . n 
B 1 38 ALA 38 17  17 ALA ALA B . n 
B 1 39 ARG 39 18  18 ARG ARG B . n 
B 1 40 THR 40 19  19 THR THR B . n 
B 1 41 ARG 41 20  20 ARG ARG B . n 
B 1 42 GLU 42 21  21 GLU GLU B . n 
B 1 43 LEU 43 22  22 LEU LEU B . n 
B 1 44 ASP 44 23  23 ASP ASP B . n 
B 1 45 ALA 45 24  24 ALA ALA B . n 
B 1 46 GLN 46 25  25 GLN GLN B . n 
B 1 47 LEU 47 26  26 LEU LEU B . n 
B 1 48 GLN 48 27  27 GLN GLN B . n 
B 1 49 ASN 49 28  28 ASN ASN B . n 
B 1 50 ASP 50 29  29 ASP ASP B . n 
B 1 51 ASP 51 30  30 ASP ASP B . n 
B 1 52 PRO 52 31  31 PRO PRO B . n 
B 1 53 GLN 53 32  32 GLN GLN B . n 
B 1 54 ASN 54 33  33 ASN ASN B . n 
B 1 55 ALA 55 34  34 ALA ALA B . n 
B 1 56 ALA 56 35  35 ALA ALA B . n 
B 1 57 GLU 57 36  36 GLU GLU B . n 
B 1 58 LEU 58 37  37 LEU LEU B . n 
B 1 59 GLU 59 38  38 GLU GLU B . n 
B 1 60 GLN 60 39  39 GLN GLN B . n 
B 1 61 LEU 61 40  40 LEU LEU B . n 
B 1 62 LEU 62 41  41 LEU LEU B . n 
B 1 63 VAL 63 42  42 VAL VAL B . n 
B 1 64 GLY 64 43  43 GLY GLY B . n 
B 1 65 TYR 65 44  44 TYR TYR B . n 
B 1 66 ASP 66 45  45 ASP ASP B . n 
B 1 67 LEU 67 46  46 LEU LEU B . n 
B 1 68 ALA 68 47  47 ALA ALA B . n 
B 1 69 ALA 69 48  48 ALA ALA B . n 
B 1 70 ASP 70 49  49 ASP ASP B . n 
B 1 71 ASP 71 50  50 ASP ASP B . n 
B 1 72 LEU 72 51  51 LEU LEU B . n 
B 1 73 LYS 73 52  52 LYS LYS B . n 
B 1 74 ASN 74 53  53 ASN ASN B . n 
B 1 75 ALA 75 54  54 ALA ALA B . n 
B 1 76 TYR 76 55  55 TYR TYR B . n 
B 1 77 GLU 77 56  56 GLU GLU B . n 
B 1 78 GLN 78 57  57 GLN GLN B . n 
B 1 79 ALA 79 58  58 ALA ALA B . n 
B 1 80 LEU 80 59  59 LEU LEU B . n 
B 1 81 GLY 81 60  60 GLY GLY B . n 
B 1 82 GLN 82 61  61 GLN GLN B . n 
B 1 83 TYR 83 62  62 TYR TYR B . n 
B 1 84 SER 84 63  63 SER SER B . n 
B 1 85 GLY 85 64  64 GLY GLY B . n 
B 1 86 LEU 86 65  65 LEU LEU B . n 
B 1 87 PRO 87 66  66 PRO PRO B . n 
B 1 88 PRO 88 67  67 PRO PRO B . n 
B 1 89 TYR 89 68  68 TYR TYR B . n 
B 1 90 ASP 90 69  69 ASP ASP B . n 
B 1 91 ARG 91 70  70 ARG ARG B . n 
B 1 92 LEU 92 71  71 LEU LEU B . n 
B 1 93 ILE 93 72  72 ILE ILE B . n 
B 1 94 GLU 94 73  73 GLU GLU B . n 
B 1 95 GLU 95 74  ?  ?   ?   B . n 
B 1 96 PRO 96 75  ?  ?   ?   B . n 
B 1 97 ALA 97 76  ?  ?   ?   B . n 
B 1 98 SER 98 77  ?  ?   ?   B . n 
# 
loop_
_pdbx_nonpoly_scheme.asym_id 
_pdbx_nonpoly_scheme.entity_id 
_pdbx_nonpoly_scheme.mon_id 
_pdbx_nonpoly_scheme.ndb_seq_num 
_pdbx_nonpoly_scheme.pdb_seq_num 
_pdbx_nonpoly_scheme.auth_seq_num 
_pdbx_nonpoly_scheme.pdb_mon_id 
_pdbx_nonpoly_scheme.auth_mon_id 
_pdbx_nonpoly_scheme.pdb_strand_id 
_pdbx_nonpoly_scheme.pdb_ins_code 
C 2 HOH 1  2001 2001 HOH HOH A . 
C 2 HOH 2  2002 2002 HOH HOH A . 
C 2 HOH 3  2003 2003 HOH HOH A . 
C 2 HOH 4  2004 2004 HOH HOH A . 
C 2 HOH 5  2005 2005 HOH HOH A . 
C 2 HOH 6  2006 2006 HOH HOH A . 
C 2 HOH 7  2007 2007 HOH HOH A . 
C 2 HOH 8  2008 2008 HOH HOH A . 
C 2 HOH 9  2009 2009 HOH HOH A . 
C 2 HOH 10 2010 2010 HOH HOH A . 
C 2 HOH 11 2011 2011 HOH HOH A . 
C 2 HOH 12 2012 2012 HOH HOH A . 
C 2 HOH 13 2013 2013 HOH HOH A . 
C 2 HOH 14 2014 2014 HOH HOH A . 
C 2 HOH 15 2015 2015 HOH HOH A . 
C 2 HOH 16 2016 2016 HOH HOH A . 
C 2 HOH 17 2017 2017 HOH HOH A . 
C 2 HOH 18 2018 2018 HOH HOH A . 
C 2 HOH 19 2019 2019 HOH HOH A . 
C 2 HOH 20 2020 2020 HOH HOH A . 
C 2 HOH 21 2021 2021 HOH HOH A . 
C 2 HOH 22 2022 2022 HOH HOH A . 
C 2 HOH 23 2023 2023 HOH HOH A . 
C 2 HOH 24 2024 2024 HOH HOH A . 
C 2 HOH 25 2025 2025 HOH HOH A . 
C 2 HOH 26 2026 2026 HOH HOH A . 
C 2 HOH 27 2027 2027 HOH HOH A . 
C 2 HOH 28 2028 2028 HOH HOH A . 
C 2 HOH 29 2029 2029 HOH HOH A . 
C 2 HOH 30 2030 2030 HOH HOH A . 
C 2 HOH 31 2031 2031 HOH HOH A . 
C 2 HOH 32 2032 2032 HOH HOH A . 
C 2 HOH 33 2033 2033 HOH HOH A . 
C 2 HOH 34 2034 2034 HOH HOH A . 
C 2 HOH 35 2035 2035 HOH HOH A . 
C 2 HOH 36 2036 2036 HOH HOH A . 
C 2 HOH 37 2037 2037 HOH HOH A . 
C 2 HOH 38 2038 2038 HOH HOH A . 
C 2 HOH 39 2039 2039 HOH HOH A . 
C 2 HOH 40 2040 2040 HOH HOH A . 
C 2 HOH 41 2041 2041 HOH HOH A . 
C 2 HOH 42 2042 2042 HOH HOH A . 
C 2 HOH 43 2043 2043 HOH HOH A . 
C 2 HOH 44 2044 2044 HOH HOH A . 
C 2 HOH 45 2045 2045 HOH HOH A . 
C 2 HOH 46 2046 2046 HOH HOH A . 
C 2 HOH 47 2047 2047 HOH HOH A . 
C 2 HOH 48 2048 2048 HOH HOH A . 
D 2 HOH 1  2001 2001 HOH HOH B . 
D 2 HOH 2  2002 2002 HOH HOH B . 
D 2 HOH 3  2003 2003 HOH HOH B . 
D 2 HOH 4  2004 2004 HOH HOH B . 
D 2 HOH 5  2005 2005 HOH HOH B . 
D 2 HOH 6  2006 2006 HOH HOH B . 
D 2 HOH 7  2007 2007 HOH HOH B . 
D 2 HOH 8  2008 2008 HOH HOH B . 
D 2 HOH 9  2009 2009 HOH HOH B . 
D 2 HOH 10 2010 2010 HOH HOH B . 
D 2 HOH 11 2011 2011 HOH HOH B . 
D 2 HOH 12 2012 2012 HOH HOH B . 
D 2 HOH 13 2013 2013 HOH HOH B . 
D 2 HOH 14 2014 2014 HOH HOH B . 
D 2 HOH 15 2015 2015 HOH HOH B . 
D 2 HOH 16 2016 2016 HOH HOH B . 
D 2 HOH 17 2017 2017 HOH HOH B . 
D 2 HOH 18 2018 2018 HOH HOH B . 
D 2 HOH 19 2019 2019 HOH HOH B . 
D 2 HOH 20 2020 2020 HOH HOH B . 
D 2 HOH 21 2021 2021 HOH HOH B . 
D 2 HOH 22 2022 2022 HOH HOH B . 
D 2 HOH 23 2023 2023 HOH HOH B . 
D 2 HOH 24 2024 2024 HOH HOH B . 
D 2 HOH 25 2025 2025 HOH HOH B . 
D 2 HOH 26 2026 2026 HOH HOH B . 
D 2 HOH 27 2027 2027 HOH HOH B . 
D 2 HOH 28 2028 2028 HOH HOH B . 
D 2 HOH 29 2029 2029 HOH HOH B . 
D 2 HOH 30 2030 2030 HOH HOH B . 
D 2 HOH 31 2031 2031 HOH HOH B . 
D 2 HOH 32 2032 2032 HOH HOH B . 
D 2 HOH 33 2033 2033 HOH HOH B . 
D 2 HOH 34 2034 2034 HOH HOH B . 
D 2 HOH 35 2035 2035 HOH HOH B . 
D 2 HOH 36 2036 2036 HOH HOH B . 
D 2 HOH 37 2037 2037 HOH HOH B . 
D 2 HOH 38 2038 2038 HOH HOH B . 
D 2 HOH 39 2039 2039 HOH HOH B . 
D 2 HOH 40 2040 2040 HOH HOH B . 
# 
loop_
_pdbx_unobs_or_zero_occ_atoms.id 
_pdbx_unobs_or_zero_occ_atoms.PDB_model_num 
_pdbx_unobs_or_zero_occ_atoms.polymer_flag 
_pdbx_unobs_or_zero_occ_atoms.occupancy_flag 
_pdbx_unobs_or_zero_occ_atoms.auth_asym_id 
_pdbx_unobs_or_zero_occ_atoms.auth_comp_id 
_pdbx_unobs_or_zero_occ_atoms.auth_seq_id 
_pdbx_unobs_or_zero_occ_atoms.PDB_ins_code 
_pdbx_unobs_or_zero_occ_atoms.auth_atom_id 
_pdbx_unobs_or_zero_occ_atoms.label_alt_id 
_pdbx_unobs_or_zero_occ_atoms.label_asym_id 
_pdbx_unobs_or_zero_occ_atoms.label_comp_id 
_pdbx_unobs_or_zero_occ_atoms.label_seq_id 
_pdbx_unobs_or_zero_occ_atoms.label_atom_id 
1  1 Y 1 A MET 0  ? CG  ? A MET 21 CG  
2  1 Y 1 A MET 0  ? SD  ? A MET 21 SD  
3  1 Y 1 A MET 0  ? CE  ? A MET 21 CE  
4  1 Y 1 A GLU 21 ? CD  ? A GLU 42 CD  
5  1 Y 1 A GLU 21 ? OE1 ? A GLU 42 OE1 
6  1 Y 1 A GLU 21 ? OE2 ? A GLU 42 OE2 
7  1 Y 1 A ASN 28 ? CG  ? A ASN 49 CG  
8  1 Y 1 A ASN 28 ? OD1 ? A ASN 49 OD1 
9  1 Y 1 A ASN 28 ? ND2 ? A ASN 49 ND2 
10 1 Y 1 A ASP 29 ? CG  ? A ASP 50 CG  
11 1 Y 1 A ASP 29 ? OD1 ? A ASP 50 OD1 
12 1 Y 1 A ASP 29 ? OD2 ? A ASP 50 OD2 
13 1 Y 1 A ASP 30 ? CG  ? A ASP 51 CG  
14 1 Y 1 A ASP 30 ? OD1 ? A ASP 51 OD1 
15 1 Y 1 A ASP 30 ? OD2 ? A ASP 51 OD2 
16 1 Y 1 A ARG 70 ? CZ  ? A ARG 91 CZ  
17 1 Y 1 A ARG 70 ? NH1 ? A ARG 91 NH1 
18 1 Y 1 A ARG 70 ? NH2 ? A ARG 91 NH2 
19 1 Y 1 A GLU 74 ? CG  ? A GLU 95 CG  
20 1 Y 1 A GLU 74 ? CD  ? A GLU 95 CD  
21 1 Y 1 A GLU 74 ? OE1 ? A GLU 95 OE1 
22 1 Y 1 A GLU 74 ? OE2 ? A GLU 95 OE2 
23 1 Y 1 A PRO 75 ? C   ? A PRO 96 C   
24 1 Y 1 A PRO 75 ? O   ? A PRO 96 O   
25 1 Y 1 B HIS -1 ? CG  ? B HIS 20 CG  
26 1 Y 1 B HIS -1 ? ND1 ? B HIS 20 ND1 
27 1 Y 1 B HIS -1 ? CD2 ? B HIS 20 CD2 
28 1 Y 1 B HIS -1 ? CE1 ? B HIS 20 CE1 
29 1 Y 1 B HIS -1 ? NE2 ? B HIS 20 NE2 
30 1 Y 1 B MET 0  ? CG  ? B MET 21 CG  
31 1 Y 1 B MET 0  ? SD  ? B MET 21 SD  
32 1 Y 1 B MET 0  ? CE  ? B MET 21 CE  
# 
loop_
_software.name 
_software.classification 
_software.version 
_software.citation_id 
_software.pdbx_ordinal 
REFMAC    refinement       5.7.0029 ? 1 
MOSFLM    'data reduction' .        ? 2 
SCALEPACK 'data scaling'   .        ? 3 
PHASER    phasing          .        ? 4 
# 
_cell.entry_id           4C18 
_cell.length_a           27.970 
_cell.length_b           36.300 
_cell.length_c           37.860 
_cell.angle_alpha        107.37 
_cell.angle_beta         95.23 
_cell.angle_gamma        92.11 
_cell.Z_PDB              2 
_cell.pdbx_unique_axis   ? 
# 
_symmetry.entry_id                         4C18 
_symmetry.space_group_name_H-M             'P 1' 
_symmetry.pdbx_full_space_group_name_H-M   ? 
_symmetry.cell_setting                     ? 
_symmetry.Int_Tables_number                1 
# 
_exptl.entry_id          4C18 
_exptl.method            'X-RAY DIFFRACTION' 
_exptl.crystals_number   1 
# 
_exptl_crystal.id                    1 
_exptl_crystal.density_meas          ? 
_exptl_crystal.density_Matthews      2.17 
_exptl_crystal.density_percent_sol   43 
_exptl_crystal.description           NONE 
# 
_exptl_crystal_grow.crystal_id      1 
_exptl_crystal_grow.method          ? 
_exptl_crystal_grow.temp            ? 
_exptl_crystal_grow.temp_details    ? 
_exptl_crystal_grow.pH              ? 
_exptl_crystal_grow.pdbx_pH_range   ? 
_exptl_crystal_grow.pdbx_details    '0.1M SODIUM CITRATE PH 5.6, 35% T-BUTANOL' 
# 
_diffrn.id                     1 
_diffrn.ambient_temp           113 
_diffrn.ambient_temp_details   ? 
_diffrn.crystal_id             1 
# 
_diffrn_detector.diffrn_id              1 
_diffrn_detector.detector               CCD 
_diffrn_detector.type                   MARRESEARCH 
_diffrn_detector.pdbx_collection_date   2011-07-11 
_diffrn_detector.details                'RH COATED FLAT MIRROR, TOROIDAL FOCUSING MIRROR' 
# 
_diffrn_radiation.diffrn_id                        1 
_diffrn_radiation.wavelength_id                    1 
_diffrn_radiation.pdbx_monochromatic_or_laue_m_l   M 
_diffrn_radiation.monochromator                    'DOUBLE CRYSTAL MONOCHROMATOR' 
_diffrn_radiation.pdbx_diffrn_protocol             'SINGLE WAVELENGTH' 
_diffrn_radiation.pdbx_scattering_type             x-ray 
# 
_diffrn_radiation_wavelength.id           1 
_diffrn_radiation_wavelength.wavelength   1.000 
_diffrn_radiation_wavelength.wt           1.0 
# 
_diffrn_source.diffrn_id                   1 
_diffrn_source.source                      SYNCHROTRON 
_diffrn_source.type                        'SSRL BEAMLINE BL9-2' 
_diffrn_source.pdbx_synchrotron_site       SSRL 
_diffrn_source.pdbx_synchrotron_beamline   BL9-2 
_diffrn_source.pdbx_wavelength             1.000 
_diffrn_source.pdbx_wavelength_list        ? 
# 
_reflns.pdbx_diffrn_id               1 
_reflns.pdbx_ordinal                 1 
_reflns.entry_id                     4C18 
_reflns.observed_criterion_sigma_I   2.0 
_reflns.observed_criterion_sigma_F   ? 
_reflns.d_resolution_low             35.93 
_reflns.d_resolution_high            1.49 
_reflns.number_obs                   21050 
_reflns.number_all                   ? 
_reflns.percent_possible_obs         92.0 
_reflns.pdbx_Rmerge_I_obs            0.11 
_reflns.pdbx_Rsym_value              ? 
_reflns.pdbx_netI_over_sigmaI        7.30 
_reflns.B_iso_Wilson_estimate        ? 
_reflns.pdbx_redundancy              3.8 
# 
_reflns_shell.pdbx_diffrn_id         1 
_reflns_shell.pdbx_ordinal           1 
_reflns_shell.d_res_high             1.49 
_reflns_shell.d_res_low              1.57 
_reflns_shell.percent_possible_all   88.6 
_reflns_shell.Rmerge_I_obs           0.24 
_reflns_shell.pdbx_Rsym_value        ? 
_reflns_shell.meanI_over_sigI_obs    3.70 
_reflns_shell.pdbx_redundancy        3.8 
# 
_refine.pdbx_refine_id                           'X-RAY DIFFRACTION' 
_refine.entry_id                                 4C18 
_refine.pdbx_diffrn_id                           1 
_refine.pdbx_TLS_residual_ADP_flag               ? 
_refine.ls_number_reflns_obs                     19974 
_refine.ls_number_reflns_all                     ? 
_refine.pdbx_ls_sigma_I                          ? 
_refine.pdbx_ls_sigma_F                          . 
_refine.pdbx_data_cutoff_high_absF               ? 
_refine.pdbx_data_cutoff_low_absF                ? 
_refine.pdbx_data_cutoff_high_rms_absF           ? 
_refine.ls_d_res_low                             34.59 
_refine.ls_d_res_high                            1.49 
_refine.ls_percent_reflns_obs                    91.91 
_refine.ls_R_factor_obs                          0.22445 
_refine.ls_R_factor_all                          ? 
_refine.ls_R_factor_R_work                       0.22262 
_refine.ls_R_factor_R_free                       0.25886 
_refine.ls_R_factor_R_free_error                 ? 
_refine.ls_R_factor_R_free_error_details         ? 
_refine.ls_percent_reflns_R_free                 5.1 
_refine.ls_number_reflns_R_free                  1076 
_refine.ls_number_parameters                     ? 
_refine.ls_number_restraints                     ? 
_refine.occupancy_min                            ? 
_refine.occupancy_max                            ? 
_refine.correlation_coeff_Fo_to_Fc               0.943 
_refine.correlation_coeff_Fo_to_Fc_free          0.926 
_refine.B_iso_mean                               23.916 
_refine.aniso_B[1][1]                            -1.55 
_refine.aniso_B[2][2]                            -1.61 
_refine.aniso_B[3][3]                            2.16 
_refine.aniso_B[1][2]                            0.49 
_refine.aniso_B[1][3]                            0.52 
_refine.aniso_B[2][3]                            1.39 
_refine.solvent_model_details                    MASK 
_refine.solvent_model_param_ksol                 ? 
_refine.solvent_model_param_bsol                 ? 
_refine.pdbx_solvent_vdw_probe_radii             1.20 
_refine.pdbx_solvent_ion_probe_radii             0.80 
_refine.pdbx_solvent_shrinkage_radii             0.80 
_refine.pdbx_ls_cross_valid_method               THROUGHOUT 
_refine.details                                  'HYDROGENS HAVE BEEN ADDED IN THE RIDING POSITIONS.' 
_refine.pdbx_starting_model                      'PDB ENTRY 3VPV' 
_refine.pdbx_method_to_determine_struct          'MOLECULAR REPLACEMENT' 
_refine.pdbx_isotropic_thermal_model             ? 
_refine.pdbx_stereochemistry_target_values       'MAXIMUM LIKELIHOOD' 
_refine.pdbx_stereochem_target_val_spec_case     ? 
_refine.pdbx_R_Free_selection_details            RANDOM 
_refine.pdbx_overall_ESU_R                       0.100 
_refine.pdbx_overall_ESU_R_Free                  0.101 
_refine.overall_SU_ML                            0.079 
_refine.pdbx_overall_phase_error                 ? 
_refine.overall_SU_B                             2.068 
_refine.overall_SU_R_Cruickshank_DPI             ? 
_refine.pdbx_overall_SU_R_free_Cruickshank_DPI   ? 
_refine.pdbx_overall_SU_R_Blow_DPI               ? 
_refine.pdbx_overall_SU_R_free_Blow_DPI          ? 
# 
_refine_hist.pdbx_refine_id                   'X-RAY DIFFRACTION' 
_refine_hist.cycle_id                         LAST 
_refine_hist.pdbx_number_atoms_protein        1148 
_refine_hist.pdbx_number_atoms_nucleic_acid   0 
_refine_hist.pdbx_number_atoms_ligand         0 
_refine_hist.number_atoms_solvent             88 
_refine_hist.number_atoms_total               1236 
_refine_hist.d_res_high                       1.49 
_refine_hist.d_res_low                        34.59 
# 
loop_
_refine_ls_restr.type 
_refine_ls_restr.dev_ideal 
_refine_ls_restr.dev_ideal_target 
_refine_ls_restr.weight 
_refine_ls_restr.number 
_refine_ls_restr.pdbx_refine_id 
_refine_ls_restr.pdbx_restraint_function 
r_bond_refined_d             0.018  0.020  ? 1170 'X-RAY DIFFRACTION' ? 
r_bond_other_d               0.006  0.020  ? 1118 'X-RAY DIFFRACTION' ? 
r_angle_refined_deg          1.812  2.000  ? 1595 'X-RAY DIFFRACTION' ? 
r_angle_other_deg            1.353  3.002  ? 2561 'X-RAY DIFFRACTION' ? 
r_dihedral_angle_1_deg       6.563  5.000  ? 151  'X-RAY DIFFRACTION' ? 
r_dihedral_angle_2_deg       35.818 26.897 ? 58   'X-RAY DIFFRACTION' ? 
r_dihedral_angle_3_deg       13.502 15.000 ? 195  'X-RAY DIFFRACTION' ? 
r_dihedral_angle_4_deg       15.889 15.000 ? 5    'X-RAY DIFFRACTION' ? 
r_chiral_restr               0.115  0.200  ? 183  'X-RAY DIFFRACTION' ? 
r_gen_planes_refined         0.011  0.021  ? 1376 'X-RAY DIFFRACTION' ? 
r_gen_planes_other           0.005  0.020  ? 241  'X-RAY DIFFRACTION' ? 
r_nbd_refined                ?      ?      ? ?    'X-RAY DIFFRACTION' ? 
r_nbd_other                  ?      ?      ? ?    'X-RAY DIFFRACTION' ? 
r_nbtor_refined              ?      ?      ? ?    'X-RAY DIFFRACTION' ? 
r_nbtor_other                ?      ?      ? ?    'X-RAY DIFFRACTION' ? 
r_xyhbond_nbd_refined        ?      ?      ? ?    'X-RAY DIFFRACTION' ? 
r_xyhbond_nbd_other          ?      ?      ? ?    'X-RAY DIFFRACTION' ? 
r_metal_ion_refined          ?      ?      ? ?    'X-RAY DIFFRACTION' ? 
r_metal_ion_other            ?      ?      ? ?    'X-RAY DIFFRACTION' ? 
r_symmetry_vdw_refined       ?      ?      ? ?    'X-RAY DIFFRACTION' ? 
r_symmetry_vdw_other         ?      ?      ? ?    'X-RAY DIFFRACTION' ? 
r_symmetry_hbond_refined     ?      ?      ? ?    'X-RAY DIFFRACTION' ? 
r_symmetry_hbond_other       ?      ?      ? ?    'X-RAY DIFFRACTION' ? 
r_symmetry_metal_ion_refined ?      ?      ? ?    'X-RAY DIFFRACTION' ? 
r_symmetry_metal_ion_other   ?      ?      ? ?    'X-RAY DIFFRACTION' ? 
r_mcbond_it                  ?      ?      ? ?    'X-RAY DIFFRACTION' ? 
r_mcbond_other               ?      ?      ? ?    'X-RAY DIFFRACTION' ? 
r_mcangle_it                 ?      ?      ? ?    'X-RAY DIFFRACTION' ? 
r_mcangle_other              ?      ?      ? ?    'X-RAY DIFFRACTION' ? 
r_scbond_it                  ?      ?      ? ?    'X-RAY DIFFRACTION' ? 
r_scbond_other               ?      ?      ? ?    'X-RAY DIFFRACTION' ? 
r_scangle_it                 ?      ?      ? ?    'X-RAY DIFFRACTION' ? 
r_scangle_other              ?      ?      ? ?    'X-RAY DIFFRACTION' ? 
r_long_range_B_refined       ?      ?      ? ?    'X-RAY DIFFRACTION' ? 
r_long_range_B_other         ?      ?      ? ?    'X-RAY DIFFRACTION' ? 
r_rigid_bond_restr           ?      ?      ? ?    'X-RAY DIFFRACTION' ? 
r_sphericity_free            ?      ?      ? ?    'X-RAY DIFFRACTION' ? 
r_sphericity_bonded          ?      ?      ? ?    'X-RAY DIFFRACTION' ? 
# 
_refine_ls_shell.pdbx_refine_id                   'X-RAY DIFFRACTION' 
_refine_ls_shell.pdbx_total_number_of_bins_used   20 
_refine_ls_shell.d_res_high                       1.494 
_refine_ls_shell.d_res_low                        1.533 
_refine_ls_shell.number_reflns_R_work             1379 
_refine_ls_shell.R_factor_R_work                  0.270 
_refine_ls_shell.percent_reflns_obs               86.41 
_refine_ls_shell.R_factor_R_free                  0.367 
_refine_ls_shell.R_factor_R_free_error            ? 
_refine_ls_shell.percent_reflns_R_free            ? 
_refine_ls_shell.number_reflns_R_free             90 
_refine_ls_shell.number_reflns_all                ? 
_refine_ls_shell.R_factor_all                     ? 
# 
_struct.entry_id                  4C18 
_struct.title                     'The structure of the Tsi2 dimer with a disulfide bond' 
_struct.pdbx_model_details        ? 
_struct.pdbx_CASP_flag            ? 
_struct.pdbx_model_type_details   ? 
# 
_struct_keywords.entry_id        4C18 
_struct_keywords.pdbx_keywords   TOXIN 
_struct_keywords.text            'TOXIN, IMMUNITY PROTEIN, T6SS, ANTI-TOXIN' 
# 
loop_
_struct_asym.id 
_struct_asym.pdbx_blank_PDB_chainid_flag 
_struct_asym.pdbx_modified 
_struct_asym.entity_id 
_struct_asym.details 
A N N 1 ? 
B N N 1 ? 
C N N 2 ? 
D N N 2 ? 
# 
_struct_ref.id                         1 
_struct_ref.db_name                    UNP 
_struct_ref.db_code                    Q9I0D9_PSEAE 
_struct_ref.entity_id                  1 
_struct_ref.pdbx_seq_one_letter_code   ? 
_struct_ref.pdbx_align_begin           ? 
_struct_ref.pdbx_db_accession          Q9I0D9 
_struct_ref.pdbx_db_isoform            ? 
# 
loop_
_struct_ref_seq.align_id 
_struct_ref_seq.ref_id 
_struct_ref_seq.pdbx_PDB_id_code 
_struct_ref_seq.pdbx_strand_id 
_struct_ref_seq.seq_align_beg 
_struct_ref_seq.pdbx_seq_align_beg_ins_code 
_struct_ref_seq.seq_align_end 
_struct_ref_seq.pdbx_seq_align_end_ins_code 
_struct_ref_seq.pdbx_db_accession 
_struct_ref_seq.db_align_beg 
_struct_ref_seq.pdbx_db_align_beg_ins_code 
_struct_ref_seq.db_align_end 
_struct_ref_seq.pdbx_db_align_end_ins_code 
_struct_ref_seq.pdbx_auth_seq_align_beg 
_struct_ref_seq.pdbx_auth_seq_align_end 
1 1 4C18 A 22 ? 98 ? Q9I0D9 1 ? 77 ? 1 77 
2 1 4C18 B 22 ? 98 ? Q9I0D9 1 ? 77 ? 1 77 
# 
loop_
_struct_ref_seq_dif.align_id 
_struct_ref_seq_dif.pdbx_pdb_id_code 
_struct_ref_seq_dif.mon_id 
_struct_ref_seq_dif.pdbx_pdb_strand_id 
_struct_ref_seq_dif.seq_num 
_struct_ref_seq_dif.pdbx_pdb_ins_code 
_struct_ref_seq_dif.pdbx_seq_db_name 
_struct_ref_seq_dif.pdbx_seq_db_accession_code 
_struct_ref_seq_dif.db_mon_id 
_struct_ref_seq_dif.pdbx_seq_db_seq_num 
_struct_ref_seq_dif.details 
_struct_ref_seq_dif.pdbx_auth_seq_num 
_struct_ref_seq_dif.pdbx_ordinal 
1 4C18 MET A 1  ? UNP Q9I0D9 ? ? 'expression tag' -20 1  
1 4C18 GLY A 2  ? UNP Q9I0D9 ? ? 'expression tag' -19 2  
1 4C18 SER A 3  ? UNP Q9I0D9 ? ? 'expression tag' -18 3  
1 4C18 SER A 4  ? UNP Q9I0D9 ? ? 'expression tag' -17 4  
1 4C18 HIS A 5  ? UNP Q9I0D9 ? ? 'expression tag' -16 5  
1 4C18 HIS A 6  ? UNP Q9I0D9 ? ? 'expression tag' -15 6  
1 4C18 HIS A 7  ? UNP Q9I0D9 ? ? 'expression tag' -14 7  
1 4C18 HIS A 8  ? UNP Q9I0D9 ? ? 'expression tag' -13 8  
1 4C18 HIS A 9  ? UNP Q9I0D9 ? ? 'expression tag' -12 9  
1 4C18 HIS A 10 ? UNP Q9I0D9 ? ? 'expression tag' -11 10 
1 4C18 SER A 11 ? UNP Q9I0D9 ? ? 'expression tag' -10 11 
1 4C18 SER A 12 ? UNP Q9I0D9 ? ? 'expression tag' -9  12 
1 4C18 GLY A 13 ? UNP Q9I0D9 ? ? 'expression tag' -8  13 
1 4C18 LEU A 14 ? UNP Q9I0D9 ? ? 'expression tag' -7  14 
1 4C18 VAL A 15 ? UNP Q9I0D9 ? ? 'expression tag' -6  15 
1 4C18 PRO A 16 ? UNP Q9I0D9 ? ? 'expression tag' -5  16 
1 4C18 ARG A 17 ? UNP Q9I0D9 ? ? 'expression tag' -4  17 
1 4C18 GLY A 18 ? UNP Q9I0D9 ? ? 'expression tag' -3  18 
1 4C18 SER A 19 ? UNP Q9I0D9 ? ? 'expression tag' -2  19 
1 4C18 HIS A 20 ? UNP Q9I0D9 ? ? 'expression tag' -1  20 
1 4C18 MET A 21 ? UNP Q9I0D9 ? ? 'expression tag' 0   21 
2 4C18 MET B 1  ? UNP Q9I0D9 ? ? 'expression tag' -20 22 
2 4C18 GLY B 2  ? UNP Q9I0D9 ? ? 'expression tag' -19 23 
2 4C18 SER B 3  ? UNP Q9I0D9 ? ? 'expression tag' -18 24 
2 4C18 SER B 4  ? UNP Q9I0D9 ? ? 'expression tag' -17 25 
2 4C18 HIS B 5  ? UNP Q9I0D9 ? ? 'expression tag' -16 26 
2 4C18 HIS B 6  ? UNP Q9I0D9 ? ? 'expression tag' -15 27 
2 4C18 HIS B 7  ? UNP Q9I0D9 ? ? 'expression tag' -14 28 
2 4C18 HIS B 8  ? UNP Q9I0D9 ? ? 'expression tag' -13 29 
2 4C18 HIS B 9  ? UNP Q9I0D9 ? ? 'expression tag' -12 30 
2 4C18 HIS B 10 ? UNP Q9I0D9 ? ? 'expression tag' -11 31 
2 4C18 SER B 11 ? UNP Q9I0D9 ? ? 'expression tag' -10 32 
2 4C18 SER B 12 ? UNP Q9I0D9 ? ? 'expression tag' -9  33 
2 4C18 GLY B 13 ? UNP Q9I0D9 ? ? 'expression tag' -8  34 
2 4C18 LEU B 14 ? UNP Q9I0D9 ? ? 'expression tag' -7  35 
2 4C18 VAL B 15 ? UNP Q9I0D9 ? ? 'expression tag' -6  36 
2 4C18 PRO B 16 ? UNP Q9I0D9 ? ? 'expression tag' -5  37 
2 4C18 ARG B 17 ? UNP Q9I0D9 ? ? 'expression tag' -4  38 
2 4C18 GLY B 18 ? UNP Q9I0D9 ? ? 'expression tag' -3  39 
2 4C18 SER B 19 ? UNP Q9I0D9 ? ? 'expression tag' -2  40 
2 4C18 HIS B 20 ? UNP Q9I0D9 ? ? 'expression tag' -1  41 
2 4C18 MET B 21 ? UNP Q9I0D9 ? ? 'expression tag' 0   42 
# 
_pdbx_struct_assembly.id                   1 
_pdbx_struct_assembly.details              author_and_software_defined_assembly 
_pdbx_struct_assembly.method_details       PISA 
_pdbx_struct_assembly.oligomeric_details   dimeric 
_pdbx_struct_assembly.oligomeric_count     2 
# 
loop_
_pdbx_struct_assembly_prop.biol_id 
_pdbx_struct_assembly_prop.type 
_pdbx_struct_assembly_prop.value 
_pdbx_struct_assembly_prop.details 
1 'ABSA (A^2)' 2090  ? 
1 MORE         -18.2 ? 
1 'SSA (A^2)'  9140  ? 
# 
_pdbx_struct_assembly_gen.assembly_id       1 
_pdbx_struct_assembly_gen.oper_expression   1 
_pdbx_struct_assembly_gen.asym_id_list      A,B,C,D 
# 
_pdbx_struct_oper_list.id                   1 
_pdbx_struct_oper_list.type                 'identity operation' 
_pdbx_struct_oper_list.name                 1_555 
_pdbx_struct_oper_list.symmetry_operation   x,y,z 
_pdbx_struct_oper_list.matrix[1][1]         1.0000000000 
_pdbx_struct_oper_list.matrix[1][2]         0.0000000000 
_pdbx_struct_oper_list.matrix[1][3]         0.0000000000 
_pdbx_struct_oper_list.vector[1]            0.0000000000 
_pdbx_struct_oper_list.matrix[2][1]         0.0000000000 
_pdbx_struct_oper_list.matrix[2][2]         1.0000000000 
_pdbx_struct_oper_list.matrix[2][3]         0.0000000000 
_pdbx_struct_oper_list.vector[2]            0.0000000000 
_pdbx_struct_oper_list.matrix[3][1]         0.0000000000 
_pdbx_struct_oper_list.matrix[3][2]         0.0000000000 
_pdbx_struct_oper_list.matrix[3][3]         1.0000000000 
_pdbx_struct_oper_list.vector[3]            0.0000000000 
# 
_struct_biol.id   1 
# 
loop_
_struct_conf.conf_type_id 
_struct_conf.id 
_struct_conf.pdbx_PDB_helix_id 
_struct_conf.beg_label_comp_id 
_struct_conf.beg_label_asym_id 
_struct_conf.beg_label_seq_id 
_struct_conf.pdbx_beg_PDB_ins_code 
_struct_conf.end_label_comp_id 
_struct_conf.end_label_asym_id 
_struct_conf.end_label_seq_id 
_struct_conf.pdbx_end_PDB_ins_code 
_struct_conf.beg_auth_comp_id 
_struct_conf.beg_auth_asym_id 
_struct_conf.beg_auth_seq_id 
_struct_conf.end_auth_comp_id 
_struct_conf.end_auth_asym_id 
_struct_conf.end_auth_seq_id 
_struct_conf.pdbx_PDB_helix_class 
_struct_conf.details 
_struct_conf.pdbx_PDB_helix_length 
HELX_P HELX_P1 1 LYS A 25 ? GLN A 48 ? LYS A 4  GLN A 27 1 ? 24 
HELX_P HELX_P2 2 ASN A 54 ? GLY A 81 ? ASN A 33 GLY A 60 1 ? 28 
HELX_P HELX_P3 3 PRO A 88 ? ILE A 93 ? PRO A 67 ILE A 72 1 ? 6  
HELX_P HELX_P4 4 LYS B 25 ? LEU B 47 ? LYS B 4  LEU B 26 1 ? 23 
HELX_P HELX_P5 5 ASN B 54 ? TYR B 83 ? ASN B 33 TYR B 62 1 ? 30 
HELX_P HELX_P6 6 PRO B 88 ? GLU B 94 ? PRO B 67 GLU B 73 1 ? 7  
# 
_struct_conf_type.id          HELX_P 
_struct_conf_type.criteria    ? 
_struct_conf_type.reference   ? 
# 
_struct_conn.id                            disulf1 
_struct_conn.conn_type_id                  disulf 
_struct_conn.pdbx_leaving_atom_flag        ? 
_struct_conn.pdbx_PDB_id                   ? 
_struct_conn.ptnr1_label_asym_id           A 
_struct_conn.ptnr1_label_comp_id           CYS 
_struct_conn.ptnr1_label_seq_id            35 
_struct_conn.ptnr1_label_atom_id           SG 
_struct_conn.pdbx_ptnr1_label_alt_id       ? 
_struct_conn.pdbx_ptnr1_PDB_ins_code       ? 
_struct_conn.pdbx_ptnr1_standard_comp_id   ? 
_struct_conn.ptnr1_symmetry                1_555 
_struct_conn.ptnr2_label_asym_id           B 
_struct_conn.ptnr2_label_comp_id           CYS 
_struct_conn.ptnr2_label_seq_id            35 
_struct_conn.ptnr2_label_atom_id           SG 
_struct_conn.pdbx_ptnr2_label_alt_id       ? 
_struct_conn.pdbx_ptnr2_PDB_ins_code       ? 
_struct_conn.ptnr1_auth_asym_id            A 
_struct_conn.ptnr1_auth_comp_id            CYS 
_struct_conn.ptnr1_auth_seq_id             14 
_struct_conn.ptnr2_auth_asym_id            B 
_struct_conn.ptnr2_auth_comp_id            CYS 
_struct_conn.ptnr2_auth_seq_id             14 
_struct_conn.ptnr2_symmetry                1_555 
_struct_conn.pdbx_ptnr3_label_atom_id      ? 
_struct_conn.pdbx_ptnr3_label_seq_id       ? 
_struct_conn.pdbx_ptnr3_label_comp_id      ? 
_struct_conn.pdbx_ptnr3_label_asym_id      ? 
_struct_conn.pdbx_ptnr3_label_alt_id       ? 
_struct_conn.pdbx_ptnr3_PDB_ins_code       ? 
_struct_conn.details                       ? 
_struct_conn.pdbx_dist_value               2.143 
_struct_conn.pdbx_value_order              ? 
_struct_conn.pdbx_role                     ? 
# 
_struct_conn_type.id          disulf 
_struct_conn_type.criteria    ? 
_struct_conn_type.reference   ? 
# 
_pdbx_modification_feature.ordinal                            1 
_pdbx_modification_feature.label_comp_id                      CYS 
_pdbx_modification_feature.label_asym_id                      A 
_pdbx_modification_feature.label_seq_id                       35 
_pdbx_modification_feature.label_alt_id                       ? 
_pdbx_modification_feature.modified_residue_label_comp_id     CYS 
_pdbx_modification_feature.modified_residue_label_asym_id     B 
_pdbx_modification_feature.modified_residue_label_seq_id      35 
_pdbx_modification_feature.modified_residue_label_alt_id      ? 
_pdbx_modification_feature.auth_comp_id                       CYS 
_pdbx_modification_feature.auth_asym_id                       A 
_pdbx_modification_feature.auth_seq_id                        14 
_pdbx_modification_feature.PDB_ins_code                       ? 
_pdbx_modification_feature.symmetry                           1_555 
_pdbx_modification_feature.modified_residue_auth_comp_id      CYS 
_pdbx_modification_feature.modified_residue_auth_asym_id      B 
_pdbx_modification_feature.modified_residue_auth_seq_id       14 
_pdbx_modification_feature.modified_residue_PDB_ins_code      ? 
_pdbx_modification_feature.modified_residue_symmetry          1_555 
_pdbx_modification_feature.comp_id_linking_atom               SG 
_pdbx_modification_feature.modified_residue_id_linking_atom   SG 
_pdbx_modification_feature.modified_residue_id                . 
_pdbx_modification_feature.ref_pcm_id                         . 
_pdbx_modification_feature.ref_comp_id                        . 
_pdbx_modification_feature.type                               None 
_pdbx_modification_feature.category                           'Disulfide bridge' 
# 
_pdbx_entry_details.entry_id                   4C18 
_pdbx_entry_details.compound_details           ? 
_pdbx_entry_details.source_details             ? 
_pdbx_entry_details.nonpolymer_details         ? 
_pdbx_entry_details.sequence_details           ? 
_pdbx_entry_details.has_ligand_of_interest     ? 
_pdbx_entry_details.has_protein_modification   Y 
# 
_pdbx_validate_close_contact.id               1 
_pdbx_validate_close_contact.PDB_model_num    1 
_pdbx_validate_close_contact.auth_atom_id_1   NH1 
_pdbx_validate_close_contact.auth_asym_id_1   A 
_pdbx_validate_close_contact.auth_comp_id_1   ARG 
_pdbx_validate_close_contact.auth_seq_id_1    18 
_pdbx_validate_close_contact.PDB_ins_code_1   ? 
_pdbx_validate_close_contact.label_alt_id_1   ? 
_pdbx_validate_close_contact.auth_atom_id_2   O 
_pdbx_validate_close_contact.auth_asym_id_2   A 
_pdbx_validate_close_contact.auth_comp_id_2   HOH 
_pdbx_validate_close_contact.auth_seq_id_2    2022 
_pdbx_validate_close_contact.PDB_ins_code_2   ? 
_pdbx_validate_close_contact.label_alt_id_2   ? 
_pdbx_validate_close_contact.dist             1.95 
# 
_pdbx_validate_rmsd_angle.id                         1 
_pdbx_validate_rmsd_angle.PDB_model_num              1 
_pdbx_validate_rmsd_angle.auth_atom_id_1             NE 
_pdbx_validate_rmsd_angle.auth_asym_id_1             B 
_pdbx_validate_rmsd_angle.auth_comp_id_1             ARG 
_pdbx_validate_rmsd_angle.auth_seq_id_1              70 
_pdbx_validate_rmsd_angle.PDB_ins_code_1             ? 
_pdbx_validate_rmsd_angle.label_alt_id_1             ? 
_pdbx_validate_rmsd_angle.auth_atom_id_2             CZ 
_pdbx_validate_rmsd_angle.auth_asym_id_2             B 
_pdbx_validate_rmsd_angle.auth_comp_id_2             ARG 
_pdbx_validate_rmsd_angle.auth_seq_id_2              70 
_pdbx_validate_rmsd_angle.PDB_ins_code_2             ? 
_pdbx_validate_rmsd_angle.label_alt_id_2             ? 
_pdbx_validate_rmsd_angle.auth_atom_id_3             NH1 
_pdbx_validate_rmsd_angle.auth_asym_id_3             B 
_pdbx_validate_rmsd_angle.auth_comp_id_3             ARG 
_pdbx_validate_rmsd_angle.auth_seq_id_3              70 
_pdbx_validate_rmsd_angle.PDB_ins_code_3             ? 
_pdbx_validate_rmsd_angle.label_alt_id_3             ? 
_pdbx_validate_rmsd_angle.angle_value                123.56 
_pdbx_validate_rmsd_angle.angle_target_value         120.30 
_pdbx_validate_rmsd_angle.angle_deviation            3.26 
_pdbx_validate_rmsd_angle.angle_standard_deviation   0.50 
_pdbx_validate_rmsd_angle.linker_flag                N 
# 
_pdbx_validate_torsion.id              1 
_pdbx_validate_torsion.PDB_model_num   1 
_pdbx_validate_torsion.auth_comp_id    MET 
_pdbx_validate_torsion.auth_asym_id    B 
_pdbx_validate_torsion.auth_seq_id     0 
_pdbx_validate_torsion.PDB_ins_code    ? 
_pdbx_validate_torsion.label_alt_id    ? 
_pdbx_validate_torsion.phi             -150.23 
_pdbx_validate_torsion.psi             -41.23 
# 
_pdbx_validate_peptide_omega.id               1 
_pdbx_validate_peptide_omega.PDB_model_num    1 
_pdbx_validate_peptide_omega.auth_comp_id_1   HIS 
_pdbx_validate_peptide_omega.auth_asym_id_1   B 
_pdbx_validate_peptide_omega.auth_seq_id_1    -1 
_pdbx_validate_peptide_omega.PDB_ins_code_1   ? 
_pdbx_validate_peptide_omega.label_alt_id_1   ? 
_pdbx_validate_peptide_omega.auth_comp_id_2   MET 
_pdbx_validate_peptide_omega.auth_asym_id_2   B 
_pdbx_validate_peptide_omega.auth_seq_id_2    0 
_pdbx_validate_peptide_omega.PDB_ins_code_2   ? 
_pdbx_validate_peptide_omega.label_alt_id_2   ? 
_pdbx_validate_peptide_omega.omega            -148.98 
# 
loop_
_pdbx_unobs_or_zero_occ_residues.id 
_pdbx_unobs_or_zero_occ_residues.PDB_model_num 
_pdbx_unobs_or_zero_occ_residues.polymer_flag 
_pdbx_unobs_or_zero_occ_residues.occupancy_flag 
_pdbx_unobs_or_zero_occ_residues.auth_asym_id 
_pdbx_unobs_or_zero_occ_residues.auth_comp_id 
_pdbx_unobs_or_zero_occ_residues.auth_seq_id 
_pdbx_unobs_or_zero_occ_residues.PDB_ins_code 
_pdbx_unobs_or_zero_occ_residues.label_asym_id 
_pdbx_unobs_or_zero_occ_residues.label_comp_id 
_pdbx_unobs_or_zero_occ_residues.label_seq_id 
1  1 Y 1 A MET -20 ? A MET 1  
2  1 Y 1 A GLY -19 ? A GLY 2  
3  1 Y 1 A SER -18 ? A SER 3  
4  1 Y 1 A SER -17 ? A SER 4  
5  1 Y 1 A HIS -16 ? A HIS 5  
6  1 Y 1 A HIS -15 ? A HIS 6  
7  1 Y 1 A HIS -14 ? A HIS 7  
8  1 Y 1 A HIS -13 ? A HIS 8  
9  1 Y 1 A HIS -12 ? A HIS 9  
10 1 Y 1 A HIS -11 ? A HIS 10 
11 1 Y 1 A SER -10 ? A SER 11 
12 1 Y 1 A SER -9  ? A SER 12 
13 1 Y 1 A GLY -8  ? A GLY 13 
14 1 Y 1 A LEU -7  ? A LEU 14 
15 1 Y 1 A VAL -6  ? A VAL 15 
16 1 Y 1 A PRO -5  ? A PRO 16 
17 1 Y 1 A ARG -4  ? A ARG 17 
18 1 Y 1 A GLY -3  ? A GLY 18 
19 1 Y 1 A SER -2  ? A SER 19 
20 1 Y 1 A HIS -1  ? A HIS 20 
21 1 Y 1 A ALA 76  ? A ALA 97 
22 1 Y 1 A SER 77  ? A SER 98 
23 1 Y 1 B MET -20 ? B MET 1  
24 1 Y 1 B GLY -19 ? B GLY 2  
25 1 Y 1 B SER -18 ? B SER 3  
26 1 Y 1 B SER -17 ? B SER 4  
27 1 Y 1 B HIS -16 ? B HIS 5  
28 1 Y 1 B HIS -15 ? B HIS 6  
29 1 Y 1 B HIS -14 ? B HIS 7  
30 1 Y 1 B HIS -13 ? B HIS 8  
31 1 Y 1 B HIS -12 ? B HIS 9  
32 1 Y 1 B HIS -11 ? B HIS 10 
33 1 Y 1 B SER -10 ? B SER 11 
34 1 Y 1 B SER -9  ? B SER 12 
35 1 Y 1 B GLY -8  ? B GLY 13 
36 1 Y 1 B LEU -7  ? B LEU 14 
37 1 Y 1 B VAL -6  ? B VAL 15 
38 1 Y 1 B PRO -5  ? B PRO 16 
39 1 Y 1 B ARG -4  ? B ARG 17 
40 1 Y 1 B GLY -3  ? B GLY 18 
41 1 Y 1 B SER -2  ? B SER 19 
42 1 Y 1 B GLU 74  ? B GLU 95 
43 1 Y 1 B PRO 75  ? B PRO 96 
44 1 Y 1 B ALA 76  ? B ALA 97 
45 1 Y 1 B SER 77  ? B SER 98 
# 
loop_
_chem_comp_atom.comp_id 
_chem_comp_atom.atom_id 
_chem_comp_atom.type_symbol 
_chem_comp_atom.pdbx_aromatic_flag 
_chem_comp_atom.pdbx_stereo_config 
_chem_comp_atom.pdbx_ordinal 
ALA N    N N N 1   
ALA CA   C N S 2   
ALA C    C N N 3   
ALA O    O N N 4   
ALA CB   C N N 5   
ALA OXT  O N N 6   
ALA H    H N N 7   
ALA H2   H N N 8   
ALA HA   H N N 9   
ALA HB1  H N N 10  
ALA HB2  H N N 11  
ALA HB3  H N N 12  
ALA HXT  H N N 13  
ARG N    N N N 14  
ARG CA   C N S 15  
ARG C    C N N 16  
ARG O    O N N 17  
ARG CB   C N N 18  
ARG CG   C N N 19  
ARG CD   C N N 20  
ARG NE   N N N 21  
ARG CZ   C N N 22  
ARG NH1  N N N 23  
ARG NH2  N N N 24  
ARG OXT  O N N 25  
ARG H    H N N 26  
ARG H2   H N N 27  
ARG HA   H N N 28  
ARG HB2  H N N 29  
ARG HB3  H N N 30  
ARG HG2  H N N 31  
ARG HG3  H N N 32  
ARG HD2  H N N 33  
ARG HD3  H N N 34  
ARG HE   H N N 35  
ARG HH11 H N N 36  
ARG HH12 H N N 37  
ARG HH21 H N N 38  
ARG HH22 H N N 39  
ARG HXT  H N N 40  
ASN N    N N N 41  
ASN CA   C N S 42  
ASN C    C N N 43  
ASN O    O N N 44  
ASN CB   C N N 45  
ASN CG   C N N 46  
ASN OD1  O N N 47  
ASN ND2  N N N 48  
ASN OXT  O N N 49  
ASN H    H N N 50  
ASN H2   H N N 51  
ASN HA   H N N 52  
ASN HB2  H N N 53  
ASN HB3  H N N 54  
ASN HD21 H N N 55  
ASN HD22 H N N 56  
ASN HXT  H N N 57  
ASP N    N N N 58  
ASP CA   C N S 59  
ASP C    C N N 60  
ASP O    O N N 61  
ASP CB   C N N 62  
ASP CG   C N N 63  
ASP OD1  O N N 64  
ASP OD2  O N N 65  
ASP OXT  O N N 66  
ASP H    H N N 67  
ASP H2   H N N 68  
ASP HA   H N N 69  
ASP HB2  H N N 70  
ASP HB3  H N N 71  
ASP HD2  H N N 72  
ASP HXT  H N N 73  
CYS N    N N N 74  
CYS CA   C N R 75  
CYS C    C N N 76  
CYS O    O N N 77  
CYS CB   C N N 78  
CYS SG   S N N 79  
CYS OXT  O N N 80  
CYS H    H N N 81  
CYS H2   H N N 82  
CYS HA   H N N 83  
CYS HB2  H N N 84  
CYS HB3  H N N 85  
CYS HG   H N N 86  
CYS HXT  H N N 87  
GLN N    N N N 88  
GLN CA   C N S 89  
GLN C    C N N 90  
GLN O    O N N 91  
GLN CB   C N N 92  
GLN CG   C N N 93  
GLN CD   C N N 94  
GLN OE1  O N N 95  
GLN NE2  N N N 96  
GLN OXT  O N N 97  
GLN H    H N N 98  
GLN H2   H N N 99  
GLN HA   H N N 100 
GLN HB2  H N N 101 
GLN HB3  H N N 102 
GLN HG2  H N N 103 
GLN HG3  H N N 104 
GLN HE21 H N N 105 
GLN HE22 H N N 106 
GLN HXT  H N N 107 
GLU N    N N N 108 
GLU CA   C N S 109 
GLU C    C N N 110 
GLU O    O N N 111 
GLU CB   C N N 112 
GLU CG   C N N 113 
GLU CD   C N N 114 
GLU OE1  O N N 115 
GLU OE2  O N N 116 
GLU OXT  O N N 117 
GLU H    H N N 118 
GLU H2   H N N 119 
GLU HA   H N N 120 
GLU HB2  H N N 121 
GLU HB3  H N N 122 
GLU HG2  H N N 123 
GLU HG3  H N N 124 
GLU HE2  H N N 125 
GLU HXT  H N N 126 
GLY N    N N N 127 
GLY CA   C N N 128 
GLY C    C N N 129 
GLY O    O N N 130 
GLY OXT  O N N 131 
GLY H    H N N 132 
GLY H2   H N N 133 
GLY HA2  H N N 134 
GLY HA3  H N N 135 
GLY HXT  H N N 136 
HIS N    N N N 137 
HIS CA   C N S 138 
HIS C    C N N 139 
HIS O    O N N 140 
HIS CB   C N N 141 
HIS CG   C Y N 142 
HIS ND1  N Y N 143 
HIS CD2  C Y N 144 
HIS CE1  C Y N 145 
HIS NE2  N Y N 146 
HIS OXT  O N N 147 
HIS H    H N N 148 
HIS H2   H N N 149 
HIS HA   H N N 150 
HIS HB2  H N N 151 
HIS HB3  H N N 152 
HIS HD1  H N N 153 
HIS HD2  H N N 154 
HIS HE1  H N N 155 
HIS HE2  H N N 156 
HIS HXT  H N N 157 
HOH O    O N N 158 
HOH H1   H N N 159 
HOH H2   H N N 160 
ILE N    N N N 161 
ILE CA   C N S 162 
ILE C    C N N 163 
ILE O    O N N 164 
ILE CB   C N S 165 
ILE CG1  C N N 166 
ILE CG2  C N N 167 
ILE CD1  C N N 168 
ILE OXT  O N N 169 
ILE H    H N N 170 
ILE H2   H N N 171 
ILE HA   H N N 172 
ILE HB   H N N 173 
ILE HG12 H N N 174 
ILE HG13 H N N 175 
ILE HG21 H N N 176 
ILE HG22 H N N 177 
ILE HG23 H N N 178 
ILE HD11 H N N 179 
ILE HD12 H N N 180 
ILE HD13 H N N 181 
ILE HXT  H N N 182 
LEU N    N N N 183 
LEU CA   C N S 184 
LEU C    C N N 185 
LEU O    O N N 186 
LEU CB   C N N 187 
LEU CG   C N N 188 
LEU CD1  C N N 189 
LEU CD2  C N N 190 
LEU OXT  O N N 191 
LEU H    H N N 192 
LEU H2   H N N 193 
LEU HA   H N N 194 
LEU HB2  H N N 195 
LEU HB3  H N N 196 
LEU HG   H N N 197 
LEU HD11 H N N 198 
LEU HD12 H N N 199 
LEU HD13 H N N 200 
LEU HD21 H N N 201 
LEU HD22 H N N 202 
LEU HD23 H N N 203 
LEU HXT  H N N 204 
LYS N    N N N 205 
LYS CA   C N S 206 
LYS C    C N N 207 
LYS O    O N N 208 
LYS CB   C N N 209 
LYS CG   C N N 210 
LYS CD   C N N 211 
LYS CE   C N N 212 
LYS NZ   N N N 213 
LYS OXT  O N N 214 
LYS H    H N N 215 
LYS H2   H N N 216 
LYS HA   H N N 217 
LYS HB2  H N N 218 
LYS HB3  H N N 219 
LYS HG2  H N N 220 
LYS HG3  H N N 221 
LYS HD2  H N N 222 
LYS HD3  H N N 223 
LYS HE2  H N N 224 
LYS HE3  H N N 225 
LYS HZ1  H N N 226 
LYS HZ2  H N N 227 
LYS HZ3  H N N 228 
LYS HXT  H N N 229 
MET N    N N N 230 
MET CA   C N S 231 
MET C    C N N 232 
MET O    O N N 233 
MET CB   C N N 234 
MET CG   C N N 235 
MET SD   S N N 236 
MET CE   C N N 237 
MET OXT  O N N 238 
MET H    H N N 239 
MET H2   H N N 240 
MET HA   H N N 241 
MET HB2  H N N 242 
MET HB3  H N N 243 
MET HG2  H N N 244 
MET HG3  H N N 245 
MET HE1  H N N 246 
MET HE2  H N N 247 
MET HE3  H N N 248 
MET HXT  H N N 249 
PRO N    N N N 250 
PRO CA   C N S 251 
PRO C    C N N 252 
PRO O    O N N 253 
PRO CB   C N N 254 
PRO CG   C N N 255 
PRO CD   C N N 256 
PRO OXT  O N N 257 
PRO H    H N N 258 
PRO HA   H N N 259 
PRO HB2  H N N 260 
PRO HB3  H N N 261 
PRO HG2  H N N 262 
PRO HG3  H N N 263 
PRO HD2  H N N 264 
PRO HD3  H N N 265 
PRO HXT  H N N 266 
SER N    N N N 267 
SER CA   C N S 268 
SER C    C N N 269 
SER O    O N N 270 
SER CB   C N N 271 
SER OG   O N N 272 
SER OXT  O N N 273 
SER H    H N N 274 
SER H2   H N N 275 
SER HA   H N N 276 
SER HB2  H N N 277 
SER HB3  H N N 278 
SER HG   H N N 279 
SER HXT  H N N 280 
THR N    N N N 281 
THR CA   C N S 282 
THR C    C N N 283 
THR O    O N N 284 
THR CB   C N R 285 
THR OG1  O N N 286 
THR CG2  C N N 287 
THR OXT  O N N 288 
THR H    H N N 289 
THR H2   H N N 290 
THR HA   H N N 291 
THR HB   H N N 292 
THR HG1  H N N 293 
THR HG21 H N N 294 
THR HG22 H N N 295 
THR HG23 H N N 296 
THR HXT  H N N 297 
TYR N    N N N 298 
TYR CA   C N S 299 
TYR C    C N N 300 
TYR O    O N N 301 
TYR CB   C N N 302 
TYR CG   C Y N 303 
TYR CD1  C Y N 304 
TYR CD2  C Y N 305 
TYR CE1  C Y N 306 
TYR CE2  C Y N 307 
TYR CZ   C Y N 308 
TYR OH   O N N 309 
TYR OXT  O N N 310 
TYR H    H N N 311 
TYR H2   H N N 312 
TYR HA   H N N 313 
TYR HB2  H N N 314 
TYR HB3  H N N 315 
TYR HD1  H N N 316 
TYR HD2  H N N 317 
TYR HE1  H N N 318 
TYR HE2  H N N 319 
TYR HH   H N N 320 
TYR HXT  H N N 321 
VAL N    N N N 322 
VAL CA   C N S 323 
VAL C    C N N 324 
VAL O    O N N 325 
VAL CB   C N N 326 
VAL CG1  C N N 327 
VAL CG2  C N N 328 
VAL OXT  O N N 329 
VAL H    H N N 330 
VAL H2   H N N 331 
VAL HA   H N N 332 
VAL HB   H N N 333 
VAL HG11 H N N 334 
VAL HG12 H N N 335 
VAL HG13 H N N 336 
VAL HG21 H N N 337 
VAL HG22 H N N 338 
VAL HG23 H N N 339 
VAL HXT  H N N 340 
# 
loop_
_chem_comp_bond.comp_id 
_chem_comp_bond.atom_id_1 
_chem_comp_bond.atom_id_2 
_chem_comp_bond.value_order 
_chem_comp_bond.pdbx_aromatic_flag 
_chem_comp_bond.pdbx_stereo_config 
_chem_comp_bond.pdbx_ordinal 
ALA N   CA   sing N N 1   
ALA N   H    sing N N 2   
ALA N   H2   sing N N 3   
ALA CA  C    sing N N 4   
ALA CA  CB   sing N N 5   
ALA CA  HA   sing N N 6   
ALA C   O    doub N N 7   
ALA C   OXT  sing N N 8   
ALA CB  HB1  sing N N 9   
ALA CB  HB2  sing N N 10  
ALA CB  HB3  sing N N 11  
ALA OXT HXT  sing N N 12  
ARG N   CA   sing N N 13  
ARG N   H    sing N N 14  
ARG N   H2   sing N N 15  
ARG CA  C    sing N N 16  
ARG CA  CB   sing N N 17  
ARG CA  HA   sing N N 18  
ARG C   O    doub N N 19  
ARG C   OXT  sing N N 20  
ARG CB  CG   sing N N 21  
ARG CB  HB2  sing N N 22  
ARG CB  HB3  sing N N 23  
ARG CG  CD   sing N N 24  
ARG CG  HG2  sing N N 25  
ARG CG  HG3  sing N N 26  
ARG CD  NE   sing N N 27  
ARG CD  HD2  sing N N 28  
ARG CD  HD3  sing N N 29  
ARG NE  CZ   sing N N 30  
ARG NE  HE   sing N N 31  
ARG CZ  NH1  sing N N 32  
ARG CZ  NH2  doub N N 33  
ARG NH1 HH11 sing N N 34  
ARG NH1 HH12 sing N N 35  
ARG NH2 HH21 sing N N 36  
ARG NH2 HH22 sing N N 37  
ARG OXT HXT  sing N N 38  
ASN N   CA   sing N N 39  
ASN N   H    sing N N 40  
ASN N   H2   sing N N 41  
ASN CA  C    sing N N 42  
ASN CA  CB   sing N N 43  
ASN CA  HA   sing N N 44  
ASN C   O    doub N N 45  
ASN C   OXT  sing N N 46  
ASN CB  CG   sing N N 47  
ASN CB  HB2  sing N N 48  
ASN CB  HB3  sing N N 49  
ASN CG  OD1  doub N N 50  
ASN CG  ND2  sing N N 51  
ASN ND2 HD21 sing N N 52  
ASN ND2 HD22 sing N N 53  
ASN OXT HXT  sing N N 54  
ASP N   CA   sing N N 55  
ASP N   H    sing N N 56  
ASP N   H2   sing N N 57  
ASP CA  C    sing N N 58  
ASP CA  CB   sing N N 59  
ASP CA  HA   sing N N 60  
ASP C   O    doub N N 61  
ASP C   OXT  sing N N 62  
ASP CB  CG   sing N N 63  
ASP CB  HB2  sing N N 64  
ASP CB  HB3  sing N N 65  
ASP CG  OD1  doub N N 66  
ASP CG  OD2  sing N N 67  
ASP OD2 HD2  sing N N 68  
ASP OXT HXT  sing N N 69  
CYS N   CA   sing N N 70  
CYS N   H    sing N N 71  
CYS N   H2   sing N N 72  
CYS CA  C    sing N N 73  
CYS CA  CB   sing N N 74  
CYS CA  HA   sing N N 75  
CYS C   O    doub N N 76  
CYS C   OXT  sing N N 77  
CYS CB  SG   sing N N 78  
CYS CB  HB2  sing N N 79  
CYS CB  HB3  sing N N 80  
CYS SG  HG   sing N N 81  
CYS OXT HXT  sing N N 82  
GLN N   CA   sing N N 83  
GLN N   H    sing N N 84  
GLN N   H2   sing N N 85  
GLN CA  C    sing N N 86  
GLN CA  CB   sing N N 87  
GLN CA  HA   sing N N 88  
GLN C   O    doub N N 89  
GLN C   OXT  sing N N 90  
GLN CB  CG   sing N N 91  
GLN CB  HB2  sing N N 92  
GLN CB  HB3  sing N N 93  
GLN CG  CD   sing N N 94  
GLN CG  HG2  sing N N 95  
GLN CG  HG3  sing N N 96  
GLN CD  OE1  doub N N 97  
GLN CD  NE2  sing N N 98  
GLN NE2 HE21 sing N N 99  
GLN NE2 HE22 sing N N 100 
GLN OXT HXT  sing N N 101 
GLU N   CA   sing N N 102 
GLU N   H    sing N N 103 
GLU N   H2   sing N N 104 
GLU CA  C    sing N N 105 
GLU CA  CB   sing N N 106 
GLU CA  HA   sing N N 107 
GLU C   O    doub N N 108 
GLU C   OXT  sing N N 109 
GLU CB  CG   sing N N 110 
GLU CB  HB2  sing N N 111 
GLU CB  HB3  sing N N 112 
GLU CG  CD   sing N N 113 
GLU CG  HG2  sing N N 114 
GLU CG  HG3  sing N N 115 
GLU CD  OE1  doub N N 116 
GLU CD  OE2  sing N N 117 
GLU OE2 HE2  sing N N 118 
GLU OXT HXT  sing N N 119 
GLY N   CA   sing N N 120 
GLY N   H    sing N N 121 
GLY N   H2   sing N N 122 
GLY CA  C    sing N N 123 
GLY CA  HA2  sing N N 124 
GLY CA  HA3  sing N N 125 
GLY C   O    doub N N 126 
GLY C   OXT  sing N N 127 
GLY OXT HXT  sing N N 128 
HIS N   CA   sing N N 129 
HIS N   H    sing N N 130 
HIS N   H2   sing N N 131 
HIS CA  C    sing N N 132 
HIS CA  CB   sing N N 133 
HIS CA  HA   sing N N 134 
HIS C   O    doub N N 135 
HIS C   OXT  sing N N 136 
HIS CB  CG   sing N N 137 
HIS CB  HB2  sing N N 138 
HIS CB  HB3  sing N N 139 
HIS CG  ND1  sing Y N 140 
HIS CG  CD2  doub Y N 141 
HIS ND1 CE1  doub Y N 142 
HIS ND1 HD1  sing N N 143 
HIS CD2 NE2  sing Y N 144 
HIS CD2 HD2  sing N N 145 
HIS CE1 NE2  sing Y N 146 
HIS CE1 HE1  sing N N 147 
HIS NE2 HE2  sing N N 148 
HIS OXT HXT  sing N N 149 
HOH O   H1   sing N N 150 
HOH O   H2   sing N N 151 
ILE N   CA   sing N N 152 
ILE N   H    sing N N 153 
ILE N   H2   sing N N 154 
ILE CA  C    sing N N 155 
ILE CA  CB   sing N N 156 
ILE CA  HA   sing N N 157 
ILE C   O    doub N N 158 
ILE C   OXT  sing N N 159 
ILE CB  CG1  sing N N 160 
ILE CB  CG2  sing N N 161 
ILE CB  HB   sing N N 162 
ILE CG1 CD1  sing N N 163 
ILE CG1 HG12 sing N N 164 
ILE CG1 HG13 sing N N 165 
ILE CG2 HG21 sing N N 166 
ILE CG2 HG22 sing N N 167 
ILE CG2 HG23 sing N N 168 
ILE CD1 HD11 sing N N 169 
ILE CD1 HD12 sing N N 170 
ILE CD1 HD13 sing N N 171 
ILE OXT HXT  sing N N 172 
LEU N   CA   sing N N 173 
LEU N   H    sing N N 174 
LEU N   H2   sing N N 175 
LEU CA  C    sing N N 176 
LEU CA  CB   sing N N 177 
LEU CA  HA   sing N N 178 
LEU C   O    doub N N 179 
LEU C   OXT  sing N N 180 
LEU CB  CG   sing N N 181 
LEU CB  HB2  sing N N 182 
LEU CB  HB3  sing N N 183 
LEU CG  CD1  sing N N 184 
LEU CG  CD2  sing N N 185 
LEU CG  HG   sing N N 186 
LEU CD1 HD11 sing N N 187 
LEU CD1 HD12 sing N N 188 
LEU CD1 HD13 sing N N 189 
LEU CD2 HD21 sing N N 190 
LEU CD2 HD22 sing N N 191 
LEU CD2 HD23 sing N N 192 
LEU OXT HXT  sing N N 193 
LYS N   CA   sing N N 194 
LYS N   H    sing N N 195 
LYS N   H2   sing N N 196 
LYS CA  C    sing N N 197 
LYS CA  CB   sing N N 198 
LYS CA  HA   sing N N 199 
LYS C   O    doub N N 200 
LYS C   OXT  sing N N 201 
LYS CB  CG   sing N N 202 
LYS CB  HB2  sing N N 203 
LYS CB  HB3  sing N N 204 
LYS CG  CD   sing N N 205 
LYS CG  HG2  sing N N 206 
LYS CG  HG3  sing N N 207 
LYS CD  CE   sing N N 208 
LYS CD  HD2  sing N N 209 
LYS CD  HD3  sing N N 210 
LYS CE  NZ   sing N N 211 
LYS CE  HE2  sing N N 212 
LYS CE  HE3  sing N N 213 
LYS NZ  HZ1  sing N N 214 
LYS NZ  HZ2  sing N N 215 
LYS NZ  HZ3  sing N N 216 
LYS OXT HXT  sing N N 217 
MET N   CA   sing N N 218 
MET N   H    sing N N 219 
MET N   H2   sing N N 220 
MET CA  C    sing N N 221 
MET CA  CB   sing N N 222 
MET CA  HA   sing N N 223 
MET C   O    doub N N 224 
MET C   OXT  sing N N 225 
MET CB  CG   sing N N 226 
MET CB  HB2  sing N N 227 
MET CB  HB3  sing N N 228 
MET CG  SD   sing N N 229 
MET CG  HG2  sing N N 230 
MET CG  HG3  sing N N 231 
MET SD  CE   sing N N 232 
MET CE  HE1  sing N N 233 
MET CE  HE2  sing N N 234 
MET CE  HE3  sing N N 235 
MET OXT HXT  sing N N 236 
PRO N   CA   sing N N 237 
PRO N   CD   sing N N 238 
PRO N   H    sing N N 239 
PRO CA  C    sing N N 240 
PRO CA  CB   sing N N 241 
PRO CA  HA   sing N N 242 
PRO C   O    doub N N 243 
PRO C   OXT  sing N N 244 
PRO CB  CG   sing N N 245 
PRO CB  HB2  sing N N 246 
PRO CB  HB3  sing N N 247 
PRO CG  CD   sing N N 248 
PRO CG  HG2  sing N N 249 
PRO CG  HG3  sing N N 250 
PRO CD  HD2  sing N N 251 
PRO CD  HD3  sing N N 252 
PRO OXT HXT  sing N N 253 
SER N   CA   sing N N 254 
SER N   H    sing N N 255 
SER N   H2   sing N N 256 
SER CA  C    sing N N 257 
SER CA  CB   sing N N 258 
SER CA  HA   sing N N 259 
SER C   O    doub N N 260 
SER C   OXT  sing N N 261 
SER CB  OG   sing N N 262 
SER CB  HB2  sing N N 263 
SER CB  HB3  sing N N 264 
SER OG  HG   sing N N 265 
SER OXT HXT  sing N N 266 
THR N   CA   sing N N 267 
THR N   H    sing N N 268 
THR N   H2   sing N N 269 
THR CA  C    sing N N 270 
THR CA  CB   sing N N 271 
THR CA  HA   sing N N 272 
THR C   O    doub N N 273 
THR C   OXT  sing N N 274 
THR CB  OG1  sing N N 275 
THR CB  CG2  sing N N 276 
THR CB  HB   sing N N 277 
THR OG1 HG1  sing N N 278 
THR CG2 HG21 sing N N 279 
THR CG2 HG22 sing N N 280 
THR CG2 HG23 sing N N 281 
THR OXT HXT  sing N N 282 
TYR N   CA   sing N N 283 
TYR N   H    sing N N 284 
TYR N   H2   sing N N 285 
TYR CA  C    sing N N 286 
TYR CA  CB   sing N N 287 
TYR CA  HA   sing N N 288 
TYR C   O    doub N N 289 
TYR C   OXT  sing N N 290 
TYR CB  CG   sing N N 291 
TYR CB  HB2  sing N N 292 
TYR CB  HB3  sing N N 293 
TYR CG  CD1  doub Y N 294 
TYR CG  CD2  sing Y N 295 
TYR CD1 CE1  sing Y N 296 
TYR CD1 HD1  sing N N 297 
TYR CD2 CE2  doub Y N 298 
TYR CD2 HD2  sing N N 299 
TYR CE1 CZ   doub Y N 300 
TYR CE1 HE1  sing N N 301 
TYR CE2 CZ   sing Y N 302 
TYR CE2 HE2  sing N N 303 
TYR CZ  OH   sing N N 304 
TYR OH  HH   sing N N 305 
TYR OXT HXT  sing N N 306 
VAL N   CA   sing N N 307 
VAL N   H    sing N N 308 
VAL N   H2   sing N N 309 
VAL CA  C    sing N N 310 
VAL CA  CB   sing N N 311 
VAL CA  HA   sing N N 312 
VAL C   O    doub N N 313 
VAL C   OXT  sing N N 314 
VAL CB  CG1  sing N N 315 
VAL CB  CG2  sing N N 316 
VAL CB  HB   sing N N 317 
VAL CG1 HG11 sing N N 318 
VAL CG1 HG12 sing N N 319 
VAL CG1 HG13 sing N N 320 
VAL CG2 HG21 sing N N 321 
VAL CG2 HG22 sing N N 322 
VAL CG2 HG23 sing N N 323 
VAL OXT HXT  sing N N 324 
# 
_pdbx_initial_refinement_model.id               1 
_pdbx_initial_refinement_model.entity_id_list   ? 
_pdbx_initial_refinement_model.type             'experimental model' 
_pdbx_initial_refinement_model.source_name      PDB 
_pdbx_initial_refinement_model.accession_code   3VPV 
_pdbx_initial_refinement_model.details          'PDB ENTRY 3VPV' 
# 
_atom_sites.entry_id                    4C18 
_atom_sites.fract_transf_matrix[1][1]   -0.01497754 
_atom_sites.fract_transf_matrix[1][2]   0.01144921 
_atom_sites.fract_transf_matrix[1][3]   -0.03065051 
_atom_sites.fract_transf_matrix[2][1]   -0.01680939 
_atom_sites.fract_transf_matrix[2][2]   0.01949277 
_atom_sites.fract_transf_matrix[2][3]   0.01320734 
_atom_sites.fract_transf_matrix[3][1]   0.01321869 
_atom_sites.fract_transf_matrix[3][2]   0.02448246 
_atom_sites.fract_transf_matrix[3][3]   -0.00081417 
_atom_sites.fract_transf_vector[1]      -2.558716 
_atom_sites.fract_transf_vector[2]      16.344682 
_atom_sites.fract_transf_vector[3]      -8.401548 
# 
loop_
_atom_type.symbol 
C 
N 
O 
S 
# 
loop_
_atom_site.group_PDB 
_atom_site.id 
_atom_site.type_symbol 
_atom_site.label_atom_id 
_atom_site.label_alt_id 
_atom_site.label_comp_id 
_atom_site.label_asym_id 
_atom_site.label_entity_id 
_atom_site.label_seq_id 
_atom_site.pdbx_PDB_ins_code 
_atom_site.Cartn_x 
_atom_site.Cartn_y 
_atom_site.Cartn_z 
_atom_site.occupancy 
_atom_site.B_iso_or_equiv 
_atom_site.pdbx_formal_charge 
_atom_site.auth_seq_id 
_atom_site.auth_comp_id 
_atom_site.auth_asym_id 
_atom_site.auth_atom_id 
_atom_site.pdbx_PDB_model_num 
ATOM   1    N N   . MET A 1 21 ? -17.391 -0.097  4.797   1.00 35.16 ? 0    MET A N   1 
ATOM   2    C CA  . MET A 1 21 ? -17.292 1.000   5.826   1.00 30.10 ? 0    MET A CA  1 
ATOM   3    C C   . MET A 1 21 ? -16.406 0.899   7.093   1.00 22.35 ? 0    MET A C   1 
ATOM   4    O O   . MET A 1 21 ? -16.143 1.989   7.657   1.00 22.30 ? 0    MET A O   1 
ATOM   5    C CB  . MET A 1 21 ? -18.648 1.555   6.262   1.00 24.65 ? 0    MET A CB  1 
ATOM   6    N N   . MET A 1 22 ? -15.897 -0.277  7.480   1.00 22.22 ? 1    MET A N   1 
ATOM   7    C CA  . MET A 1 22 ? -14.905 -0.337  8.588   1.00 19.71 ? 1    MET A CA  1 
ATOM   8    C C   . MET A 1 22 ? -13.685 0.607   8.328   1.00 18.13 ? 1    MET A C   1 
ATOM   9    O O   . MET A 1 22 ? -13.238 0.737   7.187   1.00 19.63 ? 1    MET A O   1 
ATOM   10   C CB  . MET A 1 22 ? -14.409 -1.817  8.830   1.00 21.46 ? 1    MET A CB  1 
ATOM   11   C CG  . MET A 1 22 ? -13.797 -2.502  7.619   1.00 23.15 ? 1    MET A CG  1 
ATOM   12   S SD  . MET A 1 22 ? -13.279 -4.226  7.793   1.00 22.99 ? 1    MET A SD  1 
ATOM   13   C CE  . MET A 1 22 ? -11.676 -3.895  8.502   1.00 25.48 ? 1    MET A CE  1 
ATOM   14   N N   . ASN A 1 23 ? -13.120 1.048   9.412   1.00 16.76 ? 2    ASN A N   1 
ATOM   15   C CA  . ASN A 1 23 ? -11.831 1.748   9.346   1.00 18.44 ? 2    ASN A CA  1 
ATOM   16   C C   . ASN A 1 23 ? -10.732 0.701   9.125   1.00 19.73 ? 2    ASN A C   1 
ATOM   17   O O   . ASN A 1 23 ? -10.917 -0.484  9.365   1.00 20.77 ? 2    ASN A O   1 
ATOM   18   C CB  . ASN A 1 23 ? -11.546 2.508   10.622  1.00 19.20 ? 2    ASN A CB  1 
ATOM   19   C CG  . ASN A 1 23 ? -12.292 3.860   10.721  1.00 19.63 ? 2    ASN A CG  1 
ATOM   20   O OD1 . ASN A 1 23 ? -12.895 4.354   9.734   1.00 19.81 ? 2    ASN A OD1 1 
ATOM   21   N ND2 . ASN A 1 23 ? -12.149 4.501   11.836  1.00 21.79 ? 2    ASN A ND2 1 
ATOM   22   N N   . LEU A 1 24 ? -9.560  1.116   8.654   1.00 16.79 ? 3    LEU A N   1 
ATOM   23   C CA  . LEU A 1 24 ? -8.349  0.308   8.719   1.00 14.92 ? 3    LEU A CA  1 
ATOM   24   C C   . LEU A 1 24 ? -7.607  0.588   10.004  1.00 15.50 ? 3    LEU A C   1 
ATOM   25   O O   . LEU A 1 24 ? -7.651  1.748   10.525  1.00 17.86 ? 3    LEU A O   1 
ATOM   26   C CB  . LEU A 1 24 ? -7.405  0.566   7.520   1.00 15.62 ? 3    LEU A CB  1 
ATOM   27   C CG  . LEU A 1 24 ? -7.893  0.146   6.140   1.00 17.74 ? 3    LEU A CG  1 
ATOM   28   C CD1 . LEU A 1 24 ? -6.971  0.627   5.032   1.00 18.61 ? 3    LEU A CD1 1 
ATOM   29   C CD2 . LEU A 1 24 ? -8.101  -1.375  6.036   1.00 17.80 ? 3    LEU A CD2 1 
ATOM   30   N N   . LYS A 1 25 ? -6.853  -0.400  10.471  1.00 16.38 ? 4    LYS A N   1 
ATOM   31   C CA  . LYS A 1 25 ? -6.023  -0.203  11.658  1.00 16.56 ? 4    LYS A CA  1 
ATOM   32   C C   . LYS A 1 25 ? -4.884  0.807   11.332  1.00 15.20 ? 4    LYS A C   1 
ATOM   33   O O   . LYS A 1 25 ? -4.378  0.751   10.225  1.00 16.80 ? 4    LYS A O   1 
ATOM   34   C CB  . LYS A 1 25 ? -5.430  -1.510  12.066  1.00 17.34 ? 4    LYS A CB  1 
ATOM   35   C CG  . LYS A 1 25 ? -6.432  -2.544  12.550  1.00 17.77 ? 4    LYS A CG  1 
ATOM   36   C CD  . LYS A 1 25 ? -5.823  -3.855  12.786  1.00 20.35 ? 4    LYS A CD  1 
ATOM   37   C CE  . LYS A 1 25 ? -6.858  -4.736  13.500  1.00 25.34 ? 4    LYS A CE  1 
ATOM   38   N NZ  . LYS A 1 25 ? -6.211  -5.844  14.287  1.00 31.29 ? 4    LYS A NZ  1 
ATOM   39   N N   . PRO A 1 26 ? -4.487  1.632   12.321  1.00 16.52 ? 5    PRO A N   1 
ATOM   40   C CA  . PRO A 1 26 ? -3.330  2.536   12.083  1.00 16.44 ? 5    PRO A CA  1 
ATOM   41   C C   . PRO A 1 26 ? -2.056  1.784   11.555  1.00 17.63 ? 5    PRO A C   1 
ATOM   42   O O   . PRO A 1 26 ? -1.333  2.275   10.702  1.00 16.97 ? 5    PRO A O   1 
ATOM   43   C CB  . PRO A 1 26 ? -3.119  3.144   13.449  1.00 19.10 ? 5    PRO A CB  1 
ATOM   44   C CG  . PRO A 1 26 ? -4.527  3.305   13.987  1.00 16.77 ? 5    PRO A CG  1 
ATOM   45   C CD  . PRO A 1 26 ? -5.203  1.981   13.570  1.00 17.07 ? 5    PRO A CD  1 
ATOM   46   N N   . GLN A 1 27 ? -1.755  0.572   12.026  1.00 15.69 ? 6    GLN A N   1 
ATOM   47   C CA  . GLN A 1 27 ? -0.624  -0.167  11.552  1.00 16.46 ? 6    GLN A CA  1 
ATOM   48   C C   . GLN A 1 27 ? -0.717  -0.467  10.030  1.00 16.82 ? 6    GLN A C   1 
ATOM   49   O O   . GLN A 1 27 ? 0.246   -0.350  9.248   1.00 18.53 ? 6    GLN A O   1 
ATOM   50   C CB  . GLN A 1 27 ? -0.556  -1.502  12.373  1.00 18.43 ? 6    GLN A CB  1 
ATOM   51   C CG  . GLN A 1 27 ? -0.108  -1.313  13.812  1.00 22.18 ? 6    GLN A CG  1 
ATOM   52   C CD  . GLN A 1 27 ? 1.316   -0.710  13.965  1.00 21.23 ? 6    GLN A CD  1 
ATOM   53   O OE1 . GLN A 1 27 ? 2.195   -0.965  13.148  1.00 23.46 ? 6    GLN A OE1 1 
ATOM   54   N NE2 . GLN A 1 27 ? 1.537   0.003   15.063  1.00 23.96 ? 6    GLN A NE2 1 
ATOM   55   N N   . THR A 1 28 ? -1.936  -0.822  9.605   1.00 14.67 ? 7    THR A N   1 
ATOM   56   C CA  . THR A 1 28 ? -2.238  -1.060  8.190   1.00 15.41 ? 7    THR A CA  1 
ATOM   57   C C   . THR A 1 28 ? -1.991  0.226   7.360   1.00 14.64 ? 7    THR A C   1 
ATOM   58   O O   . THR A 1 28 ? -1.440  0.139   6.268   1.00 13.79 ? 7    THR A O   1 
ATOM   59   C CB  . THR A 1 28 ? -3.650  -1.537  7.970   1.00 16.19 ? 7    THR A CB  1 
ATOM   60   O OG1 . THR A 1 28 ? -3.841  -2.737  8.756   1.00 15.99 ? 7    THR A OG1 1 
ATOM   61   C CG2 . THR A 1 28 ? -3.978  -1.855  6.543   1.00 18.72 ? 7    THR A CG2 1 
ATOM   62   N N   . LEU A 1 29 ? -2.451  1.370   7.892   1.00 17.94 ? 8    LEU A N   1 
ATOM   63   C CA  . LEU A 1 29 ? -2.309  2.622   7.178   1.00 18.10 ? 8    LEU A CA  1 
ATOM   64   C C   . LEU A 1 29 ? -0.846  2.970   7.001   1.00 17.67 ? 8    LEU A C   1 
ATOM   65   O O   . LEU A 1 29 ? -0.439  3.373   5.897   1.00 16.91 ? 8    LEU A O   1 
ATOM   66   C CB  . LEU A 1 29 ? -3.002  3.750   7.866   1.00 18.86 ? 8    LEU A CB  1 
ATOM   67   C CG  . LEU A 1 29 ? -4.536  3.719   7.883   1.00 18.24 ? 8    LEU A CG  1 
ATOM   68   C CD1 . LEU A 1 29 ? -5.098  4.938   8.621   1.00 19.46 ? 8    LEU A CD1 1 
ATOM   69   C CD2 . LEU A 1 29 ? -5.146  3.640   6.492   1.00 17.74 ? 8    LEU A CD2 1 
ATOM   70   N N   . MET A 1 30 ? -0.026  2.714   8.029   1.00 16.85 ? 9    MET A N   1 
ATOM   71   C CA  . MET A 1 30 ? 1.441   3.010   7.851   1.00 16.20 ? 9    MET A CA  1 
ATOM   72   C C   . MET A 1 30 ? 2.068   2.140   6.768   1.00 16.99 ? 9    MET A C   1 
ATOM   73   O O   . MET A 1 30 ? 2.863   2.601   5.947   1.00 19.08 ? 9    MET A O   1 
ATOM   74   C CB  . MET A 1 30 ? 2.226   2.814   9.143   1.00 15.87 ? 9    MET A CB  1 
ATOM   75   C CG  . MET A 1 30 ? 1.975   3.954   10.162  1.00 17.78 ? 9    MET A CG  1 
ATOM   76   S SD  . MET A 1 30 ? 2.978   3.927   11.713  1.00 20.70 ? 9    MET A SD  1 
ATOM   77   C CE  . MET A 1 30 ? 2.244   2.473   12.443  1.00 18.99 ? 9    MET A CE  1 
ATOM   78   N N   . VAL A 1 31 ? 1.751   0.845   6.774   1.00 15.18 ? 10   VAL A N   1 
ATOM   79   C CA  . VAL A 1 31 ? 2.304   -0.090  5.786   1.00 14.35 ? 10   VAL A CA  1 
ATOM   80   C C   . VAL A 1 31 ? 1.878   0.357   4.389   1.00 16.02 ? 10   VAL A C   1 
ATOM   81   O O   . VAL A 1 31 ? 2.666   0.453   3.465   1.00 15.69 ? 10   VAL A O   1 
ATOM   82   C CB  . VAL A 1 31 ? 1.789   -1.565  6.084   1.00 15.81 ? 10   VAL A CB  1 
ATOM   83   C CG1 . VAL A 1 31 ? 2.126   -2.475  4.967   1.00 18.29 ? 10   VAL A CG1 1 
ATOM   84   C CG2 . VAL A 1 31 ? 2.500   -2.067  7.357   1.00 17.86 ? 10   VAL A CG2 1 
ATOM   85   N N   . ALA A 1 32 ? 0.564   0.609   4.196   1.00 15.33 ? 11   ALA A N   1 
ATOM   86   C CA  . ALA A 1 32 ? 0.032   1.013   2.866   1.00 15.44 ? 11   ALA A CA  1 
ATOM   87   C C   . ALA A 1 32 ? 0.707   2.337   2.369   1.00 16.19 ? 11   ALA A C   1 
ATOM   88   O O   . ALA A 1 32 ? 1.073   2.404   1.218   1.00 17.93 ? 11   ALA A O   1 
ATOM   89   C CB  . ALA A 1 32 ? -1.484  1.191   2.926   1.00 17.37 ? 11   ALA A CB  1 
ATOM   90   N N   . ILE A 1 33 ? 0.733   3.332   3.242   1.00 16.08 ? 12   ILE A N   1 
ATOM   91   C CA  . ILE A 1 33 ? 1.312   4.687   2.897   1.00 15.44 ? 12   ILE A CA  1 
ATOM   92   C C   . ILE A 1 33 ? 2.770   4.504   2.441   1.00 17.15 ? 12   ILE A C   1 
ATOM   93   O O   . ILE A 1 33 ? 3.152   5.024   1.404   1.00 16.85 ? 12   ILE A O   1 
ATOM   94   C CB  . ILE A 1 33 ? 1.224   5.650   4.059   1.00 14.29 ? 12   ILE A CB  1 
ATOM   95   C CG1 . ILE A 1 33 ? -0.178  6.181   4.232   1.00 15.03 ? 12   ILE A CG1 1 
ATOM   96   C CG2 . ILE A 1 33 ? 2.193   6.818   3.842   1.00 14.33 ? 12   ILE A CG2 1 
ATOM   97   C CD1 . ILE A 1 33 ? -0.462  6.777   5.546   1.00 15.65 ? 12   ILE A CD1 1 
ATOM   98   N N   . GLN A 1 34 ? 3.569   3.710   3.188   1.00 16.07 ? 13   GLN A N   1 
ATOM   99   C CA  . GLN A 1 34 ? 4.958   3.532   2.822   1.00 16.76 ? 13   GLN A CA  1 
ATOM   100  C C   . GLN A 1 34 ? 5.114   2.760   1.505   1.00 17.67 ? 13   GLN A C   1 
ATOM   101  O O   . GLN A 1 34 ? 5.923   3.036   0.632   1.00 19.96 ? 13   GLN A O   1 
ATOM   102  C CB  . GLN A 1 34 ? 5.729   2.855   3.944   1.00 21.00 ? 13   GLN A CB  1 
ATOM   103  C CG  . GLN A 1 34 ? 5.939   3.697   5.194   1.00 22.18 ? 13   GLN A CG  1 
ATOM   104  C CD  . GLN A 1 34 ? 6.474   2.846   6.357   1.00 25.89 ? 13   GLN A CD  1 
ATOM   105  O OE1 . GLN A 1 34 ? 5.936   1.766   6.644   1.00 36.14 ? 13   GLN A OE1 1 
ATOM   106  N NE2 . GLN A 1 34 ? 7.528   3.284   6.962   1.00 32.35 ? 13   GLN A NE2 1 
ATOM   107  N N   . CYS A 1 35 ? 4.281   1.708   1.336   1.00 17.27 ? 14   CYS A N   1 
ATOM   108  C CA  . CYS A 1 35 ? 4.289   0.953   0.127   1.00 19.72 ? 14   CYS A CA  1 
ATOM   109  C C   . CYS A 1 35 ? 3.953   1.763   -1.125  1.00 18.02 ? 14   CYS A C   1 
ATOM   110  O O   . CYS A 1 35 ? 4.650   1.696   -2.143  1.00 20.93 ? 14   CYS A O   1 
ATOM   111  C CB  . CYS A 1 35 ? 3.274   -0.198  0.267   1.00 24.14 ? 14   CYS A CB  1 
ATOM   112  S SG  . CYS A 1 35 ? 3.328   -1.475  -1.057  1.00 30.61 ? 14   CYS A SG  1 
ATOM   113  N N   . VAL A 1 36 ? 2.889   2.539   -1.088  1.00 18.28 ? 15   VAL A N   1 
ATOM   114  C CA  . VAL A 1 36 ? 2.454   3.329   -2.281  1.00 17.26 ? 15   VAL A CA  1 
ATOM   115  C C   . VAL A 1 36 ? 3.493   4.444   -2.561  1.00 16.91 ? 15   VAL A C   1 
ATOM   116  O O   . VAL A 1 36 ? 3.743   4.754   -3.727  1.00 19.54 ? 15   VAL A O   1 
ATOM   117  C CB  . VAL A 1 36 ? 1.055   3.953   -2.042  1.00 18.19 ? 15   VAL A CB  1 
ATOM   118  C CG1 . VAL A 1 36 ? 0.708   5.031   -3.090  1.00 19.61 ? 15   VAL A CG1 1 
ATOM   119  C CG2 . VAL A 1 36 ? -0.003  2.813   -2.065  1.00 18.04 ? 15   VAL A CG2 1 
ATOM   120  N N   . ALA A 1 37 ? 4.087   4.994   -1.520  1.00 17.67 ? 16   ALA A N   1 
ATOM   121  C CA  . ALA A 1 37 ? 5.114   6.085   -1.733  1.00 17.41 ? 16   ALA A CA  1 
ATOM   122  C C   . ALA A 1 37 ? 6.294   5.479   -2.452  1.00 20.85 ? 16   ALA A C   1 
ATOM   123  O O   . ALA A 1 37 ? 6.889   6.140   -3.319  1.00 20.56 ? 16   ALA A O   1 
ATOM   124  C CB  . ALA A 1 37 ? 5.548   6.672   -0.419  1.00 17.95 ? 16   ALA A CB  1 
ATOM   125  N N   . ALA A 1 38 ? 6.703   4.274   -2.067  1.00 20.18 ? 17   ALA A N   1 
ATOM   126  C CA  . ALA A 1 38 ? 7.842   3.628   -2.715  1.00 20.39 ? 17   ALA A CA  1 
ATOM   127  C C   . ALA A 1 38 ? 7.517   3.272   -4.128  1.00 24.01 ? 17   ALA A C   1 
ATOM   128  O O   . ALA A 1 38 ? 8.335   3.459   -5.032  1.00 25.17 ? 17   ALA A O   1 
ATOM   129  C CB  . ALA A 1 38 ? 8.256   2.403   -1.948  1.00 23.71 ? 17   ALA A CB  1 
ATOM   130  N N   . ARG A 1 39 ? 6.308   2.759   -4.372  1.00 21.05 ? 18   ARG A N   1 
ATOM   131  C CA  . ARG A 1 39 ? 5.959   2.397   -5.742  1.00 24.66 ? 18   ARG A CA  1 
ATOM   132  C C   . ARG A 1 39 ? 5.901   3.615   -6.641  1.00 24.58 ? 18   ARG A C   1 
ATOM   133  O O   . ARG A 1 39 ? 6.260   3.571   -7.838  1.00 24.30 ? 18   ARG A O   1 
ATOM   134  C CB  . ARG A 1 39 ? 4.656   1.552   -5.784  1.00 28.53 ? 18   ARG A CB  1 
ATOM   135  C CG  . ARG A 1 39 ? 4.771   0.366   -6.726  1.00 33.69 ? 18   ARG A CG  1 
ATOM   136  C CD  . ARG A 1 39 ? 3.395   -0.216  -6.943  1.00 39.23 ? 18   ARG A CD  1 
ATOM   137  N NE  . ARG A 1 39 ? 3.357   -1.659  -6.835  1.00 43.80 ? 18   ARG A NE  1 
ATOM   138  C CZ  . ARG A 1 39 ? 2.226   -2.350  -6.871  1.00 48.63 ? 18   ARG A CZ  1 
ATOM   139  N NH1 . ARG A 1 39 ? 1.054   -1.738  -7.007  1.00 48.70 ? 18   ARG A NH1 1 
ATOM   140  N NH2 . ARG A 1 39 ? 2.267   -3.661  -6.756  1.00 58.19 ? 18   ARG A NH2 1 
ATOM   141  N N   . THR A 1 40 ? 5.450   4.714   -6.092  1.00 25.15 ? 19   THR A N   1 
ATOM   142  C CA  . THR A 1 40 ? 5.387   5.995   -6.797  1.00 23.91 ? 19   THR A CA  1 
ATOM   143  C C   . THR A 1 40 ? 6.783   6.515   -7.190  1.00 25.42 ? 19   THR A C   1 
ATOM   144  O O   . THR A 1 40 ? 7.004   6.928   -8.344  1.00 26.41 ? 19   THR A O   1 
ATOM   145  C CB  . THR A 1 40 ? 4.663   7.034   -5.938  1.00 24.85 ? 19   THR A CB  1 
ATOM   146  O OG1 . THR A 1 40 ? 3.327   6.537   -5.690  1.00 24.67 ? 19   THR A OG1 1 
ATOM   147  C CG2 . THR A 1 40 ? 4.621   8.331   -6.633  1.00 24.18 ? 19   THR A CG2 1 
ATOM   148  N N   . ARG A 1 41 ? 7.711   6.459   -6.249  1.00 26.36 ? 20   ARG A N   1 
ATOM   149  C CA  . ARG A 1 41 ? 9.132   6.873   -6.535  1.00 28.94 ? 20   ARG A CA  1 
ATOM   150  C C   . ARG A 1 41 ? 9.793   5.934   -7.586  1.00 28.12 ? 20   ARG A C   1 
ATOM   151  O O   . ARG A 1 41 ? 10.559  6.428   -8.437  1.00 26.55 ? 20   ARG A O   1 
ATOM   152  C CB  . ARG A 1 41 ? 9.981   6.984   -5.246  1.00 32.44 ? 20   ARG A CB  1 
ATOM   153  C CG  . ARG A 1 41 ? 9.779   8.299   -4.490  1.00 36.18 ? 20   ARG A CG  1 
ATOM   154  C CD  . ARG A 1 41 ? 10.686  8.412   -3.256  1.00 39.05 ? 20   ARG A CD  1 
ATOM   155  N NE  . ARG A 1 41 ? 10.610  7.188   -2.458  1.00 40.94 ? 20   ARG A NE  1 
ATOM   156  C CZ  . ARG A 1 41 ? 9.934   7.042   -1.327  1.00 39.06 ? 20   ARG A CZ  1 
ATOM   157  N NH1 . ARG A 1 41 ? 9.264   8.078   -0.787  1.00 34.68 ? 20   ARG A NH1 1 
ATOM   158  N NH2 . ARG A 1 41 ? 9.921   5.834   -0.752  1.00 32.00 ? 20   ARG A NH2 1 
ATOM   159  N N   . GLU A 1 42 ? 9.415   4.650   -7.591  1.00 28.31 ? 21   GLU A N   1 
ATOM   160  C CA  . GLU A 1 42 ? 9.902   3.617   -8.545  1.00 28.63 ? 21   GLU A CA  1 
ATOM   161  C C   . GLU A 1 42 ? 9.446   3.965   -9.962  1.00 28.93 ? 21   GLU A C   1 
ATOM   162  O O   . GLU A 1 42 ? 10.260  3.998   -10.920 1.00 28.90 ? 21   GLU A O   1 
ATOM   163  C CB  . GLU A 1 42 ? 9.387   2.199   -8.139  1.00 34.43 ? 21   GLU A CB  1 
ATOM   164  C CG  . GLU A 1 42 ? 10.260  1.418   -7.175  1.00 38.87 ? 21   GLU A CG  1 
ATOM   165  N N   . LEU A 1 43 ? 8.169   4.289   -10.112 1.00 25.98 ? 22   LEU A N   1 
ATOM   166  C CA  . LEU A 1 43 ? 7.644   4.650   -11.422 1.00 25.55 ? 22   LEU A CA  1 
ATOM   167  C C   . LEU A 1 43 ? 8.205   6.008   -11.884 1.00 27.95 ? 22   LEU A C   1 
ATOM   168  O O   . LEU A 1 43 ? 8.494   6.172   -13.066 1.00 27.47 ? 22   LEU A O   1 
ATOM   169  C CB  . LEU A 1 43 ? 6.094   4.624   -11.436 1.00 29.76 ? 22   LEU A CB  1 
ATOM   170  C CG  . LEU A 1 43 ? 5.445   3.284   -11.797 1.00 35.19 ? 22   LEU A CG  1 
ATOM   171  C CD1 . LEU A 1 43 ? 5.754   2.177   -10.811 1.00 39.05 ? 22   LEU A CD1 1 
ATOM   172  C CD2 . LEU A 1 43 ? 3.941   3.430   -11.993 1.00 34.47 ? 22   LEU A CD2 1 
ATOM   173  N N   . ASP A 1 44 ? 8.337   6.984   -10.992 1.00 27.76 ? 23   ASP A N   1 
ATOM   174  C CA  . ASP A 1 44 ? 8.941   8.299   -11.350 1.00 30.19 ? 23   ASP A CA  1 
ATOM   175  C C   . ASP A 1 44 ? 10.366  8.116   -11.857 1.00 29.41 ? 23   ASP A C   1 
ATOM   176  O O   . ASP A 1 44 ? 10.748  8.716   -12.885 1.00 29.00 ? 23   ASP A O   1 
ATOM   177  C CB  . ASP A 1 44 ? 8.979   9.229   -10.145 1.00 34.92 ? 23   ASP A CB  1 
ATOM   178  C CG  . ASP A 1 44 ? 7.636   9.869   -9.847  1.00 40.64 ? 23   ASP A CG  1 
ATOM   179  O OD1 . ASP A 1 44 ? 6.833   10.080  -10.806 1.00 45.37 ? 23   ASP A OD1 1 
ATOM   180  O OD2 . ASP A 1 44 ? 7.416   10.184  -8.644  1.00 39.81 ? 23   ASP A OD2 1 
ATOM   181  N N   . ALA A 1 45 ? 11.108  7.221   -11.209 1.00 27.66 ? 24   ALA A N   1 
ATOM   182  C CA  . ALA A 1 45 ? 12.508  6.918   -11.618 1.00 29.34 ? 24   ALA A CA  1 
ATOM   183  C C   . ALA A 1 45 ? 12.557  6.307   -13.035 1.00 29.24 ? 24   ALA A C   1 
ATOM   184  O O   . ALA A 1 45 ? 13.343  6.738   -13.898 1.00 30.03 ? 24   ALA A O   1 
ATOM   185  C CB  . ALA A 1 45 ? 13.174  5.971   -10.628 1.00 32.05 ? 24   ALA A CB  1 
ATOM   186  N N   . GLN A 1 46 ? 11.684  5.328   -13.294 1.00 28.07 ? 25   GLN A N   1 
ATOM   187  C CA  . GLN A 1 46 ? 11.565  4.786   -14.630 1.00 30.24 ? 25   GLN A CA  1 
ATOM   188  C C   . GLN A 1 46 ? 11.327  5.878   -15.672 1.00 30.82 ? 25   GLN A C   1 
ATOM   189  O O   . GLN A 1 46 ? 11.966  5.862   -16.727 1.00 34.13 ? 25   GLN A O   1 
ATOM   190  C CB  . GLN A 1 46 ? 10.453  3.727   -14.688 1.00 31.62 ? 25   GLN A CB  1 
ATOM   191  C CG  . GLN A 1 46 ? 10.863  2.318   -14.333 1.00 34.32 ? 25   GLN A CG  1 
ATOM   192  C CD  . GLN A 1 46 ? 9.942   1.316   -15.026 1.00 36.31 ? 25   GLN A CD  1 
ATOM   193  O OE1 . GLN A 1 46 ? 9.294   0.507   -14.375 1.00 41.63 ? 25   GLN A OE1 1 
ATOM   194  N NE2 . GLN A 1 46 ? 9.888   1.372   -16.355 1.00 36.24 ? 25   GLN A NE2 1 
ATOM   195  N N   . LEU A 1 47 ? 10.403  6.800   -15.397 1.00 29.36 ? 26   LEU A N   1 
ATOM   196  C CA  . LEU A 1 47 ? 9.984   7.806   -16.363 1.00 34.43 ? 26   LEU A CA  1 
ATOM   197  C C   . LEU A 1 47 ? 11.089  8.810   -16.653 1.00 35.45 ? 26   LEU A C   1 
ATOM   198  O O   . LEU A 1 47 ? 11.157  9.365   -17.740 1.00 37.98 ? 26   LEU A O   1 
ATOM   199  C CB  . LEU A 1 47 ? 8.795   8.606   -15.870 1.00 35.20 ? 26   LEU A CB  1 
ATOM   200  C CG  . LEU A 1 47 ? 7.430   7.908   -15.883 1.00 36.37 ? 26   LEU A CG  1 
ATOM   201  C CD1 . LEU A 1 47 ? 6.440   8.725   -15.086 1.00 36.33 ? 26   LEU A CD1 1 
ATOM   202  C CD2 . LEU A 1 47 ? 6.920   7.692   -17.308 1.00 39.13 ? 26   LEU A CD2 1 
ATOM   203  N N   . GLN A 1 48 ? 11.942  9.046   -15.674 1.00 36.72 ? 27   GLN A N   1 
ATOM   204  C CA  . GLN A 1 48 ? 13.055  9.988   -15.842 1.00 40.62 ? 27   GLN A CA  1 
ATOM   205  C C   . GLN A 1 48 ? 14.267  9.284   -16.485 1.00 45.19 ? 27   GLN A C   1 
ATOM   206  O O   . GLN A 1 48 ? 15.293  9.915   -16.688 1.00 47.76 ? 27   GLN A O   1 
ATOM   207  C CB  . GLN A 1 48 ? 13.471  10.580  -14.488 1.00 40.28 ? 27   GLN A CB  1 
ATOM   208  C CG  . GLN A 1 48 ? 12.442  11.503  -13.812 1.00 44.86 ? 27   GLN A CG  1 
ATOM   209  C CD  . GLN A 1 48 ? 12.546  11.503  -12.257 1.00 52.16 ? 27   GLN A CD  1 
ATOM   210  O OE1 . GLN A 1 48 ? 13.614  11.212  -11.671 1.00 53.34 ? 27   GLN A OE1 1 
ATOM   211  N NE2 . GLN A 1 48 ? 11.427  11.822  -11.582 1.00 53.05 ? 27   GLN A NE2 1 
ATOM   212  N N   . ASN A 1 49 ? 14.160  7.988   -16.803 1.00 51.97 ? 28   ASN A N   1 
ATOM   213  C CA  . ASN A 1 49 ? 15.264  7.253   -17.455 1.00 56.56 ? 28   ASN A CA  1 
ATOM   214  C C   . ASN A 1 49 ? 15.447  7.762   -18.896 1.00 59.77 ? 28   ASN A C   1 
ATOM   215  O O   . ASN A 1 49 ? 14.528  8.365   -19.465 1.00 63.25 ? 28   ASN A O   1 
ATOM   216  C CB  . ASN A 1 49 ? 15.033  5.721   -17.418 1.00 53.62 ? 28   ASN A CB  1 
ATOM   217  N N   . ASP A 1 50 ? 16.616  7.520   -19.489 1.00 63.19 ? 29   ASP A N   1 
ATOM   218  C CA  . ASP A 1 50 ? 17.007  8.274   -20.690 1.00 61.76 ? 29   ASP A CA  1 
ATOM   219  C C   . ASP A 1 50 ? 16.040  7.990   -21.865 1.00 60.54 ? 29   ASP A C   1 
ATOM   220  O O   . ASP A 1 50 ? 15.604  8.925   -22.549 1.00 61.67 ? 29   ASP A O   1 
ATOM   221  C CB  . ASP A 1 50 ? 18.475  8.010   -21.067 1.00 61.65 ? 29   ASP A CB  1 
ATOM   222  N N   . ASP A 1 51 ? 15.673  6.713   -22.059 1.00 57.33 ? 30   ASP A N   1 
ATOM   223  C CA  . ASP A 1 51 ? 14.684  6.308   -23.085 1.00 52.32 ? 30   ASP A CA  1 
ATOM   224  C C   . ASP A 1 51 ? 13.586  5.502   -22.388 1.00 48.60 ? 30   ASP A C   1 
ATOM   225  O O   . ASP A 1 51 ? 13.766  4.319   -22.092 1.00 50.66 ? 30   ASP A O   1 
ATOM   226  C CB  . ASP A 1 51 ? 15.334  5.488   -24.204 1.00 54.64 ? 30   ASP A CB  1 
ATOM   227  N N   . PRO A 1 52 ? 12.463  6.155   -22.067 1.00 45.60 ? 31   PRO A N   1 
ATOM   228  C CA  . PRO A 1 52 ? 11.484  5.500   -21.194 1.00 42.04 ? 31   PRO A CA  1 
ATOM   229  C C   . PRO A 1 52 ? 10.588  4.455   -21.851 1.00 35.93 ? 31   PRO A C   1 
ATOM   230  O O   . PRO A 1 52 ? 10.162  4.579   -23.002 1.00 35.40 ? 31   PRO A O   1 
ATOM   231  C CB  . PRO A 1 52 ? 10.630  6.662   -20.693 1.00 45.16 ? 31   PRO A CB  1 
ATOM   232  C CG  . PRO A 1 52 ? 10.703  7.682   -21.793 1.00 46.30 ? 31   PRO A CG  1 
ATOM   233  C CD  . PRO A 1 52 ? 12.036  7.513   -22.467 1.00 45.32 ? 31   PRO A CD  1 
ATOM   234  N N   . GLN A 1 53 ? 10.297  3.448   -21.046 1.00 32.09 ? 32   GLN A N   1 
ATOM   235  C CA  . GLN A 1 53 ? 9.445   2.330   -21.397 1.00 32.32 ? 32   GLN A CA  1 
ATOM   236  C C   . GLN A 1 53 ? 8.027   2.587   -20.922 1.00 28.84 ? 32   GLN A C   1 
ATOM   237  O O   . GLN A 1 53 ? 7.833   2.894   -19.739 1.00 27.55 ? 32   GLN A O   1 
ATOM   238  C CB  . GLN A 1 53 ? 10.033  1.098   -20.678 1.00 35.49 ? 32   GLN A CB  1 
ATOM   239  C CG  . GLN A 1 53 ? 11.475  0.830   -21.119 1.00 38.21 ? 32   GLN A CG  1 
ATOM   240  C CD  . GLN A 1 53 ? 11.482  0.555   -22.602 1.00 33.33 ? 32   GLN A CD  1 
ATOM   241  O OE1 . GLN A 1 53 ? 10.819  -0.380  -23.038 1.00 32.10 ? 32   GLN A OE1 1 
ATOM   242  N NE2 . GLN A 1 53 ? 12.158  1.381   -23.372 1.00 34.42 ? 32   GLN A NE2 1 
ATOM   243  N N   . ASN A 1 54 ? 7.044   2.479   -21.821 1.00 26.92 ? 33   ASN A N   1 
ATOM   244  C CA  . ASN A 1 54 ? 5.638   2.379   -21.422 1.00 25.01 ? 33   ASN A CA  1 
ATOM   245  C C   . ASN A 1 54 ? 5.217   3.679   -20.737 1.00 26.59 ? 33   ASN A C   1 
ATOM   246  O O   . ASN A 1 54 ? 4.525   3.652   -19.725 1.00 24.60 ? 33   ASN A O   1 
ATOM   247  C CB  . ASN A 1 54 ? 5.409   1.183   -20.464 1.00 28.92 ? 33   ASN A CB  1 
ATOM   248  C CG  . ASN A 1 54 ? 5.771   -0.184  -21.075 1.00 27.57 ? 33   ASN A CG  1 
ATOM   249  O OD1 . ASN A 1 54 ? 6.676   -0.879  -20.566 1.00 29.06 ? 33   ASN A OD1 1 
ATOM   250  N ND2 . ASN A 1 54 ? 5.100   -0.559  -22.145 1.00 32.68 ? 33   ASN A ND2 1 
ATOM   251  N N   . ALA A 1 55 ? 5.677   4.852   -21.227 1.00 24.47 ? 34   ALA A N   1 
ATOM   252  C CA  . ALA A 1 55 ? 5.416   6.097   -20.494 1.00 25.55 ? 34   ALA A CA  1 
ATOM   253  C C   . ALA A 1 55 ? 3.934   6.389   -20.272 1.00 23.15 ? 34   ALA A C   1 
ATOM   254  O O   . ALA A 1 55 ? 3.530   6.769   -19.187 1.00 25.07 ? 34   ALA A O   1 
ATOM   255  C CB  . ALA A 1 55 ? 6.072   7.269   -21.214 1.00 26.60 ? 34   ALA A CB  1 
ATOM   256  N N   . ALA A 1 56 ? 3.131   6.269   -21.313 1.00 25.10 ? 35   ALA A N   1 
ATOM   257  C CA  . ALA A 1 56 ? 1.702   6.563   -21.182 1.00 25.75 ? 35   ALA A CA  1 
ATOM   258  C C   . ALA A 1 56 ? 1.118   5.748   -20.059 1.00 26.36 ? 35   ALA A C   1 
ATOM   259  O O   . ALA A 1 56 ? 0.311   6.281   -19.303 1.00 29.94 ? 35   ALA A O   1 
ATOM   260  C CB  . ALA A 1 56 ? 0.951   6.296   -22.483 1.00 27.00 ? 35   ALA A CB  1 
ATOM   261  N N   . GLU A 1 57 ? 1.493   4.466   -19.995 1.00 24.84 ? 36   GLU A N   1 
ATOM   262  C CA  . GLU A 1 57 ? 0.900   3.527   -19.055 1.00 21.97 ? 36   GLU A CA  1 
ATOM   263  C C   . GLU A 1 57 ? 1.373   3.848   -17.644 1.00 21.67 ? 36   GLU A C   1 
ATOM   264  O O   . GLU A 1 57 ? 0.541   3.891   -16.700 1.00 21.14 ? 36   GLU A O   1 
ATOM   265  C CB  . GLU A 1 57 ? 1.302   2.075   -19.433 1.00 23.56 ? 36   GLU A CB  1 
ATOM   266  C CG  . GLU A 1 57 ? 0.559   1.577   -20.664 1.00 25.18 ? 36   GLU A CG  1 
ATOM   267  C CD  . GLU A 1 57 ? 1.055   2.167   -21.975 1.00 30.67 ? 36   GLU A CD  1 
ATOM   268  O OE1 . GLU A 1 57 ? 2.246   2.555   -22.119 1.00 33.38 ? 36   GLU A OE1 1 
ATOM   269  O OE2 . GLU A 1 57 ? 0.224   2.291   -22.911 1.00 35.76 ? 36   GLU A OE2 1 
ATOM   270  N N   . LEU A 1 58 ? 2.668   4.159   -17.485 1.00 22.13 ? 37   LEU A N   1 
ATOM   271  C CA  . LEU A 1 58 ? 3.167   4.553   -16.155 1.00 24.93 ? 37   LEU A CA  1 
ATOM   272  C C   . LEU A 1 58 ? 2.474   5.817   -15.671 1.00 24.45 ? 37   LEU A C   1 
ATOM   273  O O   . LEU A 1 58 ? 2.166   5.925   -14.467 1.00 23.53 ? 37   LEU A O   1 
ATOM   274  C CB  . LEU A 1 58 ? 4.698   4.688   -16.081 1.00 26.51 ? 37   LEU A CB  1 
ATOM   275  C CG  . LEU A 1 58 ? 5.507   3.446   -16.528 1.00 30.68 ? 37   LEU A CG  1 
ATOM   276  C CD1 . LEU A 1 58 ? 6.960   3.547   -16.132 1.00 33.95 ? 37   LEU A CD1 1 
ATOM   277  C CD2 . LEU A 1 58 ? 4.945   2.095   -16.072 1.00 33.06 ? 37   LEU A CD2 1 
ATOM   278  N N   . GLU A 1 59 ? 2.243   6.787   -16.564 1.00 24.15 ? 38   GLU A N   1 
ATOM   279  C CA  . GLU A 1 59 ? 1.559   8.003   -16.146 1.00 24.86 ? 38   GLU A CA  1 
ATOM   280  C C   . GLU A 1 59 ? 0.127   7.752   -15.694 1.00 22.25 ? 38   GLU A C   1 
ATOM   281  O O   . GLU A 1 59 ? -0.307  8.322   -14.686 1.00 21.64 ? 38   GLU A O   1 
ATOM   282  C CB  . GLU A 1 59 ? 1.661   9.047   -17.252 1.00 28.01 ? 38   GLU A CB  1 
ATOM   283  C CG  . GLU A 1 59 ? 3.135   9.487   -17.388 1.00 33.00 ? 38   GLU A CG  1 
ATOM   284  C CD  . GLU A 1 59 ? 3.337   10.936  -17.807 1.00 41.94 ? 38   GLU A CD  1 
ATOM   285  O OE1 . GLU A 1 59 ? 2.372   11.599  -18.246 1.00 50.34 ? 38   GLU A OE1 1 
ATOM   286  O OE2 . GLU A 1 59 ? 4.488   11.416  -17.730 1.00 48.07 ? 38   GLU A OE2 1 
ATOM   287  N N   . GLN A 1 60 ? -0.592  6.858   -16.387 1.00 23.25 ? 39   GLN A N   1 
ATOM   288  C CA  . GLN A 1 60 ? -1.924  6.447   -15.981 1.00 23.01 ? 39   GLN A CA  1 
ATOM   289  C C   . GLN A 1 60 ? -1.917  5.793   -14.593 1.00 20.12 ? 39   GLN A C   1 
ATOM   290  O O   . GLN A 1 60 ? -2.728  6.123   -13.737 1.00 21.00 ? 39   GLN A O   1 
ATOM   291  C CB  . GLN A 1 60 ? -2.597  5.483   -16.974 1.00 24.62 ? 39   GLN A CB  1 
ATOM   292  C CG  . GLN A 1 60 ? -2.938  6.120   -18.320 1.00 30.19 ? 39   GLN A CG  1 
ATOM   293  C CD  . GLN A 1 60 ? -3.357  5.065   -19.332 1.00 32.31 ? 39   GLN A CD  1 
ATOM   294  O OE1 . GLN A 1 60 ? -4.164  4.220   -19.025 1.00 31.78 ? 39   GLN A OE1 1 
ATOM   295  N NE2 . GLN A 1 60 ? -2.766  5.089   -20.518 1.00 40.97 ? 39   GLN A NE2 1 
ATOM   296  N N   . LEU A 1 61 ? -0.952  4.914   -14.355 1.00 19.16 ? 40   LEU A N   1 
ATOM   297  C CA  . LEU A 1 61 ? -0.831  4.291   -13.036 1.00 20.64 ? 40   LEU A CA  1 
ATOM   298  C C   . LEU A 1 61 ? -0.559  5.273   -11.951 1.00 20.74 ? 40   LEU A C   1 
ATOM   299  O O   . LEU A 1 61 ? -1.121  5.188   -10.869 1.00 21.51 ? 40   LEU A O   1 
ATOM   300  C CB  . LEU A 1 61 ? 0.246   3.235   -13.045 1.00 20.90 ? 40   LEU A CB  1 
ATOM   301  C CG  . LEU A 1 61 ? -0.197  1.942   -13.662 1.00 23.64 ? 40   LEU A CG  1 
ATOM   302  C CD1 . LEU A 1 61 ? 0.970   0.992   -13.635 1.00 27.16 ? 40   LEU A CD1 1 
ATOM   303  C CD2 . LEU A 1 61 ? -1.417  1.350   -12.949 1.00 25.10 ? 40   LEU A CD2 1 
ATOM   304  N N   . LEU A 1 62 ? 0.280   6.284   -12.267 1.00 18.92 ? 41   LEU A N   1 
ATOM   305  C CA  . LEU A 1 62 ? 0.688   7.258   -11.266 1.00 19.66 ? 41   LEU A CA  1 
ATOM   306  C C   . LEU A 1 62 ? -0.515  8.125   -10.845 1.00 17.05 ? 41   LEU A C   1 
ATOM   307  O O   . LEU A 1 62 ? -0.571  8.556   -9.669  1.00 20.57 ? 41   LEU A O   1 
ATOM   308  C CB  . LEU A 1 62 ? 1.844   8.133   -11.777 1.00 22.46 ? 41   LEU A CB  1 
ATOM   309  C CG  . LEU A 1 62 ? 3.220   7.486   -11.693 1.00 24.08 ? 41   LEU A CG  1 
ATOM   310  C CD1 . LEU A 1 62 ? 4.249   8.346   -12.466 1.00 28.48 ? 41   LEU A CD1 1 
ATOM   311  C CD2 . LEU A 1 62 ? 3.691   7.251   -10.258 1.00 25.05 ? 41   LEU A CD2 1 
ATOM   312  N N   . VAL A 1 63 ? -1.471  8.377   -11.738 1.00 19.58 ? 42   VAL A N   1 
ATOM   313  C CA  . VAL A 1 63 ? -2.662  9.116   -11.384 1.00 21.20 ? 42   VAL A CA  1 
ATOM   314  C C   . VAL A 1 63 ? -3.316  8.380   -10.248 1.00 21.30 ? 42   VAL A C   1 
ATOM   315  O O   . VAL A 1 63 ? -3.662  8.981   -9.222  1.00 21.98 ? 42   VAL A O   1 
ATOM   316  C CB  . VAL A 1 63 ? -3.627  9.329   -12.579 1.00 24.59 ? 42   VAL A CB  1 
ATOM   317  C CG1 . VAL A 1 63 ? -4.983  9.869   -12.139 1.00 25.07 ? 42   VAL A CG1 1 
ATOM   318  C CG2 . VAL A 1 63 ? -2.967  10.261  -13.595 1.00 27.72 ? 42   VAL A CG2 1 
ATOM   319  N N   . GLY A 1 64 ? -3.508  7.086   -10.467 1.00 20.26 ? 43   GLY A N   1 
ATOM   320  C CA  . GLY A 1 64 ? -4.124  6.202   -9.476  1.00 18.14 ? 43   GLY A CA  1 
ATOM   321  C C   . GLY A 1 64 ? -3.395  6.121   -8.159  1.00 18.80 ? 43   GLY A C   1 
ATOM   322  O O   . GLY A 1 64 ? -4.009  6.115   -7.058  1.00 19.96 ? 43   GLY A O   1 
ATOM   323  N N   . TYR A 1 65 ? -2.064  6.058   -8.212  1.00 17.97 ? 44   TYR A N   1 
ATOM   324  C CA  . TYR A 1 65 ? -1.244  6.011   -6.993  1.00 17.05 ? 44   TYR A CA  1 
ATOM   325  C C   . TYR A 1 65 ? -1.383  7.306   -6.191  1.00 19.51 ? 44   TYR A C   1 
ATOM   326  O O   . TYR A 1 65 ? -1.472  7.295   -4.974  1.00 19.11 ? 44   TYR A O   1 
ATOM   327  C CB  . TYR A 1 65 ? 0.218   5.682   -7.290  1.00 18.76 ? 44   TYR A CB  1 
ATOM   328  C CG  . TYR A 1 65 ? 0.545   4.303   -7.858  1.00 21.28 ? 44   TYR A CG  1 
ATOM   329  C CD1 . TYR A 1 65 ? -0.429  3.314   -8.075  1.00 23.22 ? 44   TYR A CD1 1 
ATOM   330  C CD2 . TYR A 1 65 ? 1.833   3.982   -8.211  1.00 27.72 ? 44   TYR A CD2 1 
ATOM   331  C CE1 . TYR A 1 65 ? -0.095  2.079   -8.625  1.00 27.38 ? 44   TYR A CE1 1 
ATOM   332  C CE2 . TYR A 1 65 ? 2.185   2.759   -8.717  1.00 27.84 ? 44   TYR A CE2 1 
ATOM   333  C CZ  . TYR A 1 65 ? 1.232   1.782   -8.899  1.00 26.00 ? 44   TYR A CZ  1 
ATOM   334  O OH  . TYR A 1 65 ? 1.620   0.584   -9.452  1.00 28.49 ? 44   TYR A OH  1 
ATOM   335  N N   . ASP A 1 66 ? -1.417  8.441   -6.869  1.00 19.74 ? 45   ASP A N   1 
ATOM   336  C CA  . ASP A 1 66 ? -1.566  9.712   -6.195  1.00 22.49 ? 45   ASP A CA  1 
ATOM   337  C C   . ASP A 1 66 ? -2.923  9.840   -5.485  1.00 16.84 ? 45   ASP A C   1 
ATOM   338  O O   . ASP A 1 66 ? -3.015  10.252  -4.354  1.00 19.19 ? 45   ASP A O   1 
ATOM   339  C CB  . ASP A 1 66 ? -1.503  10.892  -7.197  1.00 22.13 ? 45   ASP A CB  1 
ATOM   340  C CG  . ASP A 1 66 ? -0.125  11.171  -7.714  1.00 26.92 ? 45   ASP A CG  1 
ATOM   341  O OD1 . ASP A 1 66 ? 0.866   10.664  -7.095  1.00 25.90 ? 45   ASP A OD1 1 
ATOM   342  O OD2 . ASP A 1 66 ? -0.112  11.898  -8.757  1.00 23.39 ? 45   ASP A OD2 1 
ATOM   343  N N   . LEU A 1 67 ? -4.017  9.411   -6.171  1.00 17.18 ? 46   LEU A N   1 
ATOM   344  C CA  . LEU A 1 67 ? -5.359  9.372   -5.572  1.00 18.55 ? 46   LEU A CA  1 
ATOM   345  C C   . LEU A 1 67 ? -5.396  8.456   -4.325  1.00 14.15 ? 46   LEU A C   1 
ATOM   346  O O   . LEU A 1 67 ? -5.944  8.836   -3.351  1.00 15.62 ? 46   LEU A O   1 
ATOM   347  C CB  . LEU A 1 67 ? -6.456  8.943   -6.544  1.00 21.22 ? 46   LEU A CB  1 
ATOM   348  C CG  . LEU A 1 67 ? -6.568  9.641   -7.892  1.00 26.92 ? 46   LEU A CG  1 
ATOM   349  C CD1 . LEU A 1 67 ? -7.801  9.323   -8.696  1.00 25.71 ? 46   LEU A CD1 1 
ATOM   350  C CD2 . LEU A 1 67 ? -6.362  11.128  -7.777  1.00 27.38 ? 46   LEU A CD2 1 
ATOM   351  N N   . ALA A 1 68 ? -4.778  7.299   -4.462  1.00 15.99 ? 47   ALA A N   1 
ATOM   352  C CA  . ALA A 1 68 ? -4.727  6.362   -3.313  1.00 15.58 ? 47   ALA A CA  1 
ATOM   353  C C   . ALA A 1 68 ? -3.923  7.002   -2.166  1.00 14.64 ? 47   ALA A C   1 
ATOM   354  O O   . ALA A 1 68 ? -4.356  6.943   -0.980  1.00 16.41 ? 47   ALA A O   1 
ATOM   355  C CB  . ALA A 1 68 ? -4.143  5.031   -3.665  1.00 14.97 ? 47   ALA A CB  1 
ATOM   356  N N   . ALA A 1 69 ? -2.824  7.695   -2.511  1.00 14.96 ? 48   ALA A N   1 
ATOM   357  C CA  . ALA A 1 69 ? -1.961  8.290   -1.495  1.00 16.95 ? 48   ALA A CA  1 
ATOM   358  C C   . ALA A 1 69 ? -2.718  9.372   -0.716  1.00 13.52 ? 48   ALA A C   1 
ATOM   359  O O   . ALA A 1 69 ? -2.595  9.488   0.528   1.00 15.21 ? 48   ALA A O   1 
ATOM   360  C CB  . ALA A 1 69 ? -0.658  8.833   -2.062  1.00 16.46 ? 48   ALA A CB  1 
ATOM   361  N N   . ASP A 1 70 ? -3.470  10.194  -1.429  1.00 16.31 ? 49   ASP A N   1 
ATOM   362  C CA  . ASP A 1 70 ? -4.163  11.336  -0.877  1.00 17.27 ? 49   ASP A CA  1 
ATOM   363  C C   . ASP A 1 70 ? -5.242  10.785  0.103   1.00 14.09 ? 49   ASP A C   1 
ATOM   364  O O   . ASP A 1 70 ? -5.508  11.373  1.133   1.00 16.20 ? 49   ASP A O   1 
ATOM   365  C CB  . ASP A 1 70 ? -4.803  12.219  -1.979  1.00 19.12 ? 49   ASP A CB  1 
ATOM   366  C CG  . ASP A 1 70 ? -3.756  13.014  -2.833  1.00 20.64 ? 49   ASP A CG  1 
ATOM   367  O OD1 . ASP A 1 70 ? -2.604  13.106  -2.456  1.00 23.26 ? 49   ASP A OD1 1 
ATOM   368  O OD2 . ASP A 1 70 ? -4.143  13.440  -3.934  1.00 24.46 ? 49   ASP A OD2 1 
ATOM   369  N N   . ASP A 1 71 ? -5.892  9.660   -0.313  1.00 15.55 ? 50   ASP A N   1 
ATOM   370  C CA  . ASP A 1 71 ? -6.988  9.036   0.522   1.00 16.96 ? 50   ASP A CA  1 
ATOM   371  C C   . ASP A 1 71 ? -6.411  8.416   1.816   1.00 13.46 ? 50   ASP A C   1 
ATOM   372  O O   . ASP A 1 71 ? -6.898  8.676   2.912   1.00 15.04 ? 50   ASP A O   1 
ATOM   373  C CB  . ASP A 1 71 ? -7.755  8.011   -0.321  1.00 16.43 ? 50   ASP A CB  1 
ATOM   374  C CG  . ASP A 1 71 ? -9.100  7.655   0.216   1.00 17.26 ? 50   ASP A CG  1 
ATOM   375  O OD1 . ASP A 1 71 ? -9.677  8.386   1.066   1.00 17.26 ? 50   ASP A OD1 1 
ATOM   376  O OD2 . ASP A 1 71 ? -9.596  6.628   -0.278  1.00 16.35 ? 50   ASP A OD2 1 
ATOM   377  N N   . LEU A 1 72 ? -5.316  7.738   1.656   1.00 14.73 ? 51   LEU A N   1 
ATOM   378  C CA  . LEU A 1 72 ? -4.559  7.234   2.820   1.00 15.84 ? 51   LEU A CA  1 
ATOM   379  C C   . LEU A 1 72 ? -4.152  8.353   3.759   1.00 16.06 ? 51   LEU A C   1 
ATOM   380  O O   . LEU A 1 72 ? -4.171  8.203   5.001   1.00 17.69 ? 51   LEU A O   1 
ATOM   381  C CB  . LEU A 1 72 ? -3.404  6.341   2.361   1.00 15.33 ? 51   LEU A CB  1 
ATOM   382  C CG  . LEU A 1 72 ? -3.795  5.011   1.678   1.00 17.26 ? 51   LEU A CG  1 
ATOM   383  C CD1 . LEU A 1 72 ? -2.573  4.463   0.951   1.00 15.54 ? 51   LEU A CD1 1 
ATOM   384  C CD2 . LEU A 1 72 ? -4.397  4.027   2.690   1.00 18.42 ? 51   LEU A CD2 1 
ATOM   385  N N   . LYS A 1 73 ? -3.623  9.456   3.198   1.00 15.78 ? 52   LYS A N   1 
ATOM   386  C CA  . LYS A 1 73 ? -3.133  10.554  4.020   1.00 18.16 ? 52   LYS A CA  1 
ATOM   387  C C   . LYS A 1 73 ? -4.285  11.126  4.890   1.00 15.80 ? 52   LYS A C   1 
ATOM   388  O O   . LYS A 1 73 ? -4.109  11.356  6.081   1.00 18.31 ? 52   LYS A O   1 
ATOM   389  C CB  . LYS A 1 73 ? -2.551  11.643  3.121   1.00 20.31 ? 52   LYS A CB  1 
ATOM   390  C CG  . LYS A 1 73 ? -2.176  12.868  3.922   1.00 21.74 ? 52   LYS A CG  1 
ATOM   391  C CD  . LYS A 1 73 ? -1.497  13.934  3.038   1.00 26.30 ? 52   LYS A CD  1 
ATOM   392  C CE  . LYS A 1 73 ? -1.241  15.188  3.846   1.00 29.48 ? 52   LYS A CE  1 
ATOM   393  N NZ  . LYS A 1 73 ? -0.548  16.205  3.031   1.00 32.96 ? 52   LYS A NZ  1 
ATOM   394  N N   . ASN A 1 74 ? -5.482  11.266  4.304   1.00 16.24 ? 53   ASN A N   1 
ATOM   395  C CA  A ASN A 1 74 ? -6.667  11.732  5.002   0.50 17.88 ? 53   ASN A CA  1 
ATOM   396  C CA  B ASN A 1 74 ? -6.670  11.732  4.995   0.50 17.34 ? 53   ASN A CA  1 
ATOM   397  C C   . ASN A 1 74 ? -7.022  10.779  6.144   1.00 18.08 ? 53   ASN A C   1 
ATOM   398  O O   . ASN A 1 74 ? -7.292  11.227  7.242   1.00 19.39 ? 53   ASN A O   1 
ATOM   399  C CB  A ASN A 1 74 ? -7.842  11.961  4.031   0.50 20.79 ? 53   ASN A CB  1 
ATOM   400  C CB  B ASN A 1 74 ? -7.861  11.904  4.028   0.50 19.30 ? 53   ASN A CB  1 
ATOM   401  C CG  A ASN A 1 74 ? -7.629  13.189  3.180   0.50 22.73 ? 53   ASN A CG  1 
ATOM   402  C CG  B ASN A 1 74 ? -9.119  12.366  4.737   0.50 19.82 ? 53   ASN A CG  1 
ATOM   403  O OD1 A ASN A 1 74 ? -6.982  14.137  3.635   0.50 25.87 ? 53   ASN A OD1 1 
ATOM   404  O OD1 B ASN A 1 74 ? -10.035 11.546  5.011   0.50 22.27 ? 53   ASN A OD1 1 
ATOM   405  N ND2 A ASN A 1 74 ? -8.138  13.176  1.961   0.50 23.76 ? 53   ASN A ND2 1 
ATOM   406  N ND2 B ASN A 1 74 ? -9.196  13.664  5.035   0.50 20.31 ? 53   ASN A ND2 1 
ATOM   407  N N   . ALA A 1 75 ? -6.985  9.470   5.858   1.00 17.78 ? 54   ALA A N   1 
ATOM   408  C CA  . ALA A 1 75 ? -7.326  8.480   6.878   1.00 17.04 ? 54   ALA A CA  1 
ATOM   409  C C   . ALA A 1 75 ? -6.305  8.501   7.998   1.00 17.57 ? 54   ALA A C   1 
ATOM   410  O O   . ALA A 1 75 ? -6.660  8.376   9.179   1.00 16.96 ? 54   ALA A O   1 
ATOM   411  C CB  . ALA A 1 75 ? -7.425  7.098   6.296   1.00 16.12 ? 54   ALA A CB  1 
ATOM   412  N N   . TYR A 1 76 ? -5.018  8.650   7.655   1.00 15.98 ? 55   TYR A N   1 
ATOM   413  C CA  . TYR A 1 76 ? -3.937  8.762   8.678   1.00 16.76 ? 55   TYR A CA  1 
ATOM   414  C C   . TYR A 1 76 ? -4.043  10.018  9.554   1.00 19.03 ? 55   TYR A C   1 
ATOM   415  O O   . TYR A 1 76 ? -3.756  10.009  10.731  1.00 17.48 ? 55   TYR A O   1 
ATOM   416  C CB  . TYR A 1 76 ? -2.538  8.716   8.022   1.00 16.21 ? 55   TYR A CB  1 
ATOM   417  C CG  . TYR A 1 76 ? -1.410  8.573   8.978   1.00 16.65 ? 55   TYR A CG  1 
ATOM   418  C CD1 . TYR A 1 76 ? -1.134  7.347   9.561   1.00 18.80 ? 55   TYR A CD1 1 
ATOM   419  C CD2 . TYR A 1 76 ? -0.494  9.607   9.213   1.00 16.57 ? 55   TYR A CD2 1 
ATOM   420  C CE1 . TYR A 1 76 ? -0.089  7.178   10.386  1.00 17.10 ? 55   TYR A CE1 1 
ATOM   421  C CE2 . TYR A 1 76 ? 0.539   9.443   10.070  1.00 18.69 ? 55   TYR A CE2 1 
ATOM   422  C CZ  . TYR A 1 76 ? 0.784   8.199   10.597  1.00 18.41 ? 55   TYR A CZ  1 
ATOM   423  O OH  . TYR A 1 76 ? 1.841   7.976   11.473  1.00 18.57 ? 55   TYR A OH  1 
ATOM   424  N N   . GLU A 1 77 ? -4.483  11.120  8.988   1.00 20.05 ? 56   GLU A N   1 
ATOM   425  C CA  . GLU A 1 77 ? -4.692  12.335  9.796   1.00 22.85 ? 56   GLU A CA  1 
ATOM   426  C C   . GLU A 1 77 ? -5.772  12.153  10.841  1.00 21.04 ? 56   GLU A C   1 
ATOM   427  O O   . GLU A 1 77 ? -5.647  12.650  11.948  1.00 24.53 ? 56   GLU A O   1 
ATOM   428  C CB  . GLU A 1 77 ? -4.985  13.519  8.845   1.00 26.48 ? 56   GLU A CB  1 
ATOM   429  C CG  . GLU A 1 77 ? -3.733  13.937  8.061   1.00 33.01 ? 56   GLU A CG  1 
ATOM   430  C CD  . GLU A 1 77 ? -3.938  14.990  6.951   1.00 40.53 ? 56   GLU A CD  1 
ATOM   431  O OE1 . GLU A 1 77 ? -5.054  15.111  6.370   1.00 50.62 ? 56   GLU A OE1 1 
ATOM   432  O OE2 . GLU A 1 77 ? -2.952  15.703  6.646   1.00 43.25 ? 56   GLU A OE2 1 
ATOM   433  N N   . GLN A 1 78 ? -6.777  11.295  10.568  1.00 21.10 ? 57   GLN A N   1 
ATOM   434  C CA  . GLN A 1 78 ? -7.748  10.845  11.608  1.00 23.73 ? 57   GLN A CA  1 
ATOM   435  C C   . GLN A 1 78 ? -7.116  9.902   12.655  1.00 19.47 ? 57   GLN A C   1 
ATOM   436  O O   . GLN A 1 78 ? -7.277  10.049  13.873  1.00 21.97 ? 57   GLN A O   1 
ATOM   437  C CB  . GLN A 1 78 ? -8.963  10.124  11.003  1.00 26.79 ? 57   GLN A CB  1 
ATOM   438  C CG  . GLN A 1 78 ? -9.785  11.025  10.117  1.00 27.87 ? 57   GLN A CG  1 
ATOM   439  C CD  . GLN A 1 78 ? -11.071 10.389  9.592   1.00 28.14 ? 57   GLN A CD  1 
ATOM   440  O OE1 . GLN A 1 78 ? -11.601 10.861  8.594   1.00 35.06 ? 57   GLN A OE1 1 
ATOM   441  N NE2 . GLN A 1 78 ? -11.575 9.320   10.247  1.00 32.05 ? 57   GLN A NE2 1 
ATOM   442  N N   . ALA A 1 79 ? -6.284  8.995   12.187  1.00 19.85 ? 58   ALA A N   1 
ATOM   443  C CA  . ALA A 1 79 ? -5.603  8.049   13.089  1.00 17.61 ? 58   ALA A CA  1 
ATOM   444  C C   . ALA A 1 79 ? -4.754  8.817   14.086  1.00 17.87 ? 58   ALA A C   1 
ATOM   445  O O   . ALA A 1 79 ? -4.593  8.361   15.248  1.00 19.31 ? 58   ALA A O   1 
ATOM   446  C CB  . ALA A 1 79 ? -4.714  7.052   12.334  1.00 17.74 ? 58   ALA A CB  1 
ATOM   447  N N   . LEU A 1 80 ? -4.124  9.924   13.657  1.00 17.05 ? 59   LEU A N   1 
ATOM   448  C CA  . LEU A 1 80 ? -3.233  10.653  14.556  1.00 19.09 ? 59   LEU A CA  1 
ATOM   449  C C   . LEU A 1 80 ? -3.894  11.181  15.816  1.00 18.50 ? 59   LEU A C   1 
ATOM   450  O O   . LEU A 1 80 ? -3.250  11.275  16.869  1.00 23.25 ? 59   LEU A O   1 
ATOM   451  C CB  . LEU A 1 80 ? -2.605  11.827  13.815  1.00 19.21 ? 59   LEU A CB  1 
ATOM   452  C CG  . LEU A 1 80 ? -1.474  11.495  12.843  1.00 21.83 ? 59   LEU A CG  1 
ATOM   453  C CD1 . LEU A 1 80 ? -1.161  12.669  11.919  1.00 22.16 ? 59   LEU A CD1 1 
ATOM   454  C CD2 . LEU A 1 80 ? -0.154  11.116  13.509  1.00 23.13 ? 59   LEU A CD2 1 
ATOM   455  N N   . GLY A 1 81 ? -5.182  11.428  15.740  1.00 19.10 ? 60   GLY A N   1 
ATOM   456  C CA  . GLY A 1 81 ? -5.973  11.767  16.924  1.00 21.89 ? 60   GLY A CA  1 
ATOM   457  C C   . GLY A 1 81 ? -6.483  10.616  17.796  1.00 23.70 ? 60   GLY A C   1 
ATOM   458  O O   . GLY A 1 81 ? -7.047  10.895  18.871  1.00 24.56 ? 60   GLY A O   1 
ATOM   459  N N   . GLN A 1 82 ? -6.276  9.374   17.350  1.00 23.62 ? 61   GLN A N   1 
ATOM   460  C CA  . GLN A 1 82 ? -6.935  8.156   17.885  1.00 23.86 ? 61   GLN A CA  1 
ATOM   461  C C   . GLN A 1 82 ? -5.969  7.055   18.418  1.00 23.69 ? 61   GLN A C   1 
ATOM   462  O O   . GLN A 1 82 ? -6.380  6.178   19.190  1.00 23.64 ? 61   GLN A O   1 
ATOM   463  C CB  . GLN A 1 82 ? -7.851  7.520   16.806  1.00 24.00 ? 61   GLN A CB  1 
ATOM   464  C CG  . GLN A 1 82 ? -9.044  8.358   16.317  1.00 25.69 ? 61   GLN A CG  1 
ATOM   465  C CD  . GLN A 1 82 ? -9.650  7.869   14.998  1.00 24.97 ? 61   GLN A CD  1 
ATOM   466  O OE1 . GLN A 1 82 ? -10.595 8.472   14.537  1.00 35.82 ? 61   GLN A OE1 1 
ATOM   467  N NE2 . GLN A 1 82 ? -9.100  6.840   14.383  1.00 26.07 ? 61   GLN A NE2 1 
ATOM   468  N N   . TYR A 1 83 ? -4.726  7.059   17.976  1.00 20.16 ? 62   TYR A N   1 
ATOM   469  C CA  . TYR A 1 83 ? -3.735  6.020   18.241  1.00 18.72 ? 62   TYR A CA  1 
ATOM   470  C C   . TYR A 1 83 ? -2.415  6.728   18.563  1.00 19.30 ? 62   TYR A C   1 
ATOM   471  O O   . TYR A 1 83 ? -1.947  7.608   17.790  1.00 21.93 ? 62   TYR A O   1 
ATOM   472  C CB  . TYR A 1 83 ? -3.661  5.061   17.052  1.00 20.45 ? 62   TYR A CB  1 
ATOM   473  C CG  . TYR A 1 83 ? -2.748  3.876   17.165  1.00 18.88 ? 62   TYR A CG  1 
ATOM   474  C CD1 . TYR A 1 83 ? -1.383  4.024   17.103  1.00 20.78 ? 62   TYR A CD1 1 
ATOM   475  C CD2 . TYR A 1 83 ? -3.269  2.582   17.359  1.00 18.05 ? 62   TYR A CD2 1 
ATOM   476  C CE1 . TYR A 1 83 ? -0.566  2.925   17.160  1.00 19.98 ? 62   TYR A CE1 1 
ATOM   477  C CE2 . TYR A 1 83 ? -2.452  1.475   17.444  1.00 20.86 ? 62   TYR A CE2 1 
ATOM   478  C CZ  . TYR A 1 83 ? -1.105  1.638   17.368  1.00 21.55 ? 62   TYR A CZ  1 
ATOM   479  O OH  . TYR A 1 83 ? -0.242  0.604   17.485  1.00 20.54 ? 62   TYR A OH  1 
ATOM   480  N N   . SER A 1 84 ? -1.843  6.409   19.732  1.00 18.34 ? 63   SER A N   1 
ATOM   481  C CA  . SER A 1 84 ? -0.793  7.254   20.283  1.00 19.83 ? 63   SER A CA  1 
ATOM   482  C C   . SER A 1 84 ? 0.540   6.995   19.626  1.00 20.22 ? 63   SER A C   1 
ATOM   483  O O   . SER A 1 84 ? 0.839   5.870   19.101  1.00 19.87 ? 63   SER A O   1 
ATOM   484  C CB  . SER A 1 84 ? -0.635  6.944   21.796  1.00 19.34 ? 63   SER A CB  1 
ATOM   485  O OG  . SER A 1 84 ? 0.110   5.730   21.963  1.00 21.54 ? 63   SER A OG  1 
ATOM   486  N N   . GLY A 1 85 ? 1.362   8.090   19.615  1.00 21.00 ? 64   GLY A N   1 
ATOM   487  C CA  . GLY A 1 85 ? 2.716   7.968   19.261  1.00 21.37 ? 64   GLY A CA  1 
ATOM   488  C C   . GLY A 1 85 ? 3.146   7.788   17.806  1.00 19.43 ? 64   GLY A C   1 
ATOM   489  O O   . GLY A 1 85 ? 4.309   7.496   17.521  1.00 23.57 ? 64   GLY A O   1 
ATOM   490  N N   . LEU A 1 86 ? 2.200   7.945   16.883  1.00 19.64 ? 65   LEU A N   1 
ATOM   491  C CA  . LEU A 1 86 ? 2.461   7.722   15.489  1.00 20.42 ? 65   LEU A CA  1 
ATOM   492  C C   . LEU A 1 86 ? 3.374   8.820   14.899  1.00 20.07 ? 65   LEU A C   1 
ATOM   493  O O   . LEU A 1 86 ? 3.299   9.975   15.322  1.00 23.56 ? 65   LEU A O   1 
ATOM   494  C CB  . LEU A 1 86 ? 1.156   7.690   14.698  1.00 21.43 ? 65   LEU A CB  1 
ATOM   495  C CG  . LEU A 1 86 ? 0.142   6.553   15.000  1.00 19.99 ? 65   LEU A CG  1 
ATOM   496  C CD1 . LEU A 1 86 ? -1.128  6.834   14.248  1.00 20.27 ? 65   LEU A CD1 1 
ATOM   497  C CD2 . LEU A 1 86 ? 0.760   5.193   14.667  1.00 22.47 ? 65   LEU A CD2 1 
ATOM   498  N N   . PRO A 1 87 ? 4.202   8.419   13.937  1.00 19.81 ? 66   PRO A N   1 
ATOM   499  C CA  . PRO A 1 87 ? 5.133   9.379   13.328  1.00 22.37 ? 66   PRO A CA  1 
ATOM   500  C C   . PRO A 1 87 ? 4.347   10.471  12.555  1.00 21.59 ? 66   PRO A C   1 
ATOM   501  O O   . PRO A 1 87 ? 3.221   10.264  12.066  1.00 20.59 ? 66   PRO A O   1 
ATOM   502  C CB  . PRO A 1 87 ? 5.963   8.475   12.389  1.00 21.38 ? 66   PRO A CB  1 
ATOM   503  C CG  . PRO A 1 87 ? 5.168   7.232   12.149  1.00 23.57 ? 66   PRO A CG  1 
ATOM   504  C CD  . PRO A 1 87 ? 4.309   7.063   13.360  1.00 21.88 ? 66   PRO A CD  1 
ATOM   505  N N   . PRO A 1 88 ? 4.938   11.636  12.381  1.00 23.05 ? 67   PRO A N   1 
ATOM   506  C CA  . PRO A 1 88 ? 4.344   12.558  11.461  1.00 23.59 ? 67   PRO A CA  1 
ATOM   507  C C   . PRO A 1 88 ? 4.219   11.956  10.053  1.00 23.30 ? 67   PRO A C   1 
ATOM   508  O O   . PRO A 1 88 ? 5.042   11.156  9.621   1.00 23.32 ? 67   PRO A O   1 
ATOM   509  C CB  . PRO A 1 88 ? 5.348   13.721  11.435  1.00 25.26 ? 67   PRO A CB  1 
ATOM   510  C CG  . PRO A 1 88 ? 6.205   13.546  12.631  1.00 26.87 ? 67   PRO A CG  1 
ATOM   511  C CD  . PRO A 1 88 ? 6.180   12.111  13.005  1.00 26.36 ? 67   PRO A CD  1 
ATOM   512  N N   . TYR A 1 89 ? 3.156   12.343  9.338   1.00 24.24 ? 68   TYR A N   1 
ATOM   513  C CA  . TYR A 1 89 ? 2.922   11.806  8.029   1.00 23.92 ? 68   TYR A CA  1 
ATOM   514  C C   . TYR A 1 89 ? 4.149   12.008  7.121   1.00 24.83 ? 68   TYR A C   1 
ATOM   515  O O   . TYR A 1 89 ? 4.525   11.111  6.389   1.00 25.30 ? 68   TYR A O   1 
ATOM   516  C CB  . TYR A 1 89 ? 1.686   12.439  7.413   1.00 21.45 ? 68   TYR A CB  1 
ATOM   517  C CG  . TYR A 1 89 ? 1.451   12.038  5.972   1.00 21.81 ? 68   TYR A CG  1 
ATOM   518  C CD1 . TYR A 1 89 ? 0.772   10.826  5.627   1.00 21.22 ? 68   TYR A CD1 1 
ATOM   519  C CD2 . TYR A 1 89 ? 1.943   12.833  4.930   1.00 21.59 ? 68   TYR A CD2 1 
ATOM   520  C CE1 . TYR A 1 89 ? 0.613   10.450  4.335   1.00 23.09 ? 68   TYR A CE1 1 
ATOM   521  C CE2 . TYR A 1 89 ? 1.747   12.461  3.616   1.00 23.68 ? 68   TYR A CE2 1 
ATOM   522  C CZ  . TYR A 1 89 ? 1.084   11.259  3.322   1.00 21.36 ? 68   TYR A CZ  1 
ATOM   523  O OH  . TYR A 1 89 ? 0.883   10.938  1.976   1.00 21.77 ? 68   TYR A OH  1 
ATOM   524  N N   . ASP A 1 90 ? 4.792   13.168  7.198   1.00 26.45 ? 69   ASP A N   1 
ATOM   525  C CA  . ASP A 1 90 ? 5.961   13.356  6.323   1.00 31.03 ? 69   ASP A CA  1 
ATOM   526  C C   . ASP A 1 90 ? 7.122   12.361  6.551   1.00 30.87 ? 69   ASP A C   1 
ATOM   527  O O   . ASP A 1 90 ? 7.809   11.991  5.605   1.00 31.74 ? 69   ASP A O   1 
ATOM   528  C CB  . ASP A 1 90 ? 6.444   14.801  6.394   1.00 34.51 ? 69   ASP A CB  1 
ATOM   529  C CG  . ASP A 1 90 ? 5.404   15.778  5.876   1.00 39.83 ? 69   ASP A CG  1 
ATOM   530  O OD1 . ASP A 1 90 ? 4.539   15.383  5.044   1.00 44.74 ? 69   ASP A OD1 1 
ATOM   531  O OD2 . ASP A 1 90 ? 5.424   16.947  6.311   1.00 42.64 ? 69   ASP A OD2 1 
ATOM   532  N N   . ARG A 1 91 ? 7.274   11.836  7.768   1.00 31.95 ? 70   ARG A N   1 
ATOM   533  C CA  . ARG A 1 91 ? 8.216   10.716  7.998   1.00 31.15 ? 70   ARG A CA  1 
ATOM   534  C C   . ARG A 1 91 ? 7.900   9.401   7.236   1.00 32.98 ? 70   ARG A C   1 
ATOM   535  O O   . ARG A 1 91 ? 8.813   8.727   6.747   1.00 33.32 ? 70   ARG A O   1 
ATOM   536  C CB  . ARG A 1 91 ? 8.375   10.414  9.510   1.00 34.20 ? 70   ARG A CB  1 
ATOM   537  C CG  . ARG A 1 91 ? 9.523   9.446   9.835   1.00 39.15 ? 70   ARG A CG  1 
ATOM   538  C CD  . ARG A 1 91 ? 9.692   9.101   11.304  1.00 43.57 ? 70   ARG A CD  1 
ATOM   539  N NE  . ARG A 1 91 ? 10.197  10.226  12.096  1.00 48.87 ? 70   ARG A NE  1 
ATOM   540  N N   . LEU A 1 92 ? 6.622   9.011   7.161   1.00 26.97 ? 71   LEU A N   1 
ATOM   541  C CA  . LEU A 1 92 ? 6.233   7.808   6.433   1.00 28.52 ? 71   LEU A CA  1 
ATOM   542  C C   . LEU A 1 92 ? 6.555   7.847   4.945   1.00 27.70 ? 71   LEU A C   1 
ATOM   543  O O   . LEU A 1 92 ? 6.763   6.783   4.308   1.00 28.78 ? 71   LEU A O   1 
ATOM   544  C CB  . LEU A 1 92 ? 4.715   7.534   6.575   1.00 24.25 ? 71   LEU A CB  1 
ATOM   545  C CG  . LEU A 1 92 ? 4.202   7.271   7.971   1.00 23.38 ? 71   LEU A CG  1 
ATOM   546  C CD1 . LEU A 1 92 ? 2.687   7.091   7.909   1.00 22.28 ? 71   LEU A CD1 1 
ATOM   547  C CD2 . LEU A 1 92 ? 4.908   6.046   8.526   1.00 22.13 ? 71   LEU A CD2 1 
ATOM   548  N N   . ILE A 1 93 ? 6.557   9.072   4.375   1.00 27.42 ? 72   ILE A N   1 
ATOM   549  C CA  . ILE A 1 93 ? 6.702   9.221   2.935   1.00 27.58 ? 72   ILE A CA  1 
ATOM   550  C C   . ILE A 1 93 ? 8.103   9.724   2.547   1.00 29.99 ? 72   ILE A C   1 
ATOM   551  O O   . ILE A 1 93 ? 8.368   9.996   1.371   1.00 30.82 ? 72   ILE A O   1 
ATOM   552  C CB  . ILE A 1 93 ? 5.579   10.086  2.299   1.00 26.00 ? 72   ILE A CB  1 
ATOM   553  C CG1 . ILE A 1 93 ? 5.619   11.534  2.787   1.00 28.15 ? 72   ILE A CG1 1 
ATOM   554  C CG2 . ILE A 1 93 ? 4.184   9.480   2.535   1.00 25.79 ? 72   ILE A CG2 1 
ATOM   555  C CD1 . ILE A 1 93 ? 4.890   12.450  1.831   1.00 30.00 ? 72   ILE A CD1 1 
ATOM   556  N N   . GLU A 1 94 ? 8.986   9.805   3.532   1.00 31.06 ? 73   GLU A N   1 
ATOM   557  C CA  . GLU A 1 94 ? 10.410  10.059  3.255   1.00 39.92 ? 73   GLU A CA  1 
ATOM   558  C C   . GLU A 1 94 ? 11.103  9.030   2.343   1.00 37.46 ? 73   GLU A C   1 
ATOM   559  O O   . GLU A 1 94 ? 10.920  7.821   2.538   1.00 38.55 ? 73   GLU A O   1 
ATOM   560  C CB  . GLU A 1 94 ? 11.199  9.981   4.548   1.00 42.23 ? 73   GLU A CB  1 
ATOM   561  C CG  . GLU A 1 94 ? 11.148  11.192  5.428   1.00 43.45 ? 73   GLU A CG  1 
ATOM   562  C CD  . GLU A 1 94 ? 12.014  10.982  6.651   1.00 46.35 ? 73   GLU A CD  1 
ATOM   563  O OE1 . GLU A 1 94 ? 12.370  9.796   6.932   1.00 47.45 ? 73   GLU A OE1 1 
ATOM   564  O OE2 . GLU A 1 94 ? 12.342  11.991  7.309   1.00 50.44 ? 73   GLU A OE2 1 
ATOM   565  N N   . GLU A 1 95 ? 11.977  9.523   1.449   1.00 42.52 ? 74   GLU A N   1 
ATOM   566  C CA  . GLU A 1 95 ? 13.010  8.687   0.789   1.00 43.23 ? 74   GLU A CA  1 
ATOM   567  C C   . GLU A 1 95 ? 14.125  8.279   1.765   1.00 47.71 ? 74   GLU A C   1 
ATOM   568  O O   . GLU A 1 95 ? 14.412  9.008   2.718   1.00 50.62 ? 74   GLU A O   1 
ATOM   569  C CB  . GLU A 1 95 ? 13.660  9.450   -0.359  1.00 41.24 ? 74   GLU A CB  1 
ATOM   570  N N   . PRO A 1 96 ? 14.694  7.067   1.594   1.00 51.73 ? 75   PRO A N   1 
ATOM   571  C CA  . PRO A 1 96 ? 16.097  6.805   1.982   1.00 50.03 ? 75   PRO A CA  1 
ATOM   572  C CB  . PRO A 1 96 ? 16.113  5.308   2.316   1.00 48.72 ? 75   PRO A CB  1 
ATOM   573  C CG  . PRO A 1 96 ? 14.686  4.951   2.605   1.00 50.08 ? 75   PRO A CG  1 
ATOM   574  C CD  . PRO A 1 96 ? 13.852  5.866   1.747   1.00 50.07 ? 75   PRO A CD  1 
ATOM   575  N N   . HIS B 1 20 ? -16.323 4.975   11.777  1.00 16.59 ? -1   HIS B N   1 
ATOM   576  C CA  . HIS B 1 20 ? -17.305 4.877   10.716  1.00 30.00 ? -1   HIS B CA  1 
ATOM   577  C C   . HIS B 1 20 ? -17.050 6.181   10.006  1.00 31.99 ? -1   HIS B C   1 
ATOM   578  O O   . HIS B 1 20 ? -17.966 6.947   9.685   1.00 45.24 ? -1   HIS B O   1 
ATOM   579  C CB  . HIS B 1 20 ? -18.746 4.753   11.255  1.00 35.83 ? -1   HIS B CB  1 
ATOM   580  N N   . MET B 1 21 ? -15.774 6.380   9.703   1.00 31.66 ? 0    MET B N   1 
ATOM   581  C CA  . MET B 1 21 ? -15.199 7.677   9.647   1.00 25.87 ? 0    MET B CA  1 
ATOM   582  C C   . MET B 1 21 ? -14.062 7.827   8.678   1.00 22.73 ? 0    MET B C   1 
ATOM   583  O O   . MET B 1 21 ? -14.043 8.886   8.105   1.00 21.56 ? 0    MET B O   1 
ATOM   584  C CB  . MET B 1 21 ? -14.766 8.242   10.976  1.00 31.55 ? 0    MET B CB  1 
ATOM   585  N N   . MET B 1 22 ? -13.094 6.893   8.511   1.00 19.03 ? 1    MET B N   1 
ATOM   586  C CA  . MET B 1 22 ? -12.037 7.099   7.427   1.00 18.14 ? 1    MET B CA  1 
ATOM   587  C C   . MET B 1 22 ? -12.721 7.101   6.053   1.00 18.04 ? 1    MET B C   1 
ATOM   588  O O   . MET B 1 22 ? -12.308 7.896   5.189   1.00 20.73 ? 1    MET B O   1 
ATOM   589  C CB  . MET B 1 22 ? -10.926 6.064   7.416   1.00 21.38 ? 1    MET B CB  1 
ATOM   590  C CG  . MET B 1 22 ? -10.092 6.106   8.679   1.00 23.89 ? 1    MET B CG  1 
ATOM   591  S SD  . MET B 1 22 ? -9.001  4.739   8.900   1.00 22.63 ? 1    MET B SD  1 
ATOM   592  C CE  . MET B 1 22 ? -8.189  5.172   10.434  1.00 24.78 ? 1    MET B CE  1 
ATOM   593  N N   . ASN B 1 23 ? -13.701 6.216   5.841   1.00 16.83 ? 2    ASN B N   1 
ATOM   594  C CA  . ASN B 1 23 ? -14.388 6.134   4.547   1.00 17.64 ? 2    ASN B CA  1 
ATOM   595  C C   . ASN B 1 23 ? -13.442 6.019   3.345   1.00 15.47 ? 2    ASN B C   1 
ATOM   596  O O   . ASN B 1 23 ? -13.687 6.610   2.293   1.00 19.66 ? 2    ASN B O   1 
ATOM   597  C CB  . ASN B 1 23 ? -15.390 7.310   4.409   1.00 19.56 ? 2    ASN B CB  1 
ATOM   598  C CG  . ASN B 1 23 ? -16.509 7.253   5.444   1.00 21.05 ? 2    ASN B CG  1 
ATOM   599  O OD1 . ASN B 1 23 ? -17.085 6.192   5.690   1.00 23.40 ? 2    ASN B OD1 1 
ATOM   600  N ND2 . ASN B 1 23 ? -16.769 8.353   6.072   1.00 24.35 ? 2    ASN B ND2 1 
ATOM   601  N N   . LEU B 1 24 ? -12.431 5.202   3.415   1.00 17.19 ? 3    LEU B N   1 
ATOM   602  C CA  . LEU B 1 24 ? -11.564 4.981   2.246   1.00 16.55 ? 3    LEU B CA  1 
ATOM   603  C C   . LEU B 1 24 ? -12.356 4.511   1.041   1.00 17.25 ? 3    LEU B C   1 
ATOM   604  O O   . LEU B 1 24 ? -13.269 3.631   1.127   1.00 17.05 ? 3    LEU B O   1 
ATOM   605  C CB  . LEU B 1 24 ? -10.470 3.967   2.499   1.00 18.91 ? 3    LEU B CB  1 
ATOM   606  C CG  . LEU B 1 24 ? -9.434  4.418   3.500   1.00 18.63 ? 3    LEU B CG  1 
ATOM   607  C CD1 . LEU B 1 24 ? -8.681  3.185   4.025   1.00 20.63 ? 3    LEU B CD1 1 
ATOM   608  C CD2 . LEU B 1 24 ? -8.427  5.442   2.914   1.00 16.08 ? 3    LEU B CD2 1 
ATOM   609  N N   . LYS B 1 25 ? -11.964 4.979   -0.122  1.00 16.58 ? 4    LYS B N   1 
ATOM   610  C CA  . LYS B 1 25 ? -12.617 4.556   -1.337  1.00 17.47 ? 4    LYS B CA  1 
ATOM   611  C C   . LYS B 1 25 ? -12.170 3.155   -1.759  1.00 13.93 ? 4    LYS B C   1 
ATOM   612  O O   . LYS B 1 25 ? -11.029 2.695   -1.583  1.00 14.22 ? 4    LYS B O   1 
ATOM   613  C CB  . LYS B 1 25 ? -12.272 5.563   -2.454  1.00 17.80 ? 4    LYS B CB  1 
ATOM   614  C CG  . LYS B 1 25 ? -12.842 6.975   -2.263  1.00 18.97 ? 4    LYS B CG  1 
ATOM   615  C CD  . LYS B 1 25 ? -12.384 7.942   -3.339  1.00 20.74 ? 4    LYS B CD  1 
ATOM   616  C CE  . LYS B 1 25 ? -11.088 8.646   -3.026  1.00 20.73 ? 4    LYS B CE  1 
ATOM   617  N NZ  . LYS B 1 25 ? -10.591 9.276   -4.283  1.00 20.79 ? 4    LYS B NZ  1 
ATOM   618  N N   . PRO B 1 26 ? -13.123 2.345   -2.336  1.00 16.55 ? 5    PRO B N   1 
ATOM   619  C CA  . PRO B 1 26 ? -12.740 1.032   -2.869  1.00 16.68 ? 5    PRO B CA  1 
ATOM   620  C C   . PRO B 1 26 ? -11.488 1.012   -3.720  1.00 14.91 ? 5    PRO B C   1 
ATOM   621  O O   . PRO B 1 26 ? -10.660 0.143   -3.622  1.00 16.92 ? 5    PRO B O   1 
ATOM   622  C CB  . PRO B 1 26 ? -14.037 0.569   -3.650  1.00 18.02 ? 5    PRO B CB  1 
ATOM   623  C CG  . PRO B 1 26 ? -15.119 1.202   -2.900  1.00 19.68 ? 5    PRO B CG  1 
ATOM   624  C CD  . PRO B 1 26 ? -14.581 2.571   -2.469  1.00 18.04 ? 5    PRO B CD  1 
ATOM   625  N N   . GLN B 1 27 ? -11.286 2.045   -4.565  1.00 15.53 ? 6    GLN B N   1 
ATOM   626  C CA  . GLN B 1 27 ? -10.154 2.067   -5.434  1.00 15.98 ? 6    GLN B CA  1 
ATOM   627  C C   . GLN B 1 27 ? -8.820  2.227   -4.665  1.00 15.16 ? 6    GLN B C   1 
ATOM   628  O O   . GLN B 1 27 ? -7.834  1.646   -5.063  1.00 15.53 ? 6    GLN B O   1 
ATOM   629  C CB  . GLN B 1 27 ? -10.237 3.279   -6.331  1.00 16.97 ? 6    GLN B CB  1 
ATOM   630  C CG  . GLN B 1 27 ? -9.325  3.255   -7.511  1.00 19.53 ? 6    GLN B CG  1 
ATOM   631  C CD  . GLN B 1 27 ? -9.713  2.277   -8.633  1.00 19.75 ? 6    GLN B CD  1 
ATOM   632  O OE1 . GLN B 1 27 ? -8.873  1.745   -9.332  1.00 26.33 ? 6    GLN B OE1 1 
ATOM   633  N NE2 . GLN B 1 27 ? -10.963 2.067   -8.783  1.00 19.14 ? 6    GLN B NE2 1 
ATOM   634  N N   . THR B 1 28 ? -8.868  2.944   -3.537  1.00 13.94 ? 7    THR B N   1 
ATOM   635  C CA  . THR B 1 28 ? -7.722  3.003   -2.616  1.00 14.96 ? 7    THR B CA  1 
ATOM   636  C C   . THR B 1 28 ? -7.351  1.680   -2.027  1.00 14.16 ? 7    THR B C   1 
ATOM   637  O O   . THR B 1 28 ? -6.187  1.281   -2.041  1.00 15.04 ? 7    THR B O   1 
ATOM   638  C CB  . THR B 1 28 ? -7.945  4.046   -1.515  1.00 15.69 ? 7    THR B CB  1 
ATOM   639  O OG1 . THR B 1 28 ? -8.299  5.326   -2.084  1.00 15.89 ? 7    THR B OG1 1 
ATOM   640  C CG2 . THR B 1 28 ? -6.712  4.158   -0.632  1.00 15.40 ? 7    THR B CG2 1 
ATOM   641  N N   . LEU B 1 29 ? -8.414  0.945   -1.640  1.00 15.29 ? 8    LEU B N   1 
ATOM   642  C CA  . LEU B 1 29 ? -8.166  -0.389  -1.159  1.00 16.77 ? 8    LEU B CA  1 
ATOM   643  C C   . LEU B 1 29 ? -7.566  -1.345  -2.248  1.00 13.36 ? 8    LEU B C   1 
ATOM   644  O O   . LEU B 1 29 ? -6.614  -2.105  -1.989  1.00 14.76 ? 8    LEU B O   1 
ATOM   645  C CB  . LEU B 1 29 ? -9.435  -0.972  -0.634  1.00 15.26 ? 8    LEU B CB  1 
ATOM   646  C CG  . LEU B 1 29 ? -10.157 -0.364  0.529   1.00 15.81 ? 8    LEU B CG  1 
ATOM   647  C CD1 . LEU B 1 29 ? -11.424 -1.148  0.893   1.00 16.81 ? 8    LEU B CD1 1 
ATOM   648  C CD2 . LEU B 1 29 ? -9.259  -0.289  1.757   1.00 18.10 ? 8    LEU B CD2 1 
ATOM   649  N N   . MET B 1 30 ? -8.057  -1.259  -3.489  1.00 13.08 ? 9    MET B N   1 
ATOM   650  C CA  . MET B 1 30 ? -7.464  -2.013  -4.599  1.00 15.22 ? 9    MET B CA  1 
ATOM   651  C C   . MET B 1 30 ? -5.944  -1.724  -4.772  1.00 13.57 ? 9    MET B C   1 
ATOM   652  O O   . MET B 1 30 ? -5.151  -2.616  -4.886  1.00 17.37 ? 9    MET B O   1 
ATOM   653  C CB  . MET B 1 30 ? -8.173  -1.781  -5.926  1.00 17.26 ? 9    MET B CB  1 
ATOM   654  C CG  . MET B 1 30 ? -9.583  -2.366  -5.992  1.00 19.40 ? 9    MET B CG  1 
ATOM   655  S SD  . MET B 1 30 ? -10.520 -1.668  -7.404  1.00 28.68 ? 9    MET B SD  1 
ATOM   656  C CE  . MET B 1 30 ? -9.555  -2.089  -8.830  1.00 33.28 ? 9    MET B CE  1 
ATOM   657  N N   . VAL B 1 31 ? -5.585  -0.445  -4.838  1.00 15.95 ? 10   VAL B N   1 
ATOM   658  C CA  . VAL B 1 31 ? -4.153  -0.091  -5.024  1.00 14.50 ? 10   VAL B CA  1 
ATOM   659  C C   . VAL B 1 31 ? -3.310  -0.587  -3.839  1.00 13.61 ? 10   VAL B C   1 
ATOM   660  O O   . VAL B 1 31 ? -2.229  -1.147  -4.064  1.00 14.91 ? 10   VAL B O   1 
ATOM   661  C CB  . VAL B 1 31 ? -4.075  1.440   -5.140  1.00 15.21 ? 10   VAL B CB  1 
ATOM   662  C CG1 . VAL B 1 31 ? -2.657  1.971   -5.112  1.00 16.85 ? 10   VAL B CG1 1 
ATOM   663  C CG2 . VAL B 1 31 ? -4.703  1.879   -6.460  1.00 19.05 ? 10   VAL B CG2 1 
ATOM   664  N N   . ALA B 1 32 ? -3.813  -0.431  -2.631  1.00 12.77 ? 11   ALA B N   1 
ATOM   665  C CA  . ALA B 1 32 ? -3.093  -0.867  -1.429  1.00 13.87 ? 11   ALA B CA  1 
ATOM   666  C C   . ALA B 1 32 ? -2.872  -2.373  -1.464  1.00 15.03 ? 11   ALA B C   1 
ATOM   667  O O   . ALA B 1 32 ? -1.804  -2.877  -1.142  1.00 16.21 ? 11   ALA B O   1 
ATOM   668  C CB  . ALA B 1 32 ? -3.756  -0.444  -0.141  1.00 14.82 ? 11   ALA B CB  1 
ATOM   669  N N   . ILE B 1 33 ? -3.975  -3.076  -1.760  1.00 15.22 ? 12   ILE B N   1 
ATOM   670  C CA  . ILE B 1 33 ? -3.949  -4.550  -1.822  1.00 18.13 ? 12   ILE B CA  1 
ATOM   671  C C   . ILE B 1 33 ? -2.882  -5.025  -2.796  1.00 15.92 ? 12   ILE B C   1 
ATOM   672  O O   . ILE B 1 33 ? -2.043  -5.919  -2.485  1.00 17.73 ? 12   ILE B O   1 
ATOM   673  C CB  . ILE B 1 33 ? -5.321  -5.173  -2.153  1.00 16.29 ? 12   ILE B CB  1 
ATOM   674  C CG1 . ILE B 1 33 ? -6.254  -5.101  -0.941  1.00 16.67 ? 12   ILE B CG1 1 
ATOM   675  C CG2 . ILE B 1 33 ? -5.223  -6.627  -2.591  1.00 17.42 ? 12   ILE B CG2 1 
ATOM   676  C CD1 . ILE B 1 33 ? -7.694  -5.185  -1.278  1.00 17.07 ? 12   ILE B CD1 1 
ATOM   677  N N   . GLN B 1 34 ? -2.878  -4.446  -3.984  1.00 15.88 ? 13   GLN B N   1 
ATOM   678  C CA  . GLN B 1 34 ? -1.914  -4.828  -4.972  1.00 16.23 ? 13   GLN B CA  1 
ATOM   679  C C   . GLN B 1 34 ? -0.471  -4.479  -4.541  1.00 16.80 ? 13   GLN B C   1 
ATOM   680  O O   . GLN B 1 34 ? 0.473   -5.205  -4.836  1.00 16.05 ? 13   GLN B O   1 
ATOM   681  C CB  . GLN B 1 34 ? -2.293  -4.175  -6.320  1.00 19.01 ? 13   GLN B CB  1 
ATOM   682  C CG  . GLN B 1 34 ? -3.587  -4.660  -6.946  1.00 21.47 ? 13   GLN B CG  1 
ATOM   683  C CD  . GLN B 1 34 ? -4.008  -3.770  -8.124  1.00 29.72 ? 13   GLN B CD  1 
ATOM   684  O OE1 . GLN B 1 34 ? -4.083  -2.543  -7.996  1.00 34.21 ? 13   GLN B OE1 1 
ATOM   685  N NE2 . GLN B 1 34 ? -4.277  -4.372  -9.256  1.00 31.23 ? 13   GLN B NE2 1 
ATOM   686  N N   . CYS B 1 35 ? -0.306  -3.332  -3.941  1.00 17.07 ? 14   CYS B N   1 
ATOM   687  C CA  . CYS B 1 35 ? 1.024   -2.860  -3.523  1.00 19.98 ? 14   CYS B CA  1 
ATOM   688  C C   . CYS B 1 35 ? 1.620   -3.741  -2.466  1.00 17.14 ? 14   CYS B C   1 
ATOM   689  O O   . CYS B 1 35 ? 2.758   -4.161  -2.570  1.00 17.34 ? 14   CYS B O   1 
ATOM   690  C CB  . CYS B 1 35 ? 0.904   -1.444  -3.019  1.00 20.71 ? 14   CYS B CB  1 
ATOM   691  S SG  . CYS B 1 35 ? 2.429   -0.561  -2.774  1.00 26.35 ? 14   CYS B SG  1 
ATOM   692  N N   . VAL B 1 36 ? 0.837   -4.063  -1.433  1.00 16.58 ? 15   VAL B N   1 
ATOM   693  C CA  . VAL B 1 36 ? 1.327   -4.933  -0.353  1.00 16.21 ? 15   VAL B CA  1 
ATOM   694  C C   . VAL B 1 36 ? 1.643   -6.350  -0.876  1.00 17.78 ? 15   VAL B C   1 
ATOM   695  O O   . VAL B 1 36 ? 2.612   -6.970  -0.414  1.00 17.46 ? 15   VAL B O   1 
ATOM   696  C CB  . VAL B 1 36 ? 0.293   -4.993  0.813   1.00 16.70 ? 15   VAL B CB  1 
ATOM   697  C CG1 . VAL B 1 36 ? 0.661   -6.065  1.832   1.00 20.30 ? 15   VAL B CG1 1 
ATOM   698  C CG2 . VAL B 1 36 ? 0.270   -3.622  1.464   1.00 16.98 ? 15   VAL B CG2 1 
ATOM   699  N N   . ALA B 1 37 ? 0.796   -6.902  -1.762  1.00 17.00 ? 16   ALA B N   1 
ATOM   700  C CA  . ALA B 1 37 ? 0.992   -8.273  -2.326  1.00 17.89 ? 16   ALA B CA  1 
ATOM   701  C C   . ALA B 1 37 ? 2.301   -8.256  -3.104  1.00 19.93 ? 16   ALA B C   1 
ATOM   702  O O   . ALA B 1 37 ? 3.103   -9.144  -2.994  1.00 20.07 ? 16   ALA B O   1 
ATOM   703  C CB  . ALA B 1 37 ? -0.149  -8.636  -3.230  1.00 17.48 ? 16   ALA B CB  1 
ATOM   704  N N   . ALA B 1 38 ? 2.579   -7.154  -3.845  1.00 17.93 ? 17   ALA B N   1 
ATOM   705  C CA  . ALA B 1 38 ? 3.826   -7.064  -4.580  1.00 19.20 ? 17   ALA B CA  1 
ATOM   706  C C   . ALA B 1 38 ? 5.050   -6.936  -3.632  1.00 19.58 ? 17   ALA B C   1 
ATOM   707  O O   . ALA B 1 38 ? 6.094   -7.519  -3.924  1.00 22.06 ? 17   ALA B O   1 
ATOM   708  C CB  . ALA B 1 38 ? 3.776   -5.927  -5.567  1.00 20.52 ? 17   ALA B CB  1 
ATOM   709  N N   . ARG B 1 39 ? 4.943   -6.131  -2.579  1.00 20.73 ? 18   ARG B N   1 
ATOM   710  C CA  . ARG B 1 39 ? 6.056   -5.944  -1.678  1.00 22.23 ? 18   ARG B CA  1 
ATOM   711  C C   . ARG B 1 39 ? 6.352   -7.236  -0.918  1.00 20.76 ? 18   ARG B C   1 
ATOM   712  O O   . ARG B 1 39 ? 7.515   -7.616  -0.600  1.00 20.56 ? 18   ARG B O   1 
ATOM   713  C CB  . ARG B 1 39 ? 5.849   -4.737  -0.731  1.00 23.94 ? 18   ARG B CB  1 
ATOM   714  C CG  . ARG B 1 39 ? 7.141   -3.945  -0.594  1.00 31.07 ? 18   ARG B CG  1 
ATOM   715  C CD  . ARG B 1 39 ? 7.120   -2.914  0.499   1.00 35.31 ? 18   ARG B CD  1 
ATOM   716  N NE  . ARG B 1 39 ? 8.231   -1.985  0.318   1.00 39.50 ? 18   ARG B NE  1 
ATOM   717  C CZ  . ARG B 1 39 ? 8.364   -0.804  0.916   1.00 37.26 ? 18   ARG B CZ  1 
ATOM   718  N NH1 . ARG B 1 39 ? 7.425   -0.328  1.733   1.00 35.41 ? 18   ARG B NH1 1 
ATOM   719  N NH2 . ARG B 1 39 ? 9.457   -0.086  0.676   1.00 32.75 ? 18   ARG B NH2 1 
ATOM   720  N N   . THR B 1 40 ? 5.306   -7.979  -0.622  1.00 19.24 ? 19   THR B N   1 
ATOM   721  C CA  . THR B 1 40 ? 5.448   -9.274  0.022   1.00 20.17 ? 19   THR B CA  1 
ATOM   722  C C   . THR B 1 40 ? 6.216   -10.294 -0.873  1.00 19.88 ? 19   THR B C   1 
ATOM   723  O O   . THR B 1 40 ? 7.099   -11.018 -0.407  1.00 22.44 ? 19   THR B O   1 
ATOM   724  C CB  . THR B 1 40 ? 4.066   -9.802  0.358   1.00 20.25 ? 19   THR B CB  1 
ATOM   725  O OG1 . THR B 1 40 ? 3.400   -8.879  1.252   1.00 20.09 ? 19   THR B OG1 1 
ATOM   726  C CG2 . THR B 1 40 ? 4.151   -11.207 0.956   1.00 22.17 ? 19   THR B CG2 1 
ATOM   727  N N   . ARG B 1 41 ? 5.869   -10.366 -2.166  1.00 19.80 ? 20   ARG B N   1 
ATOM   728  C CA  . ARG B 1 41 ? 6.584   -11.246 -3.121  1.00 20.95 ? 20   ARG B CA  1 
ATOM   729  C C   . ARG B 1 41 ? 8.053   -10.825 -3.241  1.00 21.26 ? 20   ARG B C   1 
ATOM   730  O O   . ARG B 1 41 ? 8.926   -11.708 -3.409  1.00 22.16 ? 20   ARG B O   1 
ATOM   731  C CB  . ARG B 1 41 ? 5.875   -11.306 -4.521  1.00 24.45 ? 20   ARG B CB  1 
ATOM   732  C CG  . ARG B 1 41 ? 4.678   -12.297 -4.527  1.00 26.90 ? 20   ARG B CG  1 
ATOM   733  C CD  . ARG B 1 41 ? 3.962   -12.364 -5.878  1.00 30.08 ? 20   ARG B CD  1 
ATOM   734  N NE  . ARG B 1 41 ? 3.624   -11.051 -6.398  1.00 34.59 ? 20   ARG B NE  1 
ATOM   735  C CZ  . ARG B 1 41 ? 2.395   -10.519 -6.454  1.00 36.14 ? 20   ARG B CZ  1 
ATOM   736  N NH1 . ARG B 1 41 ? 1.300   -11.189 -5.998  1.00 33.82 ? 20   ARG B NH1 1 
ATOM   737  N NH2 . ARG B 1 41 ? 2.281   -9.292  -6.961  1.00 32.47 ? 20   ARG B NH2 1 
ATOM   738  N N   . GLU B 1 42 ? 8.320   -9.536  -3.185  1.00 24.19 ? 21   GLU B N   1 
ATOM   739  C CA  . GLU B 1 42 ? 9.681   -8.988  -3.248  1.00 21.47 ? 21   GLU B CA  1 
ATOM   740  C C   . GLU B 1 42 ? 10.516  -9.484  -2.044  1.00 19.49 ? 21   GLU B C   1 
ATOM   741  O O   . GLU B 1 42 ? 11.657  -9.913  -2.209  1.00 22.02 ? 21   GLU B O   1 
ATOM   742  C CB  . GLU B 1 42 ? 9.624   -7.474  -3.227  1.00 24.14 ? 21   GLU B CB  1 
ATOM   743  C CG  . GLU B 1 42 ? 10.943  -6.685  -3.373  1.00 26.42 ? 21   GLU B CG  1 
ATOM   744  C CD  . GLU B 1 42 ? 11.519  -6.809  -4.801  1.00 29.84 ? 21   GLU B CD  1 
ATOM   745  O OE1 . GLU B 1 42 ? 10.710  -6.853  -5.755  1.00 32.54 ? 21   GLU B OE1 1 
ATOM   746  O OE2 . GLU B 1 42 ? 12.768  -6.911  -4.922  1.00 36.88 ? 21   GLU B OE2 1 
ATOM   747  N N   . LEU B 1 43 ? 9.950   -9.382  -0.841  1.00 20.72 ? 22   LEU B N   1 
ATOM   748  C CA  . LEU B 1 43 ? 10.702  -9.773  0.326   1.00 20.14 ? 22   LEU B CA  1 
ATOM   749  C C   . LEU B 1 43 ? 10.868  -11.287 0.288   1.00 20.72 ? 22   LEU B C   1 
ATOM   750  O O   . LEU B 1 43 ? 11.942  -11.806 0.656   1.00 20.54 ? 22   LEU B O   1 
ATOM   751  C CB  . LEU B 1 43 ? 10.074  -9.277  1.619   1.00 23.50 ? 22   LEU B CB  1 
ATOM   752  C CG  . LEU B 1 43 ? 10.567  -7.930  2.123   1.00 30.26 ? 22   LEU B CG  1 
ATOM   753  C CD1 . LEU B 1 43 ? 10.266  -6.792  1.171   1.00 35.07 ? 22   LEU B CD1 1 
ATOM   754  C CD2 . LEU B 1 43 ? 10.032  -7.620  3.514   1.00 29.05 ? 22   LEU B CD2 1 
ATOM   755  N N   . ASP B 1 44 ? 9.823   -12.042 -0.084  1.00 18.93 ? 23   ASP B N   1 
ATOM   756  C CA  . ASP B 1 44 ? 9.987   -13.500 -0.248  1.00 24.20 ? 23   ASP B CA  1 
ATOM   757  C C   . ASP B 1 44 ? 11.136  -13.890 -1.203  1.00 22.83 ? 23   ASP B C   1 
ATOM   758  O O   . ASP B 1 44 ? 11.904  -14.854 -0.938  1.00 25.04 ? 23   ASP B O   1 
ATOM   759  C CB  . ASP B 1 44 ? 8.682   -14.144 -0.749  1.00 26.93 ? 23   ASP B CB  1 
ATOM   760  C CG  . ASP B 1 44 ? 7.623   -14.262 0.346   1.00 32.27 ? 23   ASP B CG  1 
ATOM   761  O OD1 . ASP B 1 44 ? 7.974   -14.394 1.539   1.00 40.12 ? 23   ASP B OD1 1 
ATOM   762  O OD2 . ASP B 1 44 ? 6.428   -14.219 -0.019  1.00 35.85 ? 23   ASP B OD2 1 
ATOM   763  N N   . ALA B 1 45 ? 11.256  -13.161 -2.309  1.00 21.84 ? 24   ALA B N   1 
ATOM   764  C CA  . ALA B 1 45 ? 12.317  -13.380 -3.256  1.00 20.11 ? 24   ALA B CA  1 
ATOM   765  C C   . ALA B 1 45 ? 13.694  -13.144 -2.659  1.00 21.99 ? 24   ALA B C   1 
ATOM   766  O O   . ALA B 1 45 ? 14.639  -13.910 -2.855  1.00 22.67 ? 24   ALA B O   1 
ATOM   767  C CB  . ALA B 1 45 ? 12.099  -12.487 -4.512  1.00 19.49 ? 24   ALA B CB  1 
ATOM   768  N N   . GLN B 1 46 ? 13.835  -12.017 -1.998  1.00 21.10 ? 25   GLN B N   1 
ATOM   769  C CA  . GLN B 1 46 ? 15.084  -11.667 -1.308  1.00 21.07 ? 25   GLN B CA  1 
ATOM   770  C C   . GLN B 1 46 ? 15.497  -12.731 -0.308  1.00 21.44 ? 25   GLN B C   1 
ATOM   771  O O   . GLN B 1 46 ? 16.680  -13.046 -0.218  1.00 23.45 ? 25   GLN B O   1 
ATOM   772  C CB  . GLN B 1 46 ? 14.937  -10.304 -0.619  1.00 23.80 ? 25   GLN B CB  1 
ATOM   773  C CG  . GLN B 1 46 ? 14.995  -9.166  -1.617  0.50 22.87 ? 25   GLN B CG  1 
ATOM   774  C CD  . GLN B 1 46 ? 14.857  -7.795  -0.998  0.50 21.91 ? 25   GLN B CD  1 
ATOM   775  O OE1 . GLN B 1 46 ? 14.074  -6.970  -1.469  0.50 26.68 ? 25   GLN B OE1 1 
ATOM   776  N NE2 . GLN B 1 46 ? 15.629  -7.532  0.018   0.50 22.36 ? 25   GLN B NE2 1 
ATOM   777  N N   . LEU B 1 47 ? 14.538  -13.357 0.380   1.00 20.84 ? 26   LEU B N   1 
ATOM   778  C CA  . LEU B 1 47 ? 14.853  -14.452 1.350   1.00 21.63 ? 26   LEU B CA  1 
ATOM   779  C C   . LEU B 1 47 ? 15.459  -15.731 0.726   1.00 23.81 ? 26   LEU B C   1 
ATOM   780  O O   . LEU B 1 47 ? 16.010  -16.566 1.438   1.00 30.94 ? 26   LEU B O   1 
ATOM   781  C CB  . LEU B 1 47 ? 13.607  -14.783 2.181   1.00 22.63 ? 26   LEU B CB  1 
ATOM   782  C CG  . LEU B 1 47 ? 13.210  -13.743 3.262   1.00 22.82 ? 26   LEU B CG  1 
ATOM   783  C CD1 . LEU B 1 47 ? 11.803  -13.983 3.818   1.00 25.09 ? 26   LEU B CD1 1 
ATOM   784  C CD2 . LEU B 1 47 ? 14.208  -13.707 4.446   1.00 24.98 ? 26   LEU B CD2 1 
ATOM   785  N N   . GLN B 1 48 ? 15.423  -15.856 -0.585  1.00 21.62 ? 27   GLN B N   1 
ATOM   786  C CA  . GLN B 1 48 ? 16.008  -16.947 -1.348  1.00 23.16 ? 27   GLN B CA  1 
ATOM   787  C C   . GLN B 1 48 ? 17.292  -16.520 -2.090  1.00 21.90 ? 27   GLN B C   1 
ATOM   788  O O   . GLN B 1 48 ? 17.766  -17.251 -2.965  1.00 22.85 ? 27   GLN B O   1 
ATOM   789  C CB  . GLN B 1 48 ? 14.955  -17.449 -2.359  1.00 26.66 ? 27   GLN B CB  1 
ATOM   790  C CG  . GLN B 1 48 ? 13.657  -18.033 -1.745  1.00 32.33 ? 27   GLN B CG  1 
ATOM   791  C CD  . GLN B 1 48 ? 12.581  -18.245 -2.815  1.00 37.15 ? 27   GLN B CD  1 
ATOM   792  O OE1 . GLN B 1 48 ? 12.598  -19.250 -3.543  1.00 43.65 ? 27   GLN B OE1 1 
ATOM   793  N NE2 . GLN B 1 48 ? 11.663  -17.277 -2.945  1.00 37.20 ? 27   GLN B NE2 1 
ATOM   794  N N   . ASN B 1 49 ? 17.883  -15.369 -1.705  1.00 21.39 ? 28   ASN B N   1 
ATOM   795  C CA  . ASN B 1 49 ? 19.128  -14.925 -2.340  1.00 20.84 ? 28   ASN B CA  1 
ATOM   796  C C   . ASN B 1 49 ? 20.396  -15.475 -1.665  1.00 19.26 ? 28   ASN B C   1 
ATOM   797  O O   . ASN B 1 49 ? 21.479  -15.175 -2.117  1.00 19.19 ? 28   ASN B O   1 
ATOM   798  C CB  . ASN B 1 49 ? 19.214  -13.408 -2.506  1.00 21.10 ? 28   ASN B CB  1 
ATOM   799  C CG  . ASN B 1 49 ? 19.561  -12.672 -1.242  1.00 21.55 ? 28   ASN B CG  1 
ATOM   800  O OD1 . ASN B 1 49 ? 19.723  -13.302 -0.213  1.00 19.56 ? 28   ASN B OD1 1 
ATOM   801  N ND2 . ASN B 1 49 ? 19.671  -11.295 -1.283  1.00 18.71 ? 28   ASN B ND2 1 
ATOM   802  N N   . ASP B 1 50 ? 20.243  -16.284 -0.614  1.00 18.23 ? 29   ASP B N   1 
ATOM   803  C CA  . ASP B 1 50 ? 21.395  -16.936 0.045   1.00 18.39 ? 29   ASP B CA  1 
ATOM   804  C C   . ASP B 1 50 ? 22.257  -15.991 0.889   1.00 17.87 ? 29   ASP B C   1 
ATOM   805  O O   . ASP B 1 50 ? 23.416  -16.319 1.133   1.00 17.76 ? 29   ASP B O   1 
ATOM   806  C CB  . ASP B 1 50 ? 22.233  -17.761 -0.943  1.00 19.60 ? 29   ASP B CB  1 
ATOM   807  C CG  . ASP B 1 50 ? 21.414  -18.867 -1.654  1.00 19.97 ? 29   ASP B CG  1 
ATOM   808  O OD1 . ASP B 1 50 ? 20.253  -19.114 -1.293  1.00 21.91 ? 29   ASP B OD1 1 
ATOM   809  O OD2 . ASP B 1 50 ? 21.892  -19.394 -2.667  1.00 23.02 ? 29   ASP B OD2 1 
ATOM   810  N N   . ASP B 1 51 ? 21.633  -14.924 1.415   1.00 20.16 ? 30   ASP B N   1 
ATOM   811  C CA  . ASP B 1 51 ? 22.301  -14.028 2.363   1.00 17.64 ? 30   ASP B CA  1 
ATOM   812  C C   . ASP B 1 51 ? 21.444  -13.955 3.640   1.00 20.03 ? 30   ASP B C   1 
ATOM   813  O O   . ASP B 1 51 ? 20.401  -13.342 3.642   1.00 19.48 ? 30   ASP B O   1 
ATOM   814  C CB  . ASP B 1 51 ? 22.565  -12.630 1.804   1.00 19.10 ? 30   ASP B CB  1 
ATOM   815  C CG  . ASP B 1 51 ? 23.324  -11.781 2.768   1.00 21.18 ? 30   ASP B CG  1 
ATOM   816  O OD1 . ASP B 1 51 ? 23.688  -12.284 3.887   1.00 17.58 ? 30   ASP B OD1 1 
ATOM   817  O OD2 . ASP B 1 51 ? 23.568  -10.584 2.462   1.00 21.88 ? 30   ASP B OD2 1 
ATOM   818  N N   . PRO B 1 52 ? 21.860  -14.671 4.743   1.00 17.83 ? 31   PRO B N   1 
ATOM   819  C CA  . PRO B 1 52 ? 21.034  -14.672 5.967   1.00 19.14 ? 31   PRO B CA  1 
ATOM   820  C C   . PRO B 1 52 ? 21.169  -13.420 6.845   1.00 18.82 ? 31   PRO B C   1 
ATOM   821  O O   . PRO B 1 52 ? 20.504  -13.283 7.905   1.00 20.97 ? 31   PRO B O   1 
ATOM   822  C CB  . PRO B 1 52 ? 21.535  -15.910 6.696   1.00 21.05 ? 31   PRO B CB  1 
ATOM   823  C CG  . PRO B 1 52 ? 22.991  -15.995 6.293   1.00 20.40 ? 31   PRO B CG  1 
ATOM   824  C CD  . PRO B 1 52 ? 23.081  -15.449 4.891   1.00 18.83 ? 31   PRO B CD  1 
ATOM   825  N N   . GLN B 1 53 ? 22.015  -12.479 6.421   1.00 18.55 ? 32   GLN B N   1 
ATOM   826  C CA  . GLN B 1 53 ? 22.343  -11.287 7.219   1.00 21.71 ? 32   GLN B CA  1 
ATOM   827  C C   . GLN B 1 53 ? 21.111  -10.670 7.849   1.00 22.15 ? 32   GLN B C   1 
ATOM   828  O O   . GLN B 1 53 ? 21.057  -10.496 9.065   1.00 26.58 ? 32   GLN B O   1 
ATOM   829  C CB  . GLN B 1 53 ? 23.127  -10.261 6.370   1.00 24.60 ? 32   GLN B CB  1 
ATOM   830  C CG  . GLN B 1 53 ? 23.451  -8.933  7.074   1.00 28.90 ? 32   GLN B CG  1 
ATOM   831  C CD  . GLN B 1 53 ? 24.017  -7.824  6.166   1.00 31.32 ? 32   GLN B CD  1 
ATOM   832  O OE1 . GLN B 1 53 ? 23.541  -7.557  5.035   1.00 33.60 ? 32   GLN B OE1 1 
ATOM   833  N NE2 . GLN B 1 53 ? 24.973  -7.119  6.693   1.00 33.78 ? 32   GLN B NE2 1 
ATOM   834  N N   . ASN B 1 54 ? 20.152  -10.292 7.029   1.00 20.85 ? 33   ASN B N   1 
ATOM   835  C CA  . ASN B 1 54 ? 18.953  -9.599  7.545   1.00 21.68 ? 33   ASN B CA  1 
ATOM   836  C C   . ASN B 1 54 ? 17.682  -10.450 7.383   1.00 20.60 ? 33   ASN B C   1 
ATOM   837  O O   . ASN B 1 54 ? 16.576  -9.918  7.295   1.00 20.80 ? 33   ASN B O   1 
ATOM   838  C CB  . ASN B 1 54 ? 18.720  -8.229  6.850   1.00 22.32 ? 33   ASN B CB  1 
ATOM   839  C CG  . ASN B 1 54 ? 19.758  -7.174  7.220   1.00 23.37 ? 33   ASN B CG  1 
ATOM   840  O OD1 . ASN B 1 54 ? 20.190  -6.423  6.339   1.00 28.80 ? 33   ASN B OD1 1 
ATOM   841  N ND2 . ASN B 1 54 ? 20.091  -7.070  8.495   1.00 27.09 ? 33   ASN B ND2 1 
ATOM   842  N N   . ALA B 1 55 ? 17.833  -11.760 7.342   1.00 21.05 ? 34   ALA B N   1 
ATOM   843  C CA  . ALA B 1 55 ? 16.651  -12.662 7.264   1.00 22.21 ? 34   ALA B CA  1 
ATOM   844  C C   . ALA B 1 55 ? 15.667  -12.418 8.431   1.00 23.10 ? 34   ALA B C   1 
ATOM   845  O O   . ALA B 1 55 ? 14.433  -12.328 8.213   1.00 22.15 ? 34   ALA B O   1 
ATOM   846  C CB  . ALA B 1 55 ? 17.062  -14.088 7.259   1.00 22.63 ? 34   ALA B CB  1 
ATOM   847  N N   . ALA B 1 56 ? 16.170  -12.288 9.652   1.00 21.46 ? 35   ALA B N   1 
ATOM   848  C CA  . ALA B 1 56 ? 15.308  -12.017 10.793  1.00 20.93 ? 35   ALA B CA  1 
ATOM   849  C C   . ALA B 1 56 ? 14.463  -10.784 10.586  1.00 20.14 ? 35   ALA B C   1 
ATOM   850  O O   . ALA B 1 56 ? 13.296  -10.788 10.901  1.00 25.17 ? 35   ALA B O   1 
ATOM   851  C CB  . ALA B 1 56 ? 16.089  -11.872 12.104  1.00 23.13 ? 35   ALA B CB  1 
ATOM   852  N N   . GLU B 1 57 ? 15.091  -9.709  10.076  1.00 20.52 ? 36   GLU B N   1 
ATOM   853  C CA  . GLU B 1 57 ? 14.455  -8.441  9.864   1.00 19.81 ? 36   GLU B CA  1 
ATOM   854  C C   . GLU B 1 57 ? 13.360  -8.537  8.794   1.00 19.88 ? 36   GLU B C   1 
ATOM   855  O O   . GLU B 1 57 ? 12.254  -7.948  8.967   1.00 20.06 ? 36   GLU B O   1 
ATOM   856  C CB  . GLU B 1 57 ? 15.544  -7.391  9.486   1.00 23.36 ? 36   GLU B CB  1 
ATOM   857  C CG  . GLU B 1 57 ? 16.411  -6.921  10.657  1.00 27.04 ? 36   GLU B CG  1 
ATOM   858  C CD  . GLU B 1 57 ? 17.491  -7.905  11.121  1.00 30.41 ? 36   GLU B CD  1 
ATOM   859  O OE1 . GLU B 1 57 ? 17.873  -8.875  10.398  1.00 28.43 ? 36   GLU B OE1 1 
ATOM   860  O OE2 . GLU B 1 57 ? 17.996  -7.689  12.249  1.00 36.70 ? 36   GLU B OE2 1 
ATOM   861  N N   . LEU B 1 58 ? 13.654  -9.247  7.716   1.00 21.12 ? 37   LEU B N   1 
ATOM   862  C CA  . LEU B 1 58 ? 12.674  -9.405  6.601   1.00 20.20 ? 37   LEU B CA  1 
ATOM   863  C C   . LEU B 1 58 ? 11.506  -10.231 7.091   1.00 21.85 ? 37   LEU B C   1 
ATOM   864  O O   . LEU B 1 58 ? 10.394  -9.901  6.745   1.00 20.96 ? 37   LEU B O   1 
ATOM   865  C CB  . LEU B 1 58 ? 13.260  -9.996  5.318   1.00 22.75 ? 37   LEU B CB  1 
ATOM   866  C CG  . LEU B 1 58 ? 14.434  -9.237  4.658   1.00 26.33 ? 37   LEU B CG  1 
ATOM   867  C CD1 . LEU B 1 58 ? 14.695  -9.719  3.231   1.00 29.24 ? 37   LEU B CD1 1 
ATOM   868  C CD2 . LEU B 1 58 ? 14.354  -7.701  4.687   1.00 28.73 ? 37   LEU B CD2 1 
ATOM   869  N N   . GLU B 1 59 ? 11.766  -11.254 7.885   1.00 21.50 ? 38   GLU B N   1 
ATOM   870  C CA  . GLU B 1 59 ? 10.675  -12.036 8.445   1.00 22.27 ? 38   GLU B CA  1 
ATOM   871  C C   . GLU B 1 59 ? 9.778   -11.213 9.399   1.00 21.03 ? 38   GLU B C   1 
ATOM   872  O O   . GLU B 1 59 ? 8.544   -11.360 9.349   1.00 22.03 ? 38   GLU B O   1 
ATOM   873  C CB  . GLU B 1 59 ? 11.200  -13.285 9.213   1.00 24.45 ? 38   GLU B CB  1 
ATOM   874  C CG  . GLU B 1 59 ? 11.814  -14.390 8.406   1.00 29.60 ? 38   GLU B CG  1 
ATOM   875  C CD  . GLU B 1 59 ? 10.824  -15.135 7.529   1.00 39.92 ? 38   GLU B CD  1 
ATOM   876  O OE1 . GLU B 1 59 ? 9.598   -14.870 7.630   1.00 49.38 ? 38   GLU B OE1 1 
ATOM   877  O OE2 . GLU B 1 59 ? 11.278  -15.996 6.730   1.00 45.55 ? 38   GLU B OE2 1 
ATOM   878  N N   . GLN B 1 60 ? 10.352  -10.356 10.247  1.00 19.87 ? 39   GLN B N   1 
ATOM   879  C CA  . GLN B 1 60 ? 9.541   -9.412  11.075  1.00 21.72 ? 39   GLN B CA  1 
ATOM   880  C C   . GLN B 1 60 ? 8.663   -8.542  10.205  1.00 22.91 ? 39   GLN B C   1 
ATOM   881  O O   . GLN B 1 60 ? 7.478   -8.349  10.457  1.00 24.00 ? 39   GLN B O   1 
ATOM   882  C CB  . GLN B 1 60 ? 10.430  -8.512  11.942  1.00 25.87 ? 39   GLN B CB  1 
ATOM   883  C CG  . GLN B 1 60 ? 11.069  -9.248  13.099  1.00 30.80 ? 39   GLN B CG  1 
ATOM   884  C CD  . GLN B 1 60 ? 11.806  -8.352  14.107  1.00 35.43 ? 39   GLN B CD  1 
ATOM   885  O OE1 . GLN B 1 60 ? 11.854  -7.116  14.008  1.00 27.74 ? 39   GLN B OE1 1 
ATOM   886  N NE2 . GLN B 1 60 ? 12.359  -9.001  15.132  1.00 38.64 ? 39   GLN B NE2 1 
ATOM   887  N N   . LEU B 1 61 ? 9.223   -8.004  9.140   1.00 21.73 ? 40   LEU B N   1 
ATOM   888  C CA  . LEU B 1 61 ? 8.426   -7.152  8.242   1.00 24.27 ? 40   LEU B CA  1 
ATOM   889  C C   . LEU B 1 61 ? 7.296   -7.894  7.577   1.00 22.14 ? 40   LEU B C   1 
ATOM   890  O O   . LEU B 1 61 ? 6.211   -7.342  7.424   1.00 22.93 ? 40   LEU B O   1 
ATOM   891  C CB  . LEU B 1 61 ? 9.292   -6.521  7.154   1.00 25.12 ? 40   LEU B CB  1 
ATOM   892  C CG  . LEU B 1 61 ? 10.043  -5.302  7.635   1.00 28.14 ? 40   LEU B CG  1 
ATOM   893  C CD1 . LEU B 1 61 ? 10.875  -4.788  6.465   1.00 31.17 ? 40   LEU B CD1 1 
ATOM   894  C CD2 . LEU B 1 61 ? 9.107   -4.215  8.159   1.00 28.17 ? 40   LEU B CD2 1 
ATOM   895  N N   . LEU B 1 62 ? 7.586   -9.125  7.176   1.00 19.27 ? 41   LEU B N   1 
ATOM   896  C CA  . LEU B 1 62 ? 6.595   -9.994  6.474   1.00 20.68 ? 41   LEU B CA  1 
ATOM   897  C C   . LEU B 1 62 ? 5.399   -10.291 7.373   1.00 21.03 ? 41   LEU B C   1 
ATOM   898  O O   . LEU B 1 62 ? 4.275   -10.287 6.881   1.00 21.55 ? 41   LEU B O   1 
ATOM   899  C CB  . LEU B 1 62 ? 7.219   -11.253 5.910   1.00 23.80 ? 41   LEU B CB  1 
ATOM   900  C CG  . LEU B 1 62 ? 7.998   -11.059 4.605   1.00 24.49 ? 41   LEU B CG  1 
ATOM   901  C CD1 . LEU B 1 62 ? 8.795   -12.320 4.299   1.00 27.29 ? 41   LEU B CD1 1 
ATOM   902  C CD2 . LEU B 1 62 ? 7.094   -10.674 3.446   1.00 23.39 ? 41   LEU B CD2 1 
ATOM   903  N N   . VAL B 1 63 ? 5.622   -10.430 8.684   1.00 21.01 ? 42   VAL B N   1 
ATOM   904  C CA  . VAL B 1 63 ? 4.491   -10.595 9.594   1.00 22.73 ? 42   VAL B CA  1 
ATOM   905  C C   . VAL B 1 63 ? 3.553   -9.398  9.499   1.00 21.62 ? 42   VAL B C   1 
ATOM   906  O O   . VAL B 1 63 ? 2.356   -9.572  9.331   1.00 21.25 ? 42   VAL B O   1 
ATOM   907  C CB  . VAL B 1 63 ? 4.960   -10.781 11.067  1.00 23.84 ? 42   VAL B CB  1 
ATOM   908  C CG1 . VAL B 1 63 ? 3.779   -10.757 12.068  1.00 25.49 ? 42   VAL B CG1 1 
ATOM   909  C CG2 . VAL B 1 63 ? 5.749   -12.086 11.187  1.00 25.91 ? 42   VAL B CG2 1 
ATOM   910  N N   . GLY B 1 64 ? 4.115   -8.181  9.577   1.00 18.93 ? 43   GLY B N   1 
ATOM   911  C CA  . GLY B 1 64 ? 3.418   -6.914  9.413   1.00 18.07 ? 43   GLY B CA  1 
ATOM   912  C C   . GLY B 1 64 ? 2.646   -6.775  8.095   1.00 16.39 ? 43   GLY B C   1 
ATOM   913  O O   . GLY B 1 64 ? 1.512   -6.273  8.058   1.00 16.90 ? 43   GLY B O   1 
ATOM   914  N N   . TYR B 1 65 ? 3.313   -7.114  7.004   1.00 17.62 ? 44   TYR B N   1 
ATOM   915  C CA  . TYR B 1 65 ? 2.695   -7.062  5.658   1.00 17.68 ? 44   TYR B CA  1 
ATOM   916  C C   . TYR B 1 65 ? 1.484   -8.004  5.621   1.00 17.83 ? 44   TYR B C   1 
ATOM   917  O O   . TYR B 1 65 ? 0.434   -7.663  5.075   1.00 18.45 ? 44   TYR B O   1 
ATOM   918  C CB  . TYR B 1 65 ? 3.709   -7.396  4.531   1.00 17.32 ? 44   TYR B CB  1 
ATOM   919  C CG  . TYR B 1 65 ? 4.814   -6.329  4.275   1.00 17.86 ? 44   TYR B CG  1 
ATOM   920  C CD1 . TYR B 1 65 ? 4.933   -5.205  5.047   1.00 19.90 ? 44   TYR B CD1 1 
ATOM   921  C CD2 . TYR B 1 65 ? 5.754   -6.571  3.320   1.00 19.86 ? 44   TYR B CD2 1 
ATOM   922  C CE1 . TYR B 1 65 ? 5.968   -4.288  4.800   1.00 19.65 ? 44   TYR B CE1 1 
ATOM   923  C CE2 . TYR B 1 65 ? 6.785   -5.676  3.081   1.00 20.53 ? 44   TYR B CE2 1 
ATOM   924  C CZ  . TYR B 1 65 ? 6.876   -4.544  3.797   1.00 21.96 ? 44   TYR B CZ  1 
ATOM   925  O OH  . TYR B 1 65 ? 7.957   -3.670  3.520   1.00 24.36 ? 44   TYR B OH  1 
ATOM   926  N N   . ASP B 1 66 ? 1.617   -9.183  6.186   1.00 17.48 ? 45   ASP B N   1 
ATOM   927  C CA  . ASP B 1 66 ? 0.498   -10.132 6.188   1.00 16.47 ? 45   ASP B CA  1 
ATOM   928  C C   . ASP B 1 66 ? -0.712  -9.600  7.030   1.00 16.81 ? 45   ASP B C   1 
ATOM   929  O O   . ASP B 1 66 ? -1.858  -9.743  6.616   1.00 17.05 ? 45   ASP B O   1 
ATOM   930  C CB  . ASP B 1 66 ? 0.948   -11.496 6.739   1.00 22.17 ? 45   ASP B CB  1 
ATOM   931  C CG  . ASP B 1 66 ? 1.791   -12.266 5.789   1.00 23.46 ? 45   ASP B CG  1 
ATOM   932  O OD1 . ASP B 1 66 ? 1.849   -11.901 4.581   1.00 28.95 ? 45   ASP B OD1 1 
ATOM   933  O OD2 . ASP B 1 66 ? 2.409   -13.243 6.285   1.00 28.56 ? 45   ASP B OD2 1 
ATOM   934  N N   . LEU B 1 67 ? -0.430  -9.058  8.198   1.00 15.66 ? 46   LEU B N   1 
ATOM   935  C CA  . LEU B 1 67 ? -1.450  -8.393  9.010   1.00 15.22 ? 46   LEU B CA  1 
ATOM   936  C C   . LEU B 1 67 ? -2.145  -7.291  8.188   1.00 16.29 ? 46   LEU B C   1 
ATOM   937  O O   . LEU B 1 67 ? -3.355  -7.132  8.230   1.00 17.91 ? 46   LEU B O   1 
ATOM   938  C CB  . LEU B 1 67 ? -0.986  -7.898  10.357  1.00 17.68 ? 46   LEU B CB  1 
ATOM   939  C CG  . LEU B 1 67 ? -0.380  -9.003  11.267  1.00 18.50 ? 46   LEU B CG  1 
ATOM   940  C CD1 . LEU B 1 67 ? 0.302   -8.444  12.497  1.00 19.13 ? 46   LEU B CD1 1 
ATOM   941  C CD2 . LEU B 1 67 ? -1.475  -9.969  11.681  1.00 19.39 ? 46   LEU B CD2 1 
ATOM   942  N N   . ALA B 1 68 ? -1.359  -6.415  7.536   1.00 15.67 ? 47   ALA B N   1 
ATOM   943  C CA  . ALA B 1 68 ? -1.993  -5.382  6.745   1.00 15.34 ? 47   ALA B CA  1 
ATOM   944  C C   . ALA B 1 68 ? -2.874  -5.969  5.625   1.00 14.27 ? 47   ALA B C   1 
ATOM   945  O O   . ALA B 1 68 ? -3.945  -5.459  5.365   1.00 15.15 ? 47   ALA B O   1 
ATOM   946  C CB  . ALA B 1 68 ? -0.891  -4.423  6.194   1.00 16.20 ? 47   ALA B CB  1 
ATOM   947  N N   . ALA B 1 69 ? -2.332  -7.007  4.953   1.00 15.70 ? 48   ALA B N   1 
ATOM   948  C CA  . ALA B 1 69 ? -3.066  -7.675  3.908   1.00 15.18 ? 48   ALA B CA  1 
ATOM   949  C C   . ALA B 1 69 ? -4.393  -8.241  4.385   1.00 15.76 ? 48   ALA B C   1 
ATOM   950  O O   . ALA B 1 69 ? -5.423  -8.060  3.702   1.00 17.63 ? 48   ALA B O   1 
ATOM   951  C CB  . ALA B 1 69 ? -2.244  -8.732  3.214   1.00 15.57 ? 48   ALA B CB  1 
ATOM   952  N N   . ASP B 1 70 ? -4.414  -8.807  5.581   1.00 16.47 ? 49   ASP B N   1 
ATOM   953  C CA  . ASP B 1 70 ? -5.658  -9.369  6.122   1.00 18.51 ? 49   ASP B CA  1 
ATOM   954  C C   . ASP B 1 70 ? -6.716  -8.262  6.366   1.00 16.95 ? 49   ASP B C   1 
ATOM   955  O O   . ASP B 1 70 ? -7.948  -8.390  6.094   1.00 18.56 ? 49   ASP B O   1 
ATOM   956  C CB  . ASP B 1 70 ? -5.385  -10.020 7.491   1.00 19.31 ? 49   ASP B CB  1 
ATOM   957  C CG  . ASP B 1 70 ? -4.513  -11.248 7.448   1.00 22.14 ? 49   ASP B CG  1 
ATOM   958  O OD1 . ASP B 1 70 ? -4.337  -11.884 6.386   1.00 23.16 ? 49   ASP B OD1 1 
ATOM   959  O OD2 . ASP B 1 70 ? -3.986  -11.591 8.555   1.00 27.03 ? 49   ASP B OD2 1 
ATOM   960  N N   . ASP B 1 71 ? -6.248  -7.145  6.892   1.00 15.23 ? 50   ASP B N   1 
ATOM   961  C CA  . ASP B 1 71 ? -7.120  -6.020  7.266   1.00 14.15 ? 50   ASP B CA  1 
ATOM   962  C C   . ASP B 1 71 ? -7.689  -5.397  5.964   1.00 15.93 ? 50   ASP B C   1 
ATOM   963  O O   . ASP B 1 71 ? -8.896  -5.113  5.867   1.00 17.05 ? 50   ASP B O   1 
ATOM   964  C CB  . ASP B 1 71 ? -6.276  -5.005  8.053   1.00 16.57 ? 50   ASP B CB  1 
ATOM   965  C CG  . ASP B 1 71 ? -7.103  -3.955  8.727   1.00 17.17 ? 50   ASP B CG  1 
ATOM   966  O OD1 . ASP B 1 71 ? -8.274  -4.141  9.081   1.00 18.23 ? 50   ASP B OD1 1 
ATOM   967  O OD2 . ASP B 1 71 ? -6.609  -2.788  8.973   1.00 17.28 ? 50   ASP B OD2 1 
ATOM   968  N N   . LEU B 1 72 ? -6.817  -5.129  4.992   1.00 16.08 ? 51   LEU B N   1 
ATOM   969  C CA  . LEU B 1 72 ? -7.225  -4.712  3.659   1.00 16.30 ? 51   LEU B CA  1 
ATOM   970  C C   . LEU B 1 72 ? -8.290  -5.659  3.041   1.00 16.68 ? 51   LEU B C   1 
ATOM   971  O O   . LEU B 1 72 ? -9.274  -5.171  2.431   1.00 15.74 ? 51   LEU B O   1 
ATOM   972  C CB  . LEU B 1 72 ? -6.023  -4.537  2.727   1.00 14.43 ? 51   LEU B CB  1 
ATOM   973  C CG  . LEU B 1 72 ? -5.117  -3.308  3.055   1.00 13.99 ? 51   LEU B CG  1 
ATOM   974  C CD1 . LEU B 1 72 ? -3.797  -3.515  2.389   1.00 14.17 ? 51   LEU B CD1 1 
ATOM   975  C CD2 . LEU B 1 72 ? -5.843  -1.999  2.836   1.00 17.52 ? 51   LEU B CD2 1 
ATOM   976  N N   . LYS B 1 73 ? -8.027  -6.982  3.119   1.00 17.34 ? 52   LYS B N   1 
ATOM   977  C CA  . LYS B 1 73 ? -8.932  -7.982  2.564   1.00 18.25 ? 52   LYS B CA  1 
ATOM   978  C C   . LYS B 1 73 ? -10.325 -7.874  3.227   1.00 17.64 ? 52   LYS B C   1 
ATOM   979  O O   . LYS B 1 73 ? -11.356 -7.826  2.524   1.00 16.95 ? 52   LYS B O   1 
ATOM   980  C CB  . LYS B 1 73 ? -8.360  -9.380  2.683   1.00 19.54 ? 52   LYS B CB  1 
ATOM   981  C CG  . LYS B 1 73 ? -9.382  -10.404 2.172   1.00 19.21 ? 52   LYS B CG  1 
ATOM   982  C CD  . LYS B 1 73 ? -8.808  -11.814 2.197   1.00 22.49 ? 52   LYS B CD  1 
ATOM   983  C CE  . LYS B 1 73 ? -9.895  -12.815 1.759   1.00 27.51 ? 52   LYS B CE  1 
ATOM   984  N NZ  . LYS B 1 73 ? -9.345  -14.175 1.704   1.00 32.10 ? 52   LYS B NZ  1 
ATOM   985  N N   . ASN B 1 74 ? -10.320 -7.700  4.545   1.00 17.04 ? 53   ASN B N   1 
ATOM   986  C CA  . ASN B 1 74 ? -11.600 -7.508  5.288   1.00 17.97 ? 53   ASN B CA  1 
ATOM   987  C C   . ASN B 1 74 ? -12.343 -6.339  4.756   1.00 19.19 ? 53   ASN B C   1 
ATOM   988  O O   . ASN B 1 74 ? -13.540 -6.389  4.516   1.00 21.44 ? 53   ASN B O   1 
ATOM   989  C CB  . ASN B 1 74 ? -11.395 -7.480  6.785   1.00 18.08 ? 53   ASN B CB  1 
ATOM   990  C CG  . ASN B 1 74 ? -11.018 -8.865  7.328   1.00 20.91 ? 53   ASN B CG  1 
ATOM   991  O OD1 . ASN B 1 74 ? -11.413 -9.892  6.778   1.00 26.80 ? 53   ASN B OD1 1 
ATOM   992  N ND2 . ASN B 1 74 ? -10.269 -8.879  8.408   1.00 22.80 ? 53   ASN B ND2 1 
ATOM   993  N N   . ALA B 1 75 ? -11.634 -5.230  4.590   1.00 16.78 ? 54   ALA B N   1 
ATOM   994  C CA  . ALA B 1 75 ? -12.287 -4.000  4.199   1.00 13.65 ? 54   ALA B CA  1 
ATOM   995  C C   . ALA B 1 75 ? -12.811 -4.066  2.778   1.00 12.95 ? 54   ALA B C   1 
ATOM   996  O O   . ALA B 1 75 ? -13.862 -3.516  2.522   1.00 15.58 ? 54   ALA B O   1 
ATOM   997  C CB  . ALA B 1 75 ? -11.292 -2.818  4.296   1.00 14.24 ? 54   ALA B CB  1 
ATOM   998  N N   . TYR B 1 76 ? -12.063 -4.704  1.912   1.00 13.64 ? 55   TYR B N   1 
ATOM   999  C CA  . TYR B 1 76 ? -12.469 -4.828  0.534   1.00 14.53 ? 55   TYR B CA  1 
ATOM   1000 C C   . TYR B 1 76 ? -13.709 -5.777  0.427   1.00 16.73 ? 55   TYR B C   1 
ATOM   1001 O O   . TYR B 1 76 ? -14.571 -5.560  -0.449  1.00 17.81 ? 55   TYR B O   1 
ATOM   1002 C CB  . TYR B 1 76 ? -11.291 -5.419  -0.329  1.00 15.90 ? 55   TYR B CB  1 
ATOM   1003 C CG  . TYR B 1 76 ? -11.615 -5.367  -1.790  1.00 15.79 ? 55   TYR B CG  1 
ATOM   1004 C CD1 . TYR B 1 76 ? -11.616 -4.155  -2.446  1.00 17.45 ? 55   TYR B CD1 1 
ATOM   1005 C CD2 . TYR B 1 76 ? -11.841 -6.550  -2.533  1.00 17.39 ? 55   TYR B CD2 1 
ATOM   1006 C CE1 . TYR B 1 76 ? -11.939 -4.076  -3.771  1.00 18.72 ? 55   TYR B CE1 1 
ATOM   1007 C CE2 . TYR B 1 76 ? -12.106 -6.497  -3.870  1.00 15.54 ? 55   TYR B CE2 1 
ATOM   1008 C CZ  . TYR B 1 76 ? -12.178 -5.212  -4.492  1.00 18.94 ? 55   TYR B CZ  1 
ATOM   1009 O OH  . TYR B 1 76 ? -12.494 -5.075  -5.853  1.00 20.01 ? 55   TYR B OH  1 
ATOM   1010 N N   . GLU B 1 77 ? -13.778 -6.817  1.246   1.00 21.44 ? 56   GLU B N   1 
ATOM   1011 C CA  . GLU B 1 77 ? -14.973 -7.658  1.218   1.00 22.32 ? 56   GLU B CA  1 
ATOM   1012 C C   . GLU B 1 77 ? -16.219 -6.831  1.594   1.00 20.28 ? 56   GLU B C   1 
ATOM   1013 O O   . GLU B 1 77 ? -17.312 -7.089  1.049   1.00 19.63 ? 56   GLU B O   1 
ATOM   1014 C CB  . GLU B 1 77 ? -14.795 -8.871  2.174   1.00 23.40 ? 56   GLU B CB  1 
ATOM   1015 C CG  . GLU B 1 77 ? -13.766 -9.911  1.729   1.00 29.91 ? 56   GLU B CG  1 
ATOM   1016 C CD  . GLU B 1 77 ? -14.109 -10.711 0.478   1.00 38.30 ? 56   GLU B CD  1 
ATOM   1017 O OE1 . GLU B 1 77 ? -15.313 -10.846 0.096   1.00 40.96 ? 56   GLU B OE1 1 
ATOM   1018 O OE2 . GLU B 1 77 ? -13.135 -11.257 -0.108  1.00 50.86 ? 56   GLU B OE2 1 
ATOM   1019 N N   . GLN B 1 78 ? -16.127 -5.862  2.516   1.00 18.95 ? 57   GLN B N   1 
ATOM   1020 C CA  . GLN B 1 78 ? -17.256 -4.949  2.787   1.00 18.47 ? 57   GLN B CA  1 
ATOM   1021 C C   . GLN B 1 78 ? -17.620 -4.140  1.548   1.00 20.53 ? 57   GLN B C   1 
ATOM   1022 O O   . GLN B 1 78 ? -18.792 -3.803  1.255   1.00 21.66 ? 57   GLN B O   1 
ATOM   1023 C CB  . GLN B 1 78 ? -17.011 -4.041  3.983   1.00 21.26 ? 57   GLN B CB  1 
ATOM   1024 C CG  . GLN B 1 78 ? -16.892 -4.772  5.274   1.00 21.88 ? 57   GLN B CG  1 
ATOM   1025 C CD  . GLN B 1 78 ? -17.006 -3.872  6.495   1.00 23.59 ? 57   GLN B CD  1 
ATOM   1026 O OE1 . GLN B 1 78 ? -17.179 -2.654  6.374   1.00 25.87 ? 57   GLN B OE1 1 
ATOM   1027 N NE2 . GLN B 1 78 ? -16.886 -4.458  7.685   1.00 26.14 ? 57   GLN B NE2 1 
ATOM   1028 N N   . ALA B 1 79 ? -16.581 -3.658  0.861   1.00 17.35 ? 58   ALA B N   1 
ATOM   1029 C CA  . ALA B 1 79 ? -16.814 -2.873  -0.339  1.00 18.18 ? 58   ALA B CA  1 
ATOM   1030 C C   . ALA B 1 79 ? -17.601 -3.692  -1.406  1.00 19.20 ? 58   ALA B C   1 
ATOM   1031 O O   . ALA B 1 79 ? -18.467 -3.144  -2.129  1.00 20.86 ? 58   ALA B O   1 
ATOM   1032 C CB  . ALA B 1 79 ? -15.479 -2.342  -0.889  1.00 19.68 ? 58   ALA B CB  1 
ATOM   1033 N N   . LEU B 1 80 ? -17.253 -4.973  -1.552  1.00 19.03 ? 59   LEU B N   1 
ATOM   1034 C CA  . LEU B 1 80 ? -17.922 -5.885  -2.496  1.00 23.46 ? 59   LEU B CA  1 
ATOM   1035 C C   . LEU B 1 80 ? -19.392 -6.093  -2.150  1.00 22.39 ? 59   LEU B C   1 
ATOM   1036 O O   . LEU B 1 80 ? -20.192 -6.362  -3.061  1.00 24.51 ? 59   LEU B O   1 
ATOM   1037 C CB  . LEU B 1 80 ? -17.250 -7.228  -2.508  1.00 23.11 ? 59   LEU B CB  1 
ATOM   1038 C CG  . LEU B 1 80 ? -15.856 -7.338  -3.156  1.00 23.54 ? 59   LEU B CG  1 
ATOM   1039 C CD1 . LEU B 1 80 ? -15.193 -8.668  -2.889  1.00 23.19 ? 59   LEU B CD1 1 
ATOM   1040 C CD2 . LEU B 1 80 ? -15.928 -7.118  -4.650  1.00 26.29 ? 59   LEU B CD2 1 
ATOM   1041 N N   . GLY B 1 81 ? -19.732 -5.876  -0.889  1.00 24.48 ? 60   GLY B N   1 
ATOM   1042 C CA  . GLY B 1 81 ? -21.164 -5.863  -0.465  1.00 25.99 ? 60   GLY B CA  1 
ATOM   1043 C C   . GLY B 1 81 ? -21.950 -4.561  -0.641  1.00 26.74 ? 60   GLY B C   1 
ATOM   1044 O O   . GLY B 1 81 ? -23.163 -4.585  -0.792  1.00 27.46 ? 60   GLY B O   1 
ATOM   1045 N N   . GLN B 1 82 ? -21.286 -3.399  -0.628  1.00 23.59 ? 61   GLN B N   1 
ATOM   1046 C CA  . GLN B 1 82 ? -21.909 -2.096  -0.771  1.00 25.42 ? 61   GLN B CA  1 
ATOM   1047 C C   . GLN B 1 82 ? -22.000 -1.609  -2.219  1.00 23.75 ? 61   GLN B C   1 
ATOM   1048 O O   . GLN B 1 82 ? -22.944 -0.908  -2.545  1.00 25.37 ? 61   GLN B O   1 
ATOM   1049 C CB  . GLN B 1 82 ? -21.118 -1.064  0.074   1.00 25.56 ? 61   GLN B CB  1 
ATOM   1050 C CG  . GLN B 1 82 ? -21.695 0.364   0.067   1.00 32.46 ? 61   GLN B CG  1 
ATOM   1051 C CD  . GLN B 1 82 ? -21.275 1.141   1.299   1.00 30.44 ? 61   GLN B CD  1 
ATOM   1052 O OE1 . GLN B 1 82 ? -20.759 2.287   1.264   1.00 35.82 ? 61   GLN B OE1 1 
ATOM   1053 N NE2 . GLN B 1 82 ? -21.530 0.519   2.423   1.00 30.06 ? 61   GLN B NE2 1 
ATOM   1054 N N   . TYR B 1 83 ? -21.038 -2.014  -3.073  1.00 22.63 ? 62   TYR B N   1 
ATOM   1055 C CA  . TYR B 1 83 ? -20.919 -1.556  -4.442  1.00 21.97 ? 62   TYR B CA  1 
ATOM   1056 C C   . TYR B 1 83 ? -20.895 -2.700  -5.462  1.00 26.00 ? 62   TYR B C   1 
ATOM   1057 O O   . TYR B 1 83 ? -20.351 -3.776  -5.191  1.00 28.85 ? 62   TYR B O   1 
ATOM   1058 C CB  . TYR B 1 83 ? -19.672 -0.669  -4.621  1.00 22.26 ? 62   TYR B CB  1 
ATOM   1059 C CG  . TYR B 1 83 ? -19.663 0.580   -3.756  1.00 21.41 ? 62   TYR B CG  1 
ATOM   1060 C CD1 . TYR B 1 83 ? -20.580 1.613   -3.951  1.00 21.11 ? 62   TYR B CD1 1 
ATOM   1061 C CD2 . TYR B 1 83 ? -18.752 0.725   -2.750  1.00 19.43 ? 62   TYR B CD2 1 
ATOM   1062 C CE1 . TYR B 1 83 ? -20.592 2.749   -3.149  1.00 22.37 ? 62   TYR B CE1 1 
ATOM   1063 C CE2 . TYR B 1 83 ? -18.732 1.879   -1.958  1.00 22.67 ? 62   TYR B CE2 1 
ATOM   1064 C CZ  . TYR B 1 83 ? -19.638 2.887   -2.149  1.00 21.54 ? 62   TYR B CZ  1 
ATOM   1065 O OH  . TYR B 1 83 ? -19.582 3.977   -1.310  1.00 25.60 ? 62   TYR B OH  1 
ATOM   1066 N N   . SER B 1 84 ? -21.517 -2.460  -6.624  1.00 27.05 ? 63   SER B N   1 
ATOM   1067 C CA  . SER B 1 84 ? -21.517 -3.451  -7.708  1.00 27.98 ? 63   SER B CA  1 
ATOM   1068 C C   . SER B 1 84 ? -20.333 -3.231  -8.647  1.00 24.69 ? 63   SER B C   1 
ATOM   1069 O O   . SER B 1 84 ? -19.800 -2.126  -8.783  1.00 23.40 ? 63   SER B O   1 
ATOM   1070 C CB  . SER B 1 84 ? -22.851 -3.374  -8.500  1.00 29.06 ? 63   SER B CB  1 
ATOM   1071 O OG  . SER B 1 84 ? -22.889 -2.251  -9.351  1.00 41.78 ? 63   SER B OG  1 
ATOM   1072 N N   . GLY B 1 85 ? -19.917 -4.299  -9.295  1.00 23.57 ? 64   GLY B N   1 
ATOM   1073 C CA  . GLY B 1 85 ? -18.952 -4.219  -10.388 1.00 25.46 ? 64   GLY B CA  1 
ATOM   1074 C C   . GLY B 1 85 ? -17.489 -4.081  -10.052 1.00 24.29 ? 64   GLY B C   1 
ATOM   1075 O O   . GLY B 1 85 ? -16.685 -3.739  -10.904 1.00 27.85 ? 64   GLY B O   1 
ATOM   1076 N N   . LEU B 1 86 ? -17.162 -4.244  -8.779  1.00 22.52 ? 65   LEU B N   1 
ATOM   1077 C CA  . LEU B 1 86 ? -15.755 -4.335  -8.374  1.00 20.26 ? 65   LEU B CA  1 
ATOM   1078 C C   . LEU B 1 86 ? -15.125 -5.713  -8.642  1.00 21.45 ? 65   LEU B C   1 
ATOM   1079 O O   . LEU B 1 86 ? -15.809 -6.775  -8.579  1.00 22.88 ? 65   LEU B O   1 
ATOM   1080 C CB  . LEU B 1 86 ? -15.620 -3.986  -6.898  1.00 21.97 ? 65   LEU B CB  1 
ATOM   1081 C CG  . LEU B 1 86 ? -16.054 -2.584  -6.452  1.00 21.83 ? 65   LEU B CG  1 
ATOM   1082 C CD1 . LEU B 1 86 ? -16.018 -2.498  -4.924  1.00 21.88 ? 65   LEU B CD1 1 
ATOM   1083 C CD2 . LEU B 1 86 ? -15.174 -1.502  -7.099  1.00 23.61 ? 65   LEU B CD2 1 
ATOM   1084 N N   . PRO B 1 87 ? -13.833 -5.748  -8.908  1.00 20.86 ? 66   PRO B N   1 
ATOM   1085 C CA  . PRO B 1 87 ? -13.168 -6.985  -9.254  1.00 20.49 ? 66   PRO B CA  1 
ATOM   1086 C C   . PRO B 1 87 ? -13.084 -7.959  -8.057  1.00 20.50 ? 66   PRO B C   1 
ATOM   1087 O O   . PRO B 1 87 ? -13.068 -7.525  -6.915  1.00 20.51 ? 66   PRO B O   1 
ATOM   1088 C CB  . PRO B 1 87 ? -11.780 -6.532  -9.732  1.00 22.88 ? 66   PRO B CB  1 
ATOM   1089 C CG  . PRO B 1 87 ? -11.556 -5.219  -9.135  1.00 22.21 ? 66   PRO B CG  1 
ATOM   1090 C CD  . PRO B 1 87 ? -12.904 -4.580  -8.947  1.00 18.64 ? 66   PRO B CD  1 
ATOM   1091 N N   . PRO B 1 88 ? -13.095 -9.272  -8.319  1.00 23.81 ? 67   PRO B N   1 
ATOM   1092 C CA  . PRO B 1 88 ? -12.866 -10.187 -7.221  1.00 23.98 ? 67   PRO B CA  1 
ATOM   1093 C C   . PRO B 1 88 ? -11.530 -9.925  -6.505  1.00 21.57 ? 67   PRO B C   1 
ATOM   1094 O O   . PRO B 1 88 ? -10.512 -9.587  -7.137  1.00 21.88 ? 67   PRO B O   1 
ATOM   1095 C CB  . PRO B 1 88 ? -12.890 -11.584 -7.885  1.00 24.69 ? 67   PRO B CB  1 
ATOM   1096 C CG  . PRO B 1 88 ? -13.440 -11.380 -9.245  1.00 26.08 ? 67   PRO B CG  1 
ATOM   1097 C CD  . PRO B 1 88 ? -13.229 -9.939  -9.619  1.00 25.39 ? 67   PRO B CD  1 
ATOM   1098 N N   . TYR B 1 89 ? -11.521 -10.182 -5.211  1.00 19.03 ? 68   TYR B N   1 
ATOM   1099 C CA  . TYR B 1 89 ? -10.310 -10.048 -4.439  1.00 20.25 ? 68   TYR B CA  1 
ATOM   1100 C C   . TYR B 1 89 ? -9.125  -10.832 -5.048  1.00 21.30 ? 68   TYR B C   1 
ATOM   1101 O O   . TYR B 1 89 ? -8.002  -10.372 -5.115  1.00 23.01 ? 68   TYR B O   1 
ATOM   1102 C CB  . TYR B 1 89 ? -10.550 -10.424 -2.986  1.00 21.78 ? 68   TYR B CB  1 
ATOM   1103 C CG  . TYR B 1 89 ? -9.291  -10.368 -2.136  1.00 20.80 ? 68   TYR B CG  1 
ATOM   1104 C CD1 . TYR B 1 89 ? -8.816  -9.172  -1.641  1.00 22.39 ? 68   TYR B CD1 1 
ATOM   1105 C CD2 . TYR B 1 89 ? -8.538  -11.519 -1.885  1.00 20.46 ? 68   TYR B CD2 1 
ATOM   1106 C CE1 . TYR B 1 89 ? -7.667  -9.130  -0.886  1.00 20.90 ? 68   TYR B CE1 1 
ATOM   1107 C CE2 . TYR B 1 89 ? -7.394  -11.488 -1.125  1.00 20.62 ? 68   TYR B CE2 1 
ATOM   1108 C CZ  . TYR B 1 89 ? -6.920  -10.260 -0.667  1.00 19.80 ? 68   TYR B CZ  1 
ATOM   1109 O OH  . TYR B 1 89 ? -5.784  -10.250 0.127   1.00 20.52 ? 68   TYR B OH  1 
ATOM   1110 N N   . ASP B 1 90 ? -9.361  -12.053 -5.467  1.00 24.17 ? 69   ASP B N   1 
ATOM   1111 C CA  . ASP B 1 90 ? -8.255  -12.873 -5.967  1.00 26.66 ? 69   ASP B CA  1 
ATOM   1112 C C   . ASP B 1 90 ? -7.568  -12.267 -7.225  1.00 28.39 ? 69   ASP B C   1 
ATOM   1113 O O   . ASP B 1 90 ? -6.365  -12.467 -7.424  1.00 27.67 ? 69   ASP B O   1 
ATOM   1114 C CB  . ASP B 1 90 ? -8.724  -14.319 -6.185  1.00 31.84 ? 69   ASP B CB  1 
ATOM   1115 C CG  . ASP B 1 90 ? -9.085  -15.006 -4.882  1.00 39.42 ? 69   ASP B CG  1 
ATOM   1116 O OD1 . ASP B 1 90 ? -8.567  -14.627 -3.808  1.00 39.37 ? 69   ASP B OD1 1 
ATOM   1117 O OD2 . ASP B 1 90 ? -9.945  -15.917 -4.921  1.00 43.36 ? 69   ASP B OD2 1 
ATOM   1118 N N   . ARG B 1 91 ? -8.318  -11.502 -8.025  1.00 28.63 ? 70   ARG B N   1 
ATOM   1119 C CA  . ARG B 1 91 ? -7.774  -10.838 -9.220  1.00 30.48 ? 70   ARG B CA  1 
ATOM   1120 C C   . ARG B 1 91 ? -6.752  -9.783  -8.811  1.00 28.49 ? 70   ARG B C   1 
ATOM   1121 O O   . ARG B 1 91 ? -5.743  -9.581  -9.482  1.00 29.83 ? 70   ARG B O   1 
ATOM   1122 C CB  . ARG B 1 91 ? -8.907  -10.215 -10.060 1.00 32.46 ? 70   ARG B CB  1 
ATOM   1123 C CG  . ARG B 1 91 ? -8.476  -9.575  -11.382 1.00 35.21 ? 70   ARG B CG  1 
ATOM   1124 C CD  . ARG B 1 91 ? -9.654  -8.893  -12.156 1.00 41.87 ? 70   ARG B CD  1 
ATOM   1125 N NE  . ARG B 1 91 ? -9.513  -8.940  -13.644 1.00 47.66 ? 70   ARG B NE  1 
ATOM   1126 C CZ  . ARG B 1 91 ? -10.092 -8.113  -14.553 1.00 46.36 ? 70   ARG B CZ  1 
ATOM   1127 N NH1 . ARG B 1 91 ? -10.916 -7.087  -14.216 1.00 46.02 ? 70   ARG B NH1 1 
ATOM   1128 N NH2 . ARG B 1 91 ? -9.836  -8.296  -15.849 1.00 42.04 ? 70   ARG B NH2 1 
ATOM   1129 N N   . LEU B 1 92 ? -7.000  -9.139  -7.680  1.00 26.00 ? 71   LEU B N   1 
ATOM   1130 C CA  . LEU B 1 92 ? -6.076  -8.111  -7.159  1.00 24.51 ? 71   LEU B CA  1 
ATOM   1131 C C   . LEU B 1 92 ? -4.715  -8.659  -6.681  1.00 27.73 ? 71   LEU B C   1 
ATOM   1132 O O   . LEU B 1 92 ? -3.693  -7.939  -6.719  1.00 28.23 ? 71   LEU B O   1 
ATOM   1133 C CB  . LEU B 1 92 ? -6.741  -7.345  -5.994  1.00 23.00 ? 71   LEU B CB  1 
ATOM   1134 C CG  . LEU B 1 92 ? -8.052  -6.628  -6.297  1.00 21.79 ? 71   LEU B CG  1 
ATOM   1135 C CD1 . LEU B 1 92 ? -8.558  -5.980  -5.023  1.00 21.45 ? 71   LEU B CD1 1 
ATOM   1136 C CD2 . LEU B 1 92 ? -7.774  -5.639  -7.418  1.00 23.18 ? 71   LEU B CD2 1 
ATOM   1137 N N   . ILE B 1 93 ? -4.693  -9.885  -6.165  1.00 28.71 ? 72   ILE B N   1 
ATOM   1138 C CA  . ILE B 1 93 ? -3.479  -10.434 -5.549  1.00 29.13 ? 72   ILE B CA  1 
ATOM   1139 C C   . ILE B 1 93 ? -2.770  -11.502 -6.413  1.00 35.76 ? 72   ILE B C   1 
ATOM   1140 O O   . ILE B 1 93 ? -1.739  -12.038 -6.005  1.00 38.18 ? 72   ILE B O   1 
ATOM   1141 C CB  . ILE B 1 93 ? -3.742  -11.006 -4.135  1.00 28.81 ? 72   ILE B CB  1 
ATOM   1142 C CG1 . ILE B 1 93 ? -4.708  -12.197 -4.199  1.00 30.10 ? 72   ILE B CG1 1 
ATOM   1143 C CG2 . ILE B 1 93 ? -4.253  -9.937  -3.175  1.00 28.42 ? 72   ILE B CG2 1 
ATOM   1144 C CD1 . ILE B 1 93 ? -4.614  -13.039 -2.953  1.00 32.67 ? 72   ILE B CD1 1 
ATOM   1145 N N   . GLU B 1 94 ? -3.316  -11.824 -7.584  1.00 41.28 ? 73   GLU B N   1 
ATOM   1146 C CA  . GLU B 1 94 ? -2.623  -12.693 -8.579  1.00 44.43 ? 73   GLU B CA  1 
ATOM   1147 C C   . GLU B 1 94 ? -1.116  -12.400 -8.692  1.00 43.81 ? 73   GLU B C   1 
ATOM   1148 O O   . GLU B 1 94 ? -0.706  -11.227 -8.883  1.00 37.18 ? 73   GLU B O   1 
ATOM   1149 C CB  . GLU B 1 94 ? -3.245  -12.478 -9.963  1.00 46.80 ? 73   GLU B CB  1 
ATOM   1150 C CG  . GLU B 1 94 ? -4.463  -13.336 -10.307 1.00 49.71 ? 73   GLU B CG  1 
ATOM   1151 C CD  . GLU B 1 94 ? -5.124  -12.892 -11.610 1.00 49.26 ? 73   GLU B CD  1 
ATOM   1152 O OE1 . GLU B 1 94 ? -4.908  -11.742 -12.038 1.00 54.02 ? 73   GLU B OE1 1 
ATOM   1153 O OE2 . GLU B 1 94 ? -5.879  -13.671 -12.204 1.00 56.58 ? 73   GLU B OE2 1 
HETATM 1154 O O   . HOH C 2 .  ? -14.610 -0.922  2.616   1.00 22.83 ? 2001 HOH A O   1 
HETATM 1155 O O   . HOH C 2 .  ? -14.246 3.779   7.396   1.00 19.80 ? 2002 HOH A O   1 
HETATM 1156 O O   . HOH C 2 .  ? -13.398 0.790   4.459   1.00 21.73 ? 2003 HOH A O   1 
HETATM 1157 O O   . HOH C 2 .  ? -12.254 3.305   5.643   1.00 19.71 ? 2004 HOH A O   1 
HETATM 1158 O O   . HOH C 2 .  ? -14.081 -0.051  11.974  1.00 25.99 ? 2005 HOH A O   1 
HETATM 1159 O O   . HOH C 2 .  ? -9.710  -2.515  10.876  1.00 20.73 ? 2006 HOH A O   1 
HETATM 1160 O O   . HOH C 2 .  ? -10.625 3.607   14.158  1.00 24.79 ? 2007 HOH A O   1 
HETATM 1161 O O   . HOH C 2 .  ? -2.177  -5.017  12.928  1.00 22.38 ? 2008 HOH A O   1 
HETATM 1162 O O   . HOH C 2 .  ? -8.547  2.025   13.088  1.00 29.48 ? 2009 HOH A O   1 
HETATM 1163 O O   . HOH C 2 .  ? 2.888   8.675   -1.897  1.00 30.77 ? 2010 HOH A O   1 
HETATM 1164 O O   . HOH C 2 .  ? 4.952   -0.634  13.303  1.00 32.83 ? 2011 HOH A O   1 
HETATM 1165 O O   . HOH C 2 .  ? 4.222   0.643   15.414  1.00 31.99 ? 2012 HOH A O   1 
HETATM 1166 O O   . HOH C 2 .  ? 2.694   -2.997  11.051  1.00 27.16 ? 2013 HOH A O   1 
HETATM 1167 O O   . HOH C 2 .  ? -2.117  -4.218  10.389  1.00 20.47 ? 2014 HOH A O   1 
HETATM 1168 O O   . HOH C 2 .  ? 1.517   7.039   0.019   1.00 18.72 ? 2015 HOH A O   1 
HETATM 1169 O O   . HOH C 2 .  ? 8.415   4.501   1.184   1.00 27.08 ? 2016 HOH A O   1 
HETATM 1170 O O   . HOH C 2 .  ? 6.084   -0.582  -2.850  1.00 25.89 ? 2017 HOH A O   1 
HETATM 1171 O O   . HOH C 2 .  ? 4.858   -2.753  -4.105  1.00 26.64 ? 2018 HOH A O   1 
HETATM 1172 O O   . HOH C 2 .  ? 10.996  3.447   -4.458  1.00 36.26 ? 2019 HOH A O   1 
HETATM 1173 O O   . HOH C 2 .  ? 8.238   0.165   -4.812  1.00 43.11 ? 2020 HOH A O   1 
HETATM 1174 O O   . HOH C 2 .  ? 3.241   -3.973  -8.767  1.00 31.97 ? 2021 HOH A O   1 
HETATM 1175 O O   . HOH C 2 .  ? -0.655  -0.966  -6.473  1.00 29.07 ? 2022 HOH A O   1 
HETATM 1176 O O   . HOH C 2 .  ? 1.637   8.483   -4.644  1.00 28.99 ? 2023 HOH A O   1 
HETATM 1177 O O   . HOH C 2 .  ? 4.342   11.488  -9.988  1.00 40.72 ? 2024 HOH A O   1 
HETATM 1178 O O   . HOH C 2 .  ? 1.856   14.643  12.913  1.00 34.93 ? 2025 HOH A O   1 
HETATM 1179 O O   . HOH C 2 .  ? 11.172  14.498  -9.131  1.00 38.14 ? 2026 HOH A O   1 
HETATM 1180 O O   . HOH C 2 .  ? 3.617   5.438   -24.127 1.00 36.70 ? 2027 HOH A O   1 
HETATM 1181 O O   . HOH C 2 .  ? 0.578   10.814  -14.110 1.00 35.36 ? 2028 HOH A O   1 
HETATM 1182 O O   . HOH C 2 .  ? -3.248  7.862   -21.778 1.00 37.10 ? 2029 HOH A O   1 
HETATM 1183 O O   . HOH C 2 .  ? -6.529  4.900   -6.891  1.00 18.43 ? 2030 HOH A O   1 
HETATM 1184 O O   . HOH C 2 .  ? 4.101   -0.319  -10.197 1.00 44.28 ? 2031 HOH A O   1 
HETATM 1185 O O   . HOH C 2 .  ? -8.017  10.550  -3.438  1.00 20.51 ? 2032 HOH A O   1 
HETATM 1186 O O   . HOH C 2 .  ? -8.108  6.091   -4.754  1.00 17.25 ? 2033 HOH A O   1 
HETATM 1187 O O   . HOH C 2 .  ? -0.187  8.471   1.551   1.00 19.01 ? 2034 HOH A O   1 
HETATM 1188 O O   . HOH C 2 .  ? -5.233  13.938  1.470   1.00 35.56 ? 2035 HOH A O   1 
HETATM 1189 O O   . HOH C 2 .  ? -6.706  12.961  -4.445  1.00 28.17 ? 2036 HOH A O   1 
HETATM 1190 O O   . HOH C 2 .  ? -9.764  8.770   4.150   1.00 20.50 ? 2037 HOH A O   1 
HETATM 1191 O O   . HOH C 2 .  ? -9.921  11.320  1.054   1.00 24.07 ? 2038 HOH A O   1 
HETATM 1192 O O   . HOH C 2 .  ? -12.484 8.639   1.173   1.00 20.03 ? 2039 HOH A O   1 
HETATM 1193 O O   . HOH C 2 .  ? -0.577  9.699   17.254  1.00 22.94 ? 2040 HOH A O   1 
HETATM 1194 O O   . HOH C 2 .  ? -7.617  4.691   14.617  1.00 31.94 ? 2041 HOH A O   1 
HETATM 1195 O O   . HOH C 2 .  ? -1.094  -1.666  18.696  1.00 18.04 ? 2042 HOH A O   1 
HETATM 1196 O O   . HOH C 2 .  ? 2.767   5.766   22.991  1.00 29.37 ? 2043 HOH A O   1 
HETATM 1197 O O   . HOH C 2 .  ? -1.066  4.280   23.525  1.00 24.41 ? 2044 HOH A O   1 
HETATM 1198 O O   . HOH C 2 .  ? 6.549   9.249   16.886  1.00 38.31 ? 2045 HOH A O   1 
HETATM 1199 O O   . HOH C 2 .  ? 3.674   15.442  8.613   1.00 30.96 ? 2046 HOH A O   1 
HETATM 1200 O O   . HOH C 2 .  ? 1.603   14.623  10.460  1.00 27.24 ? 2047 HOH A O   1 
HETATM 1201 O O   . HOH C 2 .  ? 1.462   12.279  -0.075  1.00 36.37 ? 2048 HOH A O   1 
HETATM 1202 O O   . HOH D 2 .  ? -17.339 3.761   4.461   1.00 26.02 ? 2001 HOH B O   1 
HETATM 1203 O O   . HOH D 2 .  ? -14.839 2.989   3.422   1.00 20.78 ? 2002 HOH B O   1 
HETATM 1204 O O   . HOH D 2 .  ? -14.201 0.887   0.244   1.00 21.09 ? 2003 HOH B O   1 
HETATM 1205 O O   . HOH D 2 .  ? -9.985  7.316   -6.156  1.00 20.13 ? 2004 HOH B O   1 
HETATM 1206 O O   . HOH D 2 .  ? -0.653  -9.680  0.225   1.00 30.10 ? 2005 HOH B O   1 
HETATM 1207 O O   . HOH D 2 .  ? -13.432 2.067   -7.472  1.00 19.20 ? 2006 HOH B O   1 
HETATM 1208 O O   . HOH D 2 .  ? -6.231  3.282   -9.125  1.00 22.17 ? 2007 HOH B O   1 
HETATM 1209 O O   . HOH D 2 .  ? -11.741 0.624   -10.804 1.00 30.94 ? 2008 HOH B O   1 
HETATM 1210 O O   . HOH D 2 .  ? -2.374  -7.517  -0.029  1.00 17.49 ? 2009 HOH B O   1 
HETATM 1211 O O   . HOH D 2 .  ? 0.392   -7.116  -6.934  1.00 28.87 ? 2010 HOH B O   1 
HETATM 1212 O O   . HOH D 2 .  ? 6.960   -4.220  -4.931  1.00 38.76 ? 2011 HOH B O   1 
HETATM 1213 O O   . HOH D 2 .  ? -7.468  -7.790  10.854  1.00 38.61 ? 2012 HOH B O   1 
HETATM 1214 O O   . HOH D 2 .  ? 11.636  0.183   -1.004  1.00 45.50 ? 2013 HOH B O   1 
HETATM 1215 O O   . HOH D 2 .  ? 1.167   -9.830  2.520   1.00 32.69 ? 2014 HOH B O   1 
HETATM 1216 O O   . HOH D 2 .  ? 15.087  -14.685 -5.278  1.00 29.54 ? 2015 HOH B O   1 
HETATM 1217 O O   . HOH D 2 .  ? 18.003  -13.376 2.210   1.00 32.60 ? 2016 HOH B O   1 
HETATM 1218 O O   . HOH D 2 .  ? 16.004  -17.367 4.350   1.00 40.09 ? 2017 HOH B O   1 
HETATM 1219 O O   . HOH D 2 .  ? 17.588  -16.096 -5.652  1.00 28.08 ? 2018 HOH B O   1 
HETATM 1220 O O   . HOH D 2 .  ? 18.065  -20.508 -2.110  1.00 28.85 ? 2019 HOH B O   1 
HETATM 1221 O O   . HOH D 2 .  ? 23.784  -15.795 -4.240  1.00 22.12 ? 2020 HOH B O   1 
HETATM 1222 O O   . HOH D 2 .  ? 24.166  -18.568 -3.879  1.00 20.91 ? 2021 HOH B O   1 
HETATM 1223 O O   . HOH D 2 .  ? 19.849  -10.551 4.175   1.00 25.63 ? 2022 HOH B O   1 
HETATM 1224 O O   . HOH D 2 .  ? 21.632  -8.705  3.020   1.00 38.08 ? 2023 HOH B O   1 
HETATM 1225 O O   . HOH D 2 .  ? 19.016  -12.682 10.330  1.00 23.09 ? 2024 HOH B O   1 
HETATM 1226 O O   . HOH D 2 .  ? 12.229  -12.172 12.885  1.00 33.06 ? 2025 HOH B O   1 
HETATM 1227 O O   . HOH D 2 .  ? 0.642   -4.162  9.575   1.00 21.29 ? 2026 HOH B O   1 
HETATM 1228 O O   . HOH D 2 .  ? -2.175  -12.825 5.197   1.00 38.78 ? 2027 HOH B O   1 
HETATM 1229 O O   . HOH D 2 .  ? 4.260   -14.364 4.123   1.00 40.08 ? 2028 HOH B O   1 
HETATM 1230 O O   . HOH D 2 .  ? -4.939  -7.646  10.501  1.00 25.58 ? 2029 HOH B O   1 
HETATM 1231 O O   . HOH D 2 .  ? -4.907  -7.767  0.925   1.00 16.67 ? 2030 HOH B O   1 
HETATM 1232 O O   . HOH D 2 .  ? -8.789  -11.516 6.122   1.00 27.97 ? 2031 HOH B O   1 
HETATM 1233 O O   . HOH D 2 .  ? -9.474  -6.467  9.891   1.00 23.30 ? 2032 HOH B O   1 
HETATM 1234 O O   . HOH D 2 .  ? -15.315 -8.202  5.670   1.00 31.77 ? 2033 HOH B O   1 
HETATM 1235 O O   . HOH D 2 .  ? -22.964 -5.361  -4.225  1.00 34.75 ? 2034 HOH B O   1 
HETATM 1236 O O   . HOH D 2 .  ? -18.774 -5.516  -6.348  1.00 30.71 ? 2035 HOH B O   1 
HETATM 1237 O O   . HOH D 2 .  ? -21.707 5.819   -1.519  1.00 28.92 ? 2036 HOH B O   1 
HETATM 1238 O O   . HOH D 2 .  ? -16.299 -1.254  -11.447 1.00 23.80 ? 2037 HOH B O   1 
HETATM 1239 O O   . HOH D 2 .  ? -13.747 -11.602 -4.057  1.00 26.27 ? 2038 HOH B O   1 
HETATM 1240 O O   . HOH D 2 .  ? -11.910 -13.543 -4.839  1.00 26.01 ? 2039 HOH B O   1 
HETATM 1241 O O   . HOH D 2 .  ? -1.297  -8.570  -7.355  1.00 33.14 ? 2040 HOH B O   1 
# 
